data_2H4B
#
_entry.id   2H4B
#
_cell.length_a   1.000
_cell.length_b   1.000
_cell.length_c   1.000
_cell.angle_alpha   90.00
_cell.angle_beta   90.00
_cell.angle_gamma   90.00
#
_symmetry.space_group_name_H-M   'P 1'
#
loop_
_entity.id
_entity.type
_entity.pdbx_description
1 polymer 'Pancreatic hormone'
2 polymer 'Pancreatic hormone'
3 non-polymer '(3-{(Z)-[3-(AMINOMETHYL)PHENYL]DIAZENYL}PHENYL)ACETIC ACID'
#
loop_
_entity_poly.entity_id
_entity_poly.type
_entity_poly.pdbx_seq_one_letter_code
_entity_poly.pdbx_strand_id
1 'polypeptide(L)' GPSQPTYPG A,B
2 'polypeptide(L)' PVEDLIRFYNDLQQYLNVVTRHRY(NH2) C,D
#
loop_
_chem_comp.id
_chem_comp.type
_chem_comp.name
_chem_comp.formula
NH2 non-polymer 'AMINO GROUP' 'H2 N'
ZAB non-polymer '(3-{(Z)-[3-(AMINOMETHYL)PHENYL]DIAZENYL}PHENYL)ACETIC ACID' 'C15 H15 N3 O2'
#
# COMPACT_ATOMS: atom_id res chain seq x y z
N GLY A 1 -12.12 13.80 6.58
CA GLY A 1 -13.11 12.87 6.07
C GLY A 1 -14.10 12.48 7.16
N PRO A 2 -14.11 11.22 7.62
CA PRO A 2 -15.01 10.73 8.66
C PRO A 2 -14.81 11.36 10.04
N SER A 3 -15.60 10.90 11.01
CA SER A 3 -15.54 11.36 12.39
C SER A 3 -14.21 10.91 13.01
N GLN A 4 -13.72 9.73 12.61
CA GLN A 4 -12.47 9.20 13.14
C GLN A 4 -11.27 10.07 12.75
N PRO A 5 -10.23 10.16 13.61
CA PRO A 5 -9.03 10.95 13.34
C PRO A 5 -8.15 10.22 12.31
N THR A 6 -6.97 10.78 12.03
CA THR A 6 -6.00 10.24 11.11
C THR A 6 -5.64 8.78 11.43
N TYR A 7 -5.48 7.97 10.39
CA TYR A 7 -5.10 6.57 10.45
C TYR A 7 -3.59 6.55 10.18
N PRO A 8 -2.84 5.49 10.51
CA PRO A 8 -1.40 5.43 10.26
C PRO A 8 -1.02 5.48 8.77
N GLY A 9 -1.98 5.35 7.86
CA GLY A 9 -1.71 5.37 6.44
C GLY A 9 -1.00 4.06 6.08
N PRO B 1 10.00 -1.17 7.43
CA PRO B 1 10.81 -1.22 6.21
C PRO B 1 10.05 -1.96 5.10
N VAL B 2 10.60 -1.94 3.89
CA VAL B 2 9.99 -2.61 2.72
C VAL B 2 9.71 -4.10 2.96
N GLU B 3 10.54 -4.78 3.76
CA GLU B 3 10.36 -6.19 4.05
C GLU B 3 9.10 -6.41 4.89
N ASP B 4 8.93 -5.60 5.93
CA ASP B 4 7.76 -5.67 6.81
C ASP B 4 6.52 -5.34 5.98
N LEU B 5 6.68 -4.47 4.98
CA LEU B 5 5.64 -4.03 4.05
C LEU B 5 5.16 -5.24 3.23
N ILE B 6 5.98 -6.27 3.01
CA ILE B 6 5.57 -7.45 2.25
C ILE B 6 4.44 -8.18 3.00
N ARG B 7 4.50 -8.19 4.33
CA ARG B 7 3.53 -8.84 5.21
C ARG B 7 2.44 -7.89 5.71
N PHE B 8 2.43 -6.66 5.22
CA PHE B 8 1.46 -5.65 5.60
C PHE B 8 0.62 -5.27 4.40
N TYR B 9 1.22 -5.05 3.22
CA TYR B 9 0.53 -4.70 1.99
C TYR B 9 -0.59 -5.67 1.65
N ASN B 10 -0.30 -6.97 1.78
CA ASN B 10 -1.24 -8.05 1.48
C ASN B 10 -2.50 -7.90 2.33
N ASP B 11 -2.34 -7.69 3.64
CA ASP B 11 -3.49 -7.51 4.55
C ASP B 11 -4.14 -6.13 4.35
N LEU B 12 -3.34 -5.09 4.07
CA LEU B 12 -3.73 -3.70 3.85
C LEU B 12 -4.75 -3.55 2.73
N GLN B 13 -4.86 -4.52 1.82
CA GLN B 13 -5.85 -4.48 0.75
C GLN B 13 -7.26 -4.43 1.38
N GLN B 14 -7.41 -5.04 2.56
CA GLN B 14 -8.63 -5.08 3.33
C GLN B 14 -8.86 -3.71 3.98
N TYR B 15 -7.81 -3.03 4.49
CA TYR B 15 -7.95 -1.71 5.10
C TYR B 15 -8.56 -0.74 4.08
N LEU B 16 -8.04 -0.72 2.83
CA LEU B 16 -8.58 0.16 1.80
C LEU B 16 -10.04 -0.18 1.49
N ASN B 17 -10.42 -1.46 1.64
CA ASN B 17 -11.79 -1.92 1.41
C ASN B 17 -12.67 -1.27 2.49
N VAL B 18 -12.23 -1.20 3.76
CA VAL B 18 -13.00 -0.57 4.83
C VAL B 18 -13.16 0.93 4.56
N VAL B 19 -12.07 1.62 4.22
CA VAL B 19 -12.05 3.06 3.93
C VAL B 19 -13.12 3.40 2.90
N THR B 20 -13.12 2.69 1.79
CA THR B 20 -14.07 2.90 0.70
C THR B 20 -15.38 2.14 0.90
N ARG B 21 -15.53 1.42 2.01
CA ARG B 21 -16.68 0.57 2.33
C ARG B 21 -16.99 -0.32 1.12
N HIS B 22 -15.94 -0.74 0.40
CA HIS B 22 -15.95 -1.55 -0.80
C HIS B 22 -16.87 -0.89 -1.84
N ARG B 23 -16.49 0.33 -2.29
CA ARG B 23 -17.20 1.16 -3.27
C ARG B 23 -16.22 1.74 -4.29
N TYR B 24 -15.19 0.98 -4.69
CA TYR B 24 -14.18 1.42 -5.66
C TYR B 24 -14.78 1.92 -6.97
N NH2 B 25 -15.93 1.41 -7.39
HN1 NH2 B 25 -16.41 0.68 -6.85
HN2 NH2 B 25 -16.30 1.74 -8.26
N GLY C 1 19.22 -2.05 2.41
CA GLY C 1 18.47 -2.00 1.15
C GLY C 1 19.39 -2.11 -0.05
N PRO C 2 18.93 -1.66 -1.24
CA PRO C 2 19.69 -1.72 -2.49
C PRO C 2 20.73 -0.58 -2.53
N SER C 3 21.45 -0.43 -3.64
CA SER C 3 22.44 0.64 -3.77
C SER C 3 21.69 1.98 -3.85
N GLN C 4 20.53 2.00 -4.52
CA GLN C 4 19.71 3.20 -4.67
C GLN C 4 19.24 3.71 -3.29
N PRO C 5 18.88 4.99 -3.18
CA PRO C 5 18.40 5.59 -1.94
C PRO C 5 16.97 5.14 -1.62
N THR C 6 16.39 5.77 -0.60
CA THR C 6 15.03 5.53 -0.13
C THR C 6 14.01 5.83 -1.23
N TYR C 7 12.75 5.46 -1.00
CA TYR C 7 11.62 5.65 -1.93
C TYR C 7 10.43 6.24 -1.17
N PRO C 8 9.40 6.72 -1.89
CA PRO C 8 8.18 7.30 -1.29
C PRO C 8 7.31 6.25 -0.59
N GLY C 9 7.66 4.96 -0.72
CA GLY C 9 6.95 3.85 -0.11
C GLY C 9 5.55 3.74 -0.68
N PRO D 1 -4.37 12.01 -0.42
CA PRO D 1 -5.53 11.62 0.37
C PRO D 1 -5.93 10.17 0.03
N VAL D 2 -6.84 9.59 0.82
CA VAL D 2 -7.32 8.22 0.59
C VAL D 2 -7.86 8.01 -0.82
N GLU D 3 -8.48 9.02 -1.42
CA GLU D 3 -9.04 8.96 -2.76
C GLU D 3 -7.97 8.66 -3.80
N ASP D 4 -6.86 9.39 -3.75
CA ASP D 4 -5.74 9.21 -4.66
C ASP D 4 -5.07 7.88 -4.33
N LEU D 5 -4.99 7.54 -3.03
CA LEU D 5 -4.40 6.29 -2.57
C LEU D 5 -5.12 5.12 -3.22
N ILE D 6 -6.44 5.16 -3.47
CA ILE D 6 -7.16 4.06 -4.12
C ILE D 6 -6.49 3.73 -5.47
N ARG D 7 -6.29 4.75 -6.29
CA ARG D 7 -5.68 4.64 -7.61
C ARG D 7 -4.26 4.13 -7.48
N PHE D 8 -3.45 4.89 -6.75
CA PHE D 8 -2.05 4.63 -6.48
C PHE D 8 -1.81 3.22 -5.96
N TYR D 9 -2.54 2.78 -4.94
CA TYR D 9 -2.45 1.47 -4.30
C TYR D 9 -2.48 0.32 -5.32
N ASN D 10 -3.46 0.35 -6.21
CA ASN D 10 -3.63 -0.70 -7.20
C ASN D 10 -2.43 -0.73 -8.15
N ASP D 11 -1.88 0.42 -8.53
CA ASP D 11 -0.73 0.52 -9.43
C ASP D 11 0.58 0.22 -8.66
N LEU D 12 0.59 0.47 -7.35
CA LEU D 12 1.69 0.25 -6.41
C LEU D 12 2.05 -1.24 -6.33
N GLN D 13 1.17 -2.12 -6.81
CA GLN D 13 1.42 -3.56 -6.83
C GLN D 13 2.77 -3.80 -7.52
N GLN D 14 3.05 -3.03 -8.59
CA GLN D 14 4.26 -3.11 -9.36
C GLN D 14 5.49 -2.68 -8.56
N TYR D 15 5.42 -1.60 -7.78
CA TYR D 15 6.53 -1.09 -6.97
C TYR D 15 7.03 -2.16 -6.01
N LEU D 16 6.13 -2.77 -5.23
CA LEU D 16 6.51 -3.82 -4.28
C LEU D 16 7.16 -4.97 -5.05
N ASN D 17 6.63 -5.23 -6.26
CA ASN D 17 7.14 -6.26 -7.16
C ASN D 17 8.57 -5.91 -7.55
N VAL D 18 8.92 -4.63 -7.84
CA VAL D 18 10.29 -4.25 -8.21
C VAL D 18 11.22 -4.43 -7.02
N VAL D 19 10.87 -3.86 -5.86
CA VAL D 19 11.66 -3.90 -4.64
C VAL D 19 12.15 -5.30 -4.28
N THR D 20 11.34 -6.32 -4.53
CA THR D 20 11.65 -7.72 -4.22
C THR D 20 11.74 -8.60 -5.48
N ARG D 21 11.70 -8.01 -6.68
CA ARG D 21 11.73 -8.69 -7.97
C ARG D 21 10.70 -9.82 -8.01
N HIS D 22 9.52 -9.59 -7.43
CA HIS D 22 8.38 -10.51 -7.34
C HIS D 22 8.70 -11.76 -6.48
N ARG D 23 9.82 -11.80 -5.75
CA ARG D 23 10.23 -12.92 -4.92
C ARG D 23 9.52 -12.90 -3.57
N TYR D 24 8.21 -12.70 -3.57
CA TYR D 24 7.41 -12.66 -2.36
C TYR D 24 7.50 -13.99 -1.61
N NH2 D 25 7.56 -15.11 -2.32
HN1 NH2 D 25 7.42 -15.10 -3.33
HN2 NH2 D 25 7.60 -16.01 -1.86
N ZAB E . -0.54 3.93 4.83
CA ZAB E . 0.16 2.74 4.32
CB ZAB E . 1.64 2.76 4.61
CG2 ZAB E . 2.58 2.52 3.59
CD2 ZAB E . 3.95 2.59 3.86
CE ZAB E . 4.40 2.91 5.15
CD1 ZAB E . 3.46 3.13 6.18
CG1 ZAB E . 2.09 3.00 5.92
NG ZAB E . 3.89 3.44 7.45
NI ZAB E . 4.43 2.68 8.36
CI ZAB E . 4.74 1.34 8.31
CJ2 ZAB E . 3.79 0.40 7.86
CK2 ZAB E . 4.17 -0.93 7.70
CL ZAB E . 5.49 -1.33 7.94
CK1 ZAB E . 6.44 -0.39 8.43
CJ1 ZAB E . 6.04 0.93 8.65
CM ZAB E . 7.88 -0.78 8.68
C ZAB E . 8.82 -0.53 7.49
O ZAB E . 8.47 0.25 6.59
HN2 ZAB E . -0.66 4.72 4.21
HA2 ZAB E . -0.26 1.85 4.77
HA3 ZAB E . 0.00 2.66 3.24
HG2 ZAB E . 2.25 2.28 2.60
HD2 ZAB E . 4.67 2.39 3.08
HE ZAB E . 5.47 2.97 5.36
HG1 ZAB E . 1.38 3.06 6.73
HJ2 ZAB E . 2.79 0.71 7.63
HK2 ZAB E . 3.45 -1.66 7.36
HL ZAB E . 5.76 -2.36 7.74
HJ1 ZAB E . 6.74 1.66 9.02
HM2 ZAB E . 8.24 -0.21 9.53
HM3 ZAB E . 7.89 -1.84 8.94
N ZAB F . 4.58 3.61 0.22
CA ZAB F . 3.17 3.50 -0.07
CB ZAB F . 2.43 4.73 0.43
CG2 ZAB F . 1.28 4.59 1.23
CD2 ZAB F . 0.66 5.73 1.76
CE ZAB F . 1.15 7.02 1.46
CD1 ZAB F . 2.26 7.15 0.61
CG1 ZAB F . 2.90 6.02 0.10
NG ZAB F . 2.73 8.39 0.27
NI ZAB F . 2.18 9.32 -0.43
CI ZAB F . 0.96 9.35 -1.07
CJ2 ZAB F . 0.54 8.33 -1.93
CK2 ZAB F . -0.71 8.41 -2.57
CL ZAB F . -1.55 9.52 -2.33
CK1 ZAB F . -1.12 10.56 -1.47
CJ1 ZAB F . 0.14 10.46 -0.84
CM ZAB F . -2.03 11.74 -1.21
C ZAB F . -3.18 11.43 -0.25
O ZAB F . -2.98 10.62 0.67
HN2 ZAB F . 4.83 3.70 1.20
HA2 ZAB F . 2.99 3.42 -1.14
HA3 ZAB F . 2.75 2.61 0.42
HG2 ZAB F . 0.88 3.61 1.43
HD2 ZAB F . -0.21 5.62 2.38
HE ZAB F . 0.67 7.89 1.88
HG1 ZAB F . 3.75 6.18 -0.56
HJ2 ZAB F . 1.18 7.47 -2.11
HK2 ZAB F . -1.04 7.64 -3.25
HL ZAB F . -2.51 9.56 -2.81
HJ1 ZAB F . 0.50 11.22 -0.15
HM2 ZAB F . -1.43 12.55 -0.80
HM3 ZAB F . -2.41 12.06 -2.18
N GLY A 1 -17.63 2.91 13.89
CA GLY A 1 -16.31 2.42 13.46
C GLY A 1 -15.24 3.40 13.92
N PRO A 2 -14.60 4.15 13.01
CA PRO A 2 -13.57 5.12 13.36
C PRO A 2 -14.14 6.28 14.17
N SER A 3 -13.26 7.14 14.67
CA SER A 3 -13.67 8.31 15.45
C SER A 3 -12.72 9.50 15.32
N GLN A 4 -11.45 9.27 14.98
CA GLN A 4 -10.41 10.28 14.84
C GLN A 4 -9.54 9.89 13.62
N PRO A 5 -8.59 10.71 13.13
CA PRO A 5 -7.73 10.39 11.98
C PRO A 5 -6.57 9.46 12.38
N THR A 6 -6.87 8.49 13.23
CA THR A 6 -6.02 7.47 13.82
C THR A 6 -5.53 6.40 12.83
N TYR A 7 -5.83 6.53 11.55
CA TYR A 7 -5.40 5.55 10.55
C TYR A 7 -3.88 5.70 10.32
N PRO A 8 -3.20 4.64 9.86
CA PRO A 8 -1.76 4.69 9.63
C PRO A 8 -1.37 5.61 8.46
N GLY A 9 -2.30 5.93 7.56
CA GLY A 9 -2.09 6.79 6.41
C GLY A 9 -1.37 6.04 5.30
N PRO B 1 9.48 -0.98 7.26
CA PRO B 1 10.31 -0.90 6.06
C PRO B 1 9.73 -1.83 4.99
N VAL B 2 10.24 -1.73 3.75
CA VAL B 2 9.79 -2.52 2.60
C VAL B 2 9.64 -4.02 2.88
N GLU B 3 10.55 -4.65 3.62
CA GLU B 3 10.47 -6.08 3.91
C GLU B 3 9.18 -6.40 4.66
N ASP B 4 8.86 -5.63 5.70
CA ASP B 4 7.64 -5.86 6.47
C ASP B 4 6.43 -5.39 5.67
N LEU B 5 6.62 -4.33 4.89
CA LEU B 5 5.61 -3.73 4.04
C LEU B 5 5.08 -4.73 3.02
N ILE B 6 5.86 -5.71 2.57
CA ILE B 6 5.43 -6.73 1.61
C ILE B 6 4.28 -7.53 2.22
N ARG B 7 4.48 -8.01 3.45
CA ARG B 7 3.51 -8.81 4.20
C ARG B 7 2.30 -7.95 4.53
N PHE B 8 2.55 -6.81 5.17
CA PHE B 8 1.56 -5.83 5.57
C PHE B 8 0.69 -5.45 4.39
N TYR B 9 1.27 -5.15 3.22
CA TYR B 9 0.57 -4.76 2.00
C TYR B 9 -0.52 -5.76 1.62
N ASN B 10 -0.29 -7.07 1.78
CA ASN B 10 -1.30 -8.04 1.42
C ASN B 10 -2.52 -7.90 2.32
N ASP B 11 -2.30 -7.88 3.64
CA ASP B 11 -3.37 -7.74 4.64
C ASP B 11 -4.03 -6.36 4.59
N LEU B 12 -3.26 -5.32 4.23
CA LEU B 12 -3.64 -3.93 4.12
C LEU B 12 -4.74 -3.72 3.08
N GLN B 13 -5.00 -4.67 2.18
CA GLN B 13 -6.05 -4.53 1.17
C GLN B 13 -7.39 -4.22 1.87
N GLN B 14 -7.60 -4.77 3.07
CA GLN B 14 -8.82 -4.54 3.82
C GLN B 14 -8.96 -3.08 4.26
N TYR B 15 -7.88 -2.36 4.57
CA TYR B 15 -7.91 -0.98 5.01
C TYR B 15 -8.73 -0.09 4.07
N LEU B 16 -8.26 0.09 2.83
CA LEU B 16 -8.98 0.93 1.87
C LEU B 16 -10.36 0.34 1.56
N ASN B 17 -10.49 -1.00 1.63
CA ASN B 17 -11.77 -1.68 1.40
C ASN B 17 -12.77 -1.24 2.47
N VAL B 18 -12.36 -0.98 3.71
CA VAL B 18 -13.23 -0.51 4.78
C VAL B 18 -13.54 0.97 4.53
N VAL B 19 -12.53 1.80 4.23
CA VAL B 19 -12.63 3.25 3.98
C VAL B 19 -13.65 3.62 2.90
N THR B 20 -13.93 2.72 1.95
CA THR B 20 -14.88 2.95 0.87
C THR B 20 -15.87 1.80 0.72
N ARG B 21 -15.99 0.93 1.72
CA ARG B 21 -16.87 -0.23 1.73
C ARG B 21 -16.84 -0.96 0.37
N HIS B 22 -15.62 -1.23 -0.09
CA HIS B 22 -15.23 -1.93 -1.32
C HIS B 22 -15.72 -1.30 -2.64
N ARG B 23 -16.15 -0.03 -2.64
CA ARG B 23 -16.65 0.63 -3.86
C ARG B 23 -15.59 0.80 -4.97
N TYR B 24 -14.29 0.65 -4.70
CA TYR B 24 -13.27 0.82 -5.73
C TYR B 24 -12.95 -0.49 -6.46
N NH2 B 25 -13.51 -1.62 -6.02
HN1 NH2 B 25 -14.10 -1.66 -5.20
HN2 NH2 B 25 -13.21 -2.50 -6.45
N GLY C 1 20.38 0.25 -12.29
CA GLY C 1 19.02 0.24 -11.74
C GLY C 1 18.76 1.56 -11.02
N PRO C 2 18.25 1.56 -9.78
CA PRO C 2 17.97 2.78 -9.04
C PRO C 2 19.26 3.54 -8.71
N SER C 3 19.14 4.75 -8.16
CA SER C 3 20.26 5.61 -7.80
C SER C 3 20.15 5.95 -6.31
N GLN C 4 19.13 6.68 -5.89
CA GLN C 4 18.94 7.07 -4.48
C GLN C 4 17.56 6.66 -4.00
N PRO C 5 17.30 6.60 -2.68
CA PRO C 5 16.00 6.25 -2.13
C PRO C 5 15.07 7.40 -2.53
N THR C 6 14.26 7.18 -3.56
CA THR C 6 13.34 8.17 -4.10
C THR C 6 12.04 7.45 -4.46
N TYR C 7 11.42 6.83 -3.47
CA TYR C 7 10.18 6.07 -3.58
C TYR C 7 9.13 6.67 -2.65
N PRO C 8 7.84 6.41 -2.91
CA PRO C 8 6.76 6.93 -2.07
C PRO C 8 6.75 6.32 -0.66
N GLY C 9 7.38 5.17 -0.45
CA GLY C 9 7.43 4.50 0.84
C GLY C 9 6.16 3.66 1.01
N PRO D 1 -4.13 12.58 -1.15
CA PRO D 1 -5.36 12.36 -0.43
C PRO D 1 -5.70 10.86 -0.43
N VAL D 2 -6.47 10.36 0.55
CA VAL D 2 -6.82 8.94 0.60
C VAL D 2 -7.62 8.54 -0.64
N GLU D 3 -8.33 9.48 -1.26
CA GLU D 3 -9.10 9.23 -2.46
C GLU D 3 -8.16 8.85 -3.61
N ASP D 4 -7.01 9.52 -3.71
CA ASP D 4 -5.99 9.26 -4.74
C ASP D 4 -5.25 7.98 -4.37
N LEU D 5 -5.08 7.75 -3.06
CA LEU D 5 -4.40 6.58 -2.53
C LEU D 5 -5.09 5.30 -3.01
N ILE D 6 -6.41 5.30 -3.20
CA ILE D 6 -7.18 4.16 -3.68
C ILE D 6 -6.67 3.66 -5.03
N ARG D 7 -6.34 4.59 -5.93
CA ARG D 7 -5.85 4.26 -7.27
C ARG D 7 -4.37 3.94 -7.18
N PHE D 8 -3.60 4.73 -6.45
CA PHE D 8 -2.18 4.53 -6.24
C PHE D 8 -1.92 3.13 -5.69
N TYR D 9 -2.74 2.66 -4.74
CA TYR D 9 -2.67 1.37 -4.07
C TYR D 9 -2.66 0.18 -5.04
N ASN D 10 -3.36 0.31 -6.16
CA ASN D 10 -3.44 -0.77 -7.14
C ASN D 10 -2.19 -0.80 -8.00
N ASP D 11 -1.76 0.37 -8.50
CA ASP D 11 -0.58 0.51 -9.34
C ASP D 11 0.69 0.16 -8.55
N LEU D 12 0.71 0.53 -7.27
CA LEU D 12 1.75 0.37 -6.25
C LEU D 12 2.27 -1.06 -6.14
N GLN D 13 1.42 -2.06 -6.37
CA GLN D 13 1.80 -3.48 -6.31
C GLN D 13 3.04 -3.73 -7.18
N GLN D 14 3.16 -3.00 -8.29
CA GLN D 14 4.27 -3.07 -9.23
C GLN D 14 5.57 -2.64 -8.55
N TYR D 15 5.58 -1.51 -7.82
CA TYR D 15 6.79 -1.02 -7.14
C TYR D 15 7.30 -2.09 -6.18
N LEU D 16 6.42 -2.63 -5.33
CA LEU D 16 6.84 -3.68 -4.39
C LEU D 16 7.42 -4.84 -5.17
N ASN D 17 6.83 -5.19 -6.31
CA ASN D 17 7.35 -6.28 -7.12
C ASN D 17 8.72 -5.96 -7.70
N VAL D 18 9.02 -4.72 -8.08
CA VAL D 18 10.33 -4.35 -8.62
C VAL D 18 11.41 -4.56 -7.57
N VAL D 19 11.22 -4.10 -6.32
CA VAL D 19 12.21 -4.22 -5.26
C VAL D 19 12.66 -5.67 -5.07
N THR D 20 11.82 -6.55 -4.53
CA THR D 20 12.16 -7.95 -4.30
C THR D 20 12.03 -8.81 -5.55
N ARG D 21 11.93 -8.23 -6.75
CA ARG D 21 11.77 -8.93 -8.02
C ARG D 21 10.72 -10.04 -7.86
N HIS D 22 9.59 -9.66 -7.27
CA HIS D 22 8.42 -10.49 -6.98
C HIS D 22 8.78 -11.80 -6.29
N ARG D 23 9.79 -11.84 -5.40
CA ARG D 23 10.18 -13.07 -4.71
C ARG D 23 8.97 -13.69 -4.00
N TYR D 24 8.21 -12.86 -3.31
CA TYR D 24 7.01 -13.22 -2.56
C TYR D 24 5.84 -13.60 -3.48
N NH2 D 25 5.99 -13.61 -4.80
HN1 NH2 D 25 6.86 -13.36 -5.25
HN2 NH2 D 25 5.25 -13.96 -5.41
N ZAB E . -0.12 5.64 5.55
CA ZAB E . 0.73 4.92 4.64
CB ZAB E . 1.90 4.25 5.32
CG2 ZAB E . 3.12 4.09 4.61
CD2 ZAB E . 4.22 3.46 5.22
CE ZAB E . 4.13 3.02 6.55
CD1 ZAB E . 2.94 3.20 7.27
CG1 ZAB E . 1.82 3.79 6.65
NG ZAB E . 2.86 2.89 8.62
NI ZAB E . 3.26 1.87 9.30
CI ZAB E . 3.90 0.69 8.95
CJ2 ZAB E . 3.12 -0.45 8.72
CK2 ZAB E . 3.75 -1.67 8.36
CL ZAB E . 5.14 -1.74 8.27
CK1 ZAB E . 5.93 -0.61 8.55
CJ1 ZAB E . 5.30 0.62 8.88
CM ZAB E . 7.44 -0.75 8.61
C ZAB E . 8.23 -0.51 7.32
O ZAB E . 7.74 0.18 6.43
HN2 ZAB E . 0.26 5.91 6.45
HA2 ZAB E . 0.15 4.15 4.12
HA3 ZAB E . 1.13 5.63 3.92
HG2 ZAB E . 3.22 4.48 3.62
HD2 ZAB E . 5.15 3.35 4.68
HE ZAB E . 5.00 2.58 7.01
HG1 ZAB E . 0.90 3.90 7.19
HJ2 ZAB E . 2.05 -0.41 8.80
HK2 ZAB E . 3.15 -2.55 8.21
HL ZAB E . 5.59 -2.69 8.02
HJ1 ZAB E . 5.89 1.50 9.09
HM2 ZAB E . 7.81 -0.06 9.37
HM3 ZAB E . 7.63 -1.76 8.96
N ZAB F . 5.01 4.32 0.88
CA ZAB F . 3.65 3.80 0.95
CB ZAB F . 2.64 4.95 0.88
CG2 ZAB F . 1.36 4.82 1.42
CD2 ZAB F . 0.50 5.94 1.47
CE ZAB F . 0.90 7.19 0.95
CD1 ZAB F . 2.17 7.29 0.36
CG1 ZAB F . 3.01 6.19 0.31
NG ZAB F . 2.70 8.46 -0.17
NI ZAB F . 2.22 9.36 -0.93
CI ZAB F . 0.98 9.49 -1.51
CJ2 ZAB F . 0.40 8.44 -2.25
CK2 ZAB F . -0.91 8.60 -2.75
CL ZAB F . -1.62 9.78 -2.49
CK1 ZAB F . -1.01 10.84 -1.79
CJ1 ZAB F . 0.30 10.68 -1.30
CM ZAB F . -1.71 12.17 -1.60
C ZAB F . -2.95 12.08 -0.71
O ZAB F . -2.86 11.55 0.41
HN2 ZAB F . 5.10 5.33 0.88
HA2 ZAB F . 3.45 3.15 0.10
HA3 ZAB F . 3.50 3.24 1.87
HG2 ZAB F . 1.02 3.88 1.82
HD2 ZAB F . -0.48 5.85 1.91
HE ZAB F . 0.25 8.05 1.00
HG1 ZAB F . 3.95 6.37 -0.17
HJ2 ZAB F . 0.93 7.52 -2.41
HK2 ZAB F . -1.36 7.82 -3.34
HL ZAB F . -2.64 9.84 -2.86
HJ1 ZAB F . 0.81 11.45 -0.75
HM2 ZAB F . -1.02 12.87 -1.14
HM3 ZAB F . -1.95 12.54 -2.59
N GLY A 1 -21.61 4.38 11.82
CA GLY A 1 -20.50 5.15 11.26
C GLY A 1 -19.42 5.31 12.31
N PRO A 2 -18.12 5.15 11.96
CA PRO A 2 -17.03 5.30 12.92
C PRO A 2 -16.84 6.77 13.28
N SER A 3 -16.13 7.04 14.39
CA SER A 3 -15.86 8.39 14.86
C SER A 3 -14.44 8.75 14.41
N GLN A 4 -13.44 8.01 14.87
CA GLN A 4 -12.04 8.25 14.55
C GLN A 4 -11.33 6.89 14.47
N PRO A 5 -11.43 6.17 13.34
CA PRO A 5 -10.79 4.89 13.18
C PRO A 5 -9.27 5.06 13.19
N THR A 6 -8.58 4.06 13.71
CA THR A 6 -7.13 4.04 13.82
C THR A 6 -6.53 3.62 12.48
N TYR A 7 -6.35 4.59 11.60
CA TYR A 7 -5.79 4.42 10.28
C TYR A 7 -4.54 5.29 10.11
N PRO A 8 -3.39 4.84 10.63
CA PRO A 8 -2.11 5.57 10.56
C PRO A 8 -1.48 5.67 9.17
N GLY A 9 -1.91 4.86 8.21
CA GLY A 9 -1.39 4.83 6.86
C GLY A 9 -0.79 3.44 6.61
N PRO B 1 10.82 -2.23 7.39
CA PRO B 1 11.71 -2.85 6.43
C PRO B 1 10.90 -3.52 5.31
N VAL B 2 11.49 -3.67 4.12
CA VAL B 2 10.78 -4.29 3.00
C VAL B 2 10.39 -5.74 3.35
N GLU B 3 11.27 -6.46 4.05
CA GLU B 3 11.07 -7.85 4.46
C GLU B 3 9.79 -8.02 5.30
N ASP B 4 9.31 -6.95 5.95
CA ASP B 4 8.09 -6.99 6.75
C ASP B 4 6.96 -6.31 5.98
N LEU B 5 7.26 -5.25 5.21
CA LEU B 5 6.29 -4.52 4.40
C LEU B 5 5.62 -5.50 3.42
N ILE B 6 6.35 -6.49 2.89
CA ILE B 6 5.84 -7.50 1.97
C ILE B 6 4.67 -8.28 2.63
N ARG B 7 4.82 -8.56 3.93
CA ARG B 7 3.86 -9.32 4.73
C ARG B 7 2.97 -8.44 5.60
N PHE B 8 2.87 -7.16 5.26
CA PHE B 8 2.06 -6.16 5.93
C PHE B 8 1.14 -5.56 4.85
N TYR B 9 1.70 -5.21 3.69
CA TYR B 9 1.03 -4.65 2.52
C TYR B 9 -0.12 -5.55 2.05
N ASN B 10 -0.01 -6.86 2.22
CA ASN B 10 -1.05 -7.79 1.81
C ASN B 10 -2.28 -7.52 2.67
N ASP B 11 -2.15 -7.62 3.99
CA ASP B 11 -3.27 -7.35 4.90
C ASP B 11 -3.68 -5.86 4.88
N LEU B 12 -2.77 -4.95 4.51
CA LEU B 12 -2.99 -3.51 4.42
C LEU B 12 -4.09 -3.18 3.42
N GLN B 13 -4.44 -4.11 2.52
CA GLN B 13 -5.49 -3.96 1.53
C GLN B 13 -6.82 -3.54 2.19
N GLN B 14 -7.02 -3.96 3.45
CA GLN B 14 -8.18 -3.68 4.29
C GLN B 14 -8.37 -2.19 4.55
N TYR B 15 -7.30 -1.39 4.49
CA TYR B 15 -7.28 0.05 4.70
C TYR B 15 -8.18 0.75 3.67
N LEU B 16 -8.26 0.20 2.45
CA LEU B 16 -9.09 0.74 1.38
C LEU B 16 -10.36 -0.09 1.25
N ASN B 17 -10.28 -1.39 1.52
CA ASN B 17 -11.38 -2.33 1.46
C ASN B 17 -12.58 -1.92 2.30
N VAL B 18 -12.36 -1.69 3.59
CA VAL B 18 -13.39 -1.30 4.53
C VAL B 18 -13.91 0.10 4.21
N VAL B 19 -13.00 1.06 4.04
CA VAL B 19 -13.33 2.46 3.76
C VAL B 19 -14.25 2.62 2.54
N THR B 20 -14.13 1.77 1.52
CA THR B 20 -14.96 1.86 0.31
C THR B 20 -15.84 0.65 0.07
N ARG B 21 -15.99 -0.28 1.04
CA ARG B 21 -16.78 -1.52 0.88
C ARG B 21 -16.33 -2.20 -0.43
N HIS B 22 -15.04 -2.12 -0.75
CA HIS B 22 -14.39 -2.66 -1.93
C HIS B 22 -15.19 -2.37 -3.21
N ARG B 23 -15.57 -1.10 -3.41
CA ARG B 23 -16.32 -0.65 -4.57
C ARG B 23 -15.43 -0.59 -5.83
N TYR B 24 -14.12 -0.82 -5.69
CA TYR B 24 -13.14 -0.82 -6.75
C TYR B 24 -12.59 -2.24 -6.89
N NH2 B 25 -11.86 -2.54 -7.95
HN1 NH2 B 25 -11.61 -1.84 -8.64
HN2 NH2 B 25 -11.70 -3.53 -8.13
N GLY C 1 24.48 -2.12 -10.54
CA GLY C 1 23.08 -2.08 -10.15
C GLY C 1 22.69 -0.66 -9.74
N PRO C 2 21.45 -0.43 -9.30
CA PRO C 2 21.00 0.88 -8.85
C PRO C 2 21.80 1.33 -7.62
N SER C 3 21.68 2.60 -7.25
CA SER C 3 22.37 3.22 -6.12
C SER C 3 21.40 4.05 -5.28
N GLN C 4 20.39 4.66 -5.92
CA GLN C 4 19.37 5.47 -5.27
C GLN C 4 18.05 5.09 -5.96
N PRO C 5 17.49 3.89 -5.72
CA PRO C 5 16.24 3.46 -6.31
C PRO C 5 15.17 4.31 -5.63
N THR C 6 14.68 5.32 -6.34
CA THR C 6 13.67 6.27 -5.87
C THR C 6 12.41 5.50 -5.48
N TYR C 7 12.16 5.45 -4.17
CA TYR C 7 11.03 4.81 -3.52
C TYR C 7 10.66 5.65 -2.30
N PRO C 8 10.05 6.84 -2.51
CA PRO C 8 9.65 7.75 -1.45
C PRO C 8 8.79 7.09 -0.38
N GLY C 9 7.76 6.35 -0.80
CA GLY C 9 6.81 5.65 0.04
C GLY C 9 5.44 5.72 -0.62
N PRO D 1 -5.31 12.32 -0.48
CA PRO D 1 -6.73 12.07 -0.29
C PRO D 1 -7.09 10.63 -0.67
N VAL D 2 -8.10 10.07 0.01
CA VAL D 2 -8.59 8.71 -0.17
C VAL D 2 -8.88 8.38 -1.64
N GLU D 3 -9.50 9.31 -2.37
CA GLU D 3 -9.85 9.11 -3.76
C GLU D 3 -8.61 8.88 -4.65
N ASP D 4 -7.57 9.71 -4.52
CA ASP D 4 -6.35 9.57 -5.31
C ASP D 4 -5.65 8.27 -4.89
N LEU D 5 -5.58 8.04 -3.57
CA LEU D 5 -4.95 6.86 -2.97
C LEU D 5 -5.52 5.56 -3.55
N ILE D 6 -6.80 5.47 -3.93
CA ILE D 6 -7.37 4.25 -4.50
C ILE D 6 -6.73 3.94 -5.86
N ARG D 7 -6.59 4.94 -6.73
CA ARG D 7 -5.99 4.76 -8.05
C ARG D 7 -4.53 4.44 -7.88
N PHE D 8 -3.88 5.21 -7.02
CA PHE D 8 -2.47 5.10 -6.68
C PHE D 8 -2.16 3.73 -6.09
N TYR D 9 -2.97 3.20 -5.17
CA TYR D 9 -2.77 1.91 -4.51
C TYR D 9 -2.71 0.76 -5.51
N ASN D 10 -3.40 0.89 -6.64
CA ASN D 10 -3.39 -0.14 -7.67
C ASN D 10 -2.00 -0.15 -8.27
N ASP D 11 -1.53 1.02 -8.69
CA ASP D 11 -0.21 1.24 -9.30
C ASP D 11 0.94 0.98 -8.34
N LEU D 12 0.76 1.27 -7.05
CA LEU D 12 1.69 1.10 -5.94
C LEU D 12 2.17 -0.34 -5.87
N GLN D 13 1.39 -1.29 -6.39
CA GLN D 13 1.74 -2.70 -6.42
C GLN D 13 3.15 -2.89 -7.00
N GLN D 14 3.55 -2.06 -7.98
CA GLN D 14 4.86 -2.15 -8.60
C GLN D 14 6.02 -1.93 -7.63
N TYR D 15 5.82 -1.20 -6.52
CA TYR D 15 6.83 -0.92 -5.51
C TYR D 15 7.42 -2.22 -4.99
N LEU D 16 6.63 -3.00 -4.25
CA LEU D 16 7.08 -4.27 -3.69
C LEU D 16 7.30 -5.31 -4.78
N ASN D 17 6.49 -5.29 -5.83
CA ASN D 17 6.56 -6.23 -6.95
C ASN D 17 7.94 -6.20 -7.60
N VAL D 18 8.42 -5.06 -8.11
CA VAL D 18 9.72 -4.95 -8.77
C VAL D 18 10.86 -5.29 -7.80
N VAL D 19 10.80 -4.80 -6.55
CA VAL D 19 11.84 -5.05 -5.55
C VAL D 19 12.06 -6.56 -5.33
N THR D 20 11.00 -7.35 -5.28
CA THR D 20 11.06 -8.79 -5.03
C THR D 20 10.78 -9.65 -6.27
N ARG D 21 10.73 -9.08 -7.47
CA ARG D 21 10.40 -9.79 -8.72
C ARG D 21 9.08 -10.57 -8.52
N HIS D 22 8.20 -10.03 -7.68
CA HIS D 22 6.90 -10.55 -7.28
C HIS D 22 6.98 -11.97 -6.69
N ARG D 23 8.05 -12.29 -5.95
CA ARG D 23 8.19 -13.60 -5.33
C ARG D 23 7.07 -13.86 -4.31
N TYR D 24 6.62 -12.81 -3.62
CA TYR D 24 5.54 -12.90 -2.64
C TYR D 24 4.22 -13.27 -3.30
N NH2 D 25 3.21 -13.60 -2.52
HN1 NH2 D 25 3.33 -13.62 -1.50
HN2 NH2 D 25 2.27 -13.70 -2.88
N ZAB E . 0.07 3.35 5.59
CA ZAB E . 0.75 2.13 5.19
CB ZAB E . 2.18 2.13 5.71
CG2 ZAB E . 3.25 2.32 4.82
CD2 ZAB E . 4.57 2.27 5.32
CE ZAB E . 4.81 2.03 6.69
CD1 ZAB E . 3.72 1.86 7.56
CG1 ZAB E . 2.41 1.95 7.08
NG ZAB E . 3.93 1.60 8.91
NI ZAB E . 4.68 0.74 9.52
CI ZAB E . 5.55 -0.22 9.01
CJ2 ZAB E . 5.06 -1.49 8.65
CK2 ZAB E . 5.95 -2.46 8.15
CL ZAB E . 7.31 -2.14 7.97
CK1 ZAB E . 7.80 -0.86 8.33
CJ1 ZAB E . 6.90 0.09 8.86
CM ZAB E . 9.26 -0.48 8.21
C ZAB E . 10.07 -1.15 7.09
O ZAB E . 10.08 -0.64 5.96
HN2 ZAB E . 0.29 4.19 5.07
HA2 ZAB E . 0.24 1.25 5.60
HA3 ZAB E . 0.77 2.06 4.11
HG2 ZAB E . 3.08 2.48 3.77
HD2 ZAB E . 5.39 2.41 4.64
HE ZAB E . 5.82 1.98 7.04
HG1 ZAB E . 1.57 1.80 7.76
HJ2 ZAB E . 4.01 -1.74 8.77
HK2 ZAB E . 5.58 -3.44 7.89
HL ZAB E . 7.96 -2.91 7.58
HJ1 ZAB E . 7.26 1.08 9.15
HM2 ZAB E . 9.30 0.60 8.04
HM3 ZAB E . 9.72 -0.66 9.17
N ZAB F . 4.43 5.17 0.04
CA ZAB F . 3.05 5.15 -0.44
CB ZAB F . 2.33 6.46 -0.15
CG2 ZAB F . 1.40 6.54 0.89
CD2 ZAB F . 0.71 7.75 1.15
CE ZAB F . 0.97 8.88 0.37
CD1 ZAB F . 1.90 8.81 -0.68
CG1 ZAB F . 2.57 7.60 -0.94
NG ZAB F . 2.14 9.88 -1.53
NI ZAB F . 1.34 10.68 -2.17
CI ZAB F . -0.04 10.73 -2.23
CJ2 ZAB F . -0.72 10.09 -3.27
CK2 ZAB F . -2.13 10.05 -3.26
CL ZAB F . -2.85 10.66 -2.22
CK1 ZAB F . -2.16 11.32 -1.19
CJ1 ZAB F . -0.76 11.37 -1.20
CM ZAB F . -2.89 12.02 -0.05
C ZAB F . -4.36 11.63 0.18
O ZAB F . -4.63 10.74 0.98
HN2 ZAB F . 4.63 4.67 0.89
HA2 ZAB F . 3.04 4.98 -1.51
HA3 ZAB F . 2.50 4.34 0.05
HG2 ZAB F . 1.19 5.67 1.49
HD2 ZAB F . -0.03 7.79 1.93
HE ZAB F . 0.42 9.79 0.58
HG1 ZAB F . 3.23 7.56 -1.78
HJ2 ZAB F . -0.18 9.57 -4.06
HK2 ZAB F . -2.64 9.50 -4.04
HL ZAB F . -3.93 10.58 -2.22
HJ1 ZAB F . -0.21 11.86 -0.42
HM2 ZAB F . -2.35 11.79 0.87
HM3 ZAB F . -2.81 13.09 -0.22
N GLY A 1 -12.47 0.83 13.88
CA GLY A 1 -11.04 0.98 13.56
C GLY A 1 -10.48 2.17 14.29
N PRO A 2 -10.26 3.31 13.61
CA PRO A 2 -9.75 4.53 14.23
C PRO A 2 -10.85 5.17 15.11
N SER A 3 -10.51 6.27 15.77
CA SER A 3 -11.41 7.00 16.63
C SER A 3 -11.90 8.17 15.76
N GLN A 4 -11.01 9.13 15.48
CA GLN A 4 -11.33 10.28 14.66
C GLN A 4 -11.30 9.85 13.17
N PRO A 5 -11.92 10.59 12.25
CA PRO A 5 -11.95 10.24 10.84
C PRO A 5 -10.62 10.66 10.19
N THR A 6 -9.63 9.79 10.27
CA THR A 6 -8.31 10.04 9.71
C THR A 6 -7.77 8.73 9.15
N TYR A 7 -7.28 8.76 7.90
CA TYR A 7 -6.70 7.64 7.18
C TYR A 7 -5.50 8.19 6.41
N PRO A 8 -4.31 8.26 7.04
CA PRO A 8 -3.08 8.75 6.42
C PRO A 8 -2.46 7.75 5.42
N GLY A 9 -3.12 6.61 5.18
CA GLY A 9 -2.70 5.53 4.31
C GLY A 9 -2.44 4.35 5.22
N PRO B 1 9.84 -0.85 7.60
CA PRO B 1 10.78 -1.72 6.90
C PRO B 1 10.05 -2.48 5.78
N VAL B 2 10.69 -2.65 4.62
CA VAL B 2 10.08 -3.35 3.49
C VAL B 2 9.65 -4.77 3.85
N GLU B 3 10.44 -5.49 4.65
CA GLU B 3 10.14 -6.86 5.05
C GLU B 3 8.73 -7.01 5.61
N ASP B 4 8.33 -6.08 6.47
CA ASP B 4 7.02 -6.07 7.08
C ASP B 4 6.02 -5.53 6.08
N LEU B 5 6.37 -4.43 5.40
CA LEU B 5 5.54 -3.75 4.41
C LEU B 5 5.06 -4.67 3.29
N ILE B 6 5.84 -5.68 2.91
CA ILE B 6 5.50 -6.63 1.86
C ILE B 6 4.31 -7.47 2.34
N ARG B 7 4.40 -8.05 3.53
CA ARG B 7 3.36 -8.87 4.14
C ARG B 7 2.13 -8.01 4.38
N PHE B 8 2.36 -6.85 5.00
CA PHE B 8 1.35 -5.87 5.34
C PHE B 8 0.60 -5.37 4.10
N TYR B 9 1.25 -5.17 2.96
CA TYR B 9 0.60 -4.70 1.74
C TYR B 9 -0.55 -5.62 1.30
N ASN B 10 -0.37 -6.93 1.53
CA ASN B 10 -1.36 -7.95 1.21
C ASN B 10 -2.55 -7.76 2.15
N ASP B 11 -2.28 -7.72 3.46
CA ASP B 11 -3.30 -7.53 4.51
C ASP B 11 -4.03 -6.19 4.35
N LEU B 12 -3.34 -5.16 3.83
CA LEU B 12 -3.83 -3.82 3.60
C LEU B 12 -4.99 -3.82 2.60
N GLN B 13 -5.19 -4.90 1.83
CA GLN B 13 -6.29 -4.97 0.86
C GLN B 13 -7.63 -4.84 1.62
N GLN B 14 -7.79 -5.57 2.74
CA GLN B 14 -9.00 -5.52 3.54
C GLN B 14 -9.06 -4.25 4.41
N TYR B 15 -7.96 -3.51 4.53
CA TYR B 15 -7.88 -2.27 5.30
C TYR B 15 -8.45 -1.16 4.40
N LEU B 16 -7.92 -1.04 3.18
CA LEU B 16 -8.33 -0.06 2.17
C LEU B 16 -9.83 -0.24 1.84
N ASN B 17 -10.32 -1.47 2.00
CA ASN B 17 -11.71 -1.85 1.80
C ASN B 17 -12.61 -1.02 2.72
N VAL B 18 -12.18 -0.81 3.97
CA VAL B 18 -12.88 -0.03 4.97
C VAL B 18 -12.81 1.45 4.61
N VAL B 19 -11.64 1.94 4.21
CA VAL B 19 -11.39 3.34 3.84
C VAL B 19 -12.28 3.81 2.68
N THR B 20 -12.84 2.87 1.91
CA THR B 20 -13.71 3.11 0.78
C THR B 20 -15.12 2.59 1.00
N ARG B 21 -15.43 2.01 2.18
CA ARG B 21 -16.73 1.44 2.50
C ARG B 21 -17.14 0.47 1.37
N HIS B 22 -16.13 -0.14 0.74
CA HIS B 22 -16.21 -1.06 -0.39
C HIS B 22 -17.02 -0.46 -1.54
N ARG B 23 -16.52 0.65 -2.10
CA ARG B 23 -17.12 1.40 -3.22
C ARG B 23 -16.01 1.68 -4.25
N TYR B 24 -15.18 0.66 -4.54
CA TYR B 24 -14.05 0.73 -5.47
C TYR B 24 -14.47 1.31 -6.82
N NH2 B 25 -13.51 1.82 -7.57
HN1 NH2 B 25 -12.60 1.97 -7.14
HN2 NH2 B 25 -13.70 2.23 -8.46
N GLY C 1 14.47 4.07 -11.46
CA GLY C 1 14.74 3.71 -10.06
C GLY C 1 15.23 4.93 -9.30
N PRO C 2 14.98 5.01 -7.98
CA PRO C 2 15.42 6.13 -7.16
C PRO C 2 16.94 6.32 -7.30
N SER C 3 17.45 7.50 -6.95
CA SER C 3 18.88 7.78 -7.09
C SER C 3 19.69 7.04 -6.03
N GLN C 4 19.02 6.60 -4.98
CA GLN C 4 19.61 5.89 -3.86
C GLN C 4 18.72 4.76 -3.37
N PRO C 5 19.26 3.80 -2.60
CA PRO C 5 18.49 2.69 -2.05
C PRO C 5 17.59 3.27 -0.97
N THR C 6 16.32 3.50 -1.29
CA THR C 6 15.36 4.06 -0.37
C THR C 6 13.97 3.54 -0.72
N TYR C 7 13.43 2.69 0.15
CA TYR C 7 12.12 2.11 0.01
C TYR C 7 11.33 2.30 1.30
N PRO C 8 10.80 3.51 1.52
CA PRO C 8 9.99 3.84 2.69
C PRO C 8 8.54 3.38 2.55
N GLY C 9 8.17 2.91 1.36
CA GLY C 9 6.84 2.46 0.99
C GLY C 9 6.41 3.34 -0.18
N PRO D 1 -3.97 11.71 -0.05
CA PRO D 1 -5.41 11.63 0.18
C PRO D 1 -5.91 10.24 -0.22
N VAL D 2 -6.98 9.76 0.43
CA VAL D 2 -7.52 8.44 0.15
C VAL D 2 -7.93 8.27 -1.32
N GLU D 3 -8.49 9.31 -1.93
CA GLU D 3 -8.96 9.32 -3.32
C GLU D 3 -7.86 8.95 -4.30
N ASP D 4 -6.63 9.39 -4.00
CA ASP D 4 -5.48 9.11 -4.84
C ASP D 4 -4.90 7.76 -4.43
N LEU D 5 -4.75 7.52 -3.11
CA LEU D 5 -4.19 6.27 -2.58
C LEU D 5 -4.95 5.04 -3.04
N ILE D 6 -6.24 5.12 -3.38
CA ILE D 6 -7.04 4.00 -3.86
C ILE D 6 -6.49 3.55 -5.23
N ARG D 7 -6.51 4.46 -6.20
CA ARG D 7 -6.04 4.25 -7.56
C ARG D 7 -4.57 3.84 -7.54
N PHE D 8 -3.80 4.59 -6.76
CA PHE D 8 -2.38 4.45 -6.54
C PHE D 8 -2.04 3.06 -5.99
N TYR D 9 -2.65 2.62 -4.89
CA TYR D 9 -2.39 1.32 -4.26
C TYR D 9 -2.51 0.16 -5.26
N ASN D 10 -3.44 0.29 -6.20
CA ASN D 10 -3.68 -0.70 -7.21
C ASN D 10 -2.46 -0.79 -8.13
N ASP D 11 -2.05 0.34 -8.72
CA ASP D 11 -0.90 0.42 -9.62
C ASP D 11 0.42 0.10 -8.91
N LEU D 12 0.50 0.46 -7.61
CA LEU D 12 1.61 0.28 -6.70
C LEU D 12 1.99 -1.20 -6.55
N GLN D 13 1.12 -2.12 -6.98
CA GLN D 13 1.39 -3.55 -6.94
C GLN D 13 2.67 -3.85 -7.73
N GLN D 14 2.88 -3.13 -8.84
CA GLN D 14 4.06 -3.32 -9.69
C GLN D 14 5.31 -2.73 -9.02
N TYR D 15 5.16 -1.67 -8.22
CA TYR D 15 6.30 -1.04 -7.54
C TYR D 15 6.86 -2.04 -6.53
N LEU D 16 5.99 -2.72 -5.76
CA LEU D 16 6.40 -3.71 -4.77
C LEU D 16 7.14 -4.88 -5.39
N ASN D 17 6.90 -5.14 -6.68
CA ASN D 17 7.55 -6.22 -7.42
C ASN D 17 9.05 -5.93 -7.46
N VAL D 18 9.41 -4.66 -7.71
CA VAL D 18 10.76 -4.15 -7.77
C VAL D 18 11.37 -4.21 -6.36
N VAL D 19 10.63 -3.75 -5.34
CA VAL D 19 11.06 -3.74 -3.94
C VAL D 19 11.43 -5.15 -3.46
N THR D 20 10.82 -6.20 -4.01
CA THR D 20 11.09 -7.58 -3.63
C THR D 20 11.91 -8.33 -4.66
N ARG D 21 12.30 -7.69 -5.76
CA ARG D 21 13.03 -8.30 -6.87
C ARG D 21 12.23 -9.53 -7.33
N HIS D 22 10.91 -9.56 -7.15
CA HIS D 22 9.99 -10.64 -7.49
C HIS D 22 10.38 -11.90 -6.71
N ARG D 23 10.29 -11.80 -5.37
CA ARG D 23 10.64 -12.88 -4.44
C ARG D 23 9.59 -12.98 -3.31
N TYR D 24 8.31 -12.73 -3.59
CA TYR D 24 7.27 -12.84 -2.57
C TYR D 24 7.23 -14.28 -2.05
N NH2 D 25 6.57 -14.50 -0.93
HN1 NH2 D 25 6.15 -13.74 -0.42
HN2 NH2 D 25 6.46 -15.44 -0.57
N ZAB E . -1.17 4.08 5.48
CA ZAB E . -0.71 3.01 6.34
CB ZAB E . 0.69 3.23 6.91
CG2 ZAB E . 1.62 4.08 6.29
CD2 ZAB E . 2.95 4.14 6.76
CE ZAB E . 3.36 3.36 7.85
CD1 ZAB E . 2.41 2.56 8.51
CG1 ZAB E . 1.08 2.49 8.03
NG ZAB E . 2.76 1.86 9.65
NI ZAB E . 3.67 0.96 9.86
CI ZAB E . 4.60 0.36 9.03
CJ2 ZAB E . 4.29 -0.87 8.45
CK2 ZAB E . 5.23 -1.51 7.63
CL ZAB E . 6.48 -0.91 7.39
CK1 ZAB E . 6.81 0.33 7.99
CJ1 ZAB E . 5.86 0.96 8.81
CM ZAB E . 8.16 0.99 7.75
C ZAB E . 9.26 0.21 7.02
O ZAB E . 9.65 0.64 5.92
HN2 ZAB E . -0.47 4.53 4.90
HA2 ZAB E . -1.40 2.89 7.18
HA3 ZAB E . -0.70 2.08 5.76
HG2 ZAB E . 1.38 4.66 5.41
HD2 ZAB E . 3.67 4.76 6.25
HE ZAB E . 4.39 3.38 8.15
HG1 ZAB E . 0.37 1.84 8.51
HJ2 ZAB E . 3.33 -1.34 8.64
HK2 ZAB E . 4.99 -2.47 7.19
HL ZAB E . 7.18 -1.43 6.76
HJ1 ZAB E . 6.08 1.91 9.29
HM2 ZAB E . 7.96 1.91 7.20
HM3 ZAB E . 8.54 1.28 8.73
N ZAB F . 5.13 3.31 -0.53
CA ZAB F . 4.56 4.09 -1.62
CB ZAB F . 3.77 5.27 -1.08
CG2 ZAB F . 2.74 5.05 -0.16
CD2 ZAB F . 1.94 6.12 0.26
CE ZAB F . 2.14 7.40 -0.28
CD1 ZAB F . 3.17 7.62 -1.21
CG1 ZAB F . 4.01 6.57 -1.59
NG ZAB F . 3.31 8.86 -1.82
NI ZAB F . 2.45 9.75 -2.19
CI ZAB F . 1.06 9.75 -2.11
CJ2 ZAB F . 0.30 9.03 -3.05
CK2 ZAB F . -1.11 9.01 -2.93
CL ZAB F . -1.74 9.67 -1.87
CK1 ZAB F . -0.97 10.37 -0.91
CJ1 ZAB F . 0.44 10.42 -1.06
CM ZAB F . -1.59 11.09 0.28
C ZAB F . -3.09 10.89 0.56
O ZAB F . -3.44 10.01 1.36
HN2 ZAB F . 4.48 2.75 0.02
HA2 ZAB F . 5.34 4.46 -2.27
HA3 ZAB F . 3.88 3.46 -2.18
HG2 ZAB F . 2.53 4.06 0.22
HD2 ZAB F . 1.13 5.94 0.94
HE ZAB F . 1.48 8.20 0.04
HG1 ZAB F . 4.79 6.71 -2.32
HJ2 ZAB F . 0.77 8.50 -3.86
HK2 ZAB F . -1.69 8.48 -3.66
HL ZAB F . -2.81 9.62 -1.79
HJ1 ZAB F . 1.05 10.94 -0.33
HM2 ZAB F . -1.06 10.75 1.16
HM3 ZAB F . -1.40 12.15 0.17
N GLY A 1 -15.55 12.13 12.62
CA GLY A 1 -14.97 10.83 12.24
C GLY A 1 -15.82 9.70 12.83
N PRO A 2 -15.55 8.43 12.45
CA PRO A 2 -16.28 7.26 12.92
C PRO A 2 -16.08 7.00 14.41
N SER A 3 -14.88 7.31 14.86
CA SER A 3 -14.41 7.17 16.23
C SER A 3 -13.53 8.38 16.53
N GLN A 4 -12.47 8.61 15.73
CA GLN A 4 -11.54 9.72 15.87
C GLN A 4 -10.98 10.08 14.48
N PRO A 5 -10.42 11.29 14.31
CA PRO A 5 -9.82 11.73 13.04
C PRO A 5 -8.44 11.08 12.88
N THR A 6 -7.71 11.45 11.81
CA THR A 6 -6.38 10.96 11.49
C THR A 6 -6.29 9.42 11.53
N TYR A 7 -6.75 8.83 10.45
CA TYR A 7 -6.79 7.39 10.21
C TYR A 7 -5.36 6.85 10.12
N PRO A 8 -5.14 5.52 10.19
CA PRO A 8 -3.79 4.97 10.11
C PRO A 8 -3.22 5.12 8.69
N GLY A 9 -1.91 4.95 8.57
CA GLY A 9 -1.16 5.01 7.31
C GLY A 9 -0.51 3.66 7.12
N PRO B 1 10.60 -2.42 7.76
CA PRO B 1 11.38 -3.12 6.75
C PRO B 1 10.45 -3.66 5.67
N VAL B 2 10.92 -3.65 4.42
CA VAL B 2 10.15 -4.12 3.27
C VAL B 2 9.66 -5.57 3.44
N GLU B 3 10.38 -6.42 4.17
CA GLU B 3 10.01 -7.81 4.44
C GLU B 3 8.68 -7.87 5.16
N ASP B 4 8.53 -7.02 6.18
CA ASP B 4 7.30 -6.98 6.96
C ASP B 4 6.21 -6.30 6.13
N LEU B 5 6.59 -5.24 5.42
CA LEU B 5 5.69 -4.47 4.56
C LEU B 5 5.01 -5.35 3.48
N ILE B 6 5.61 -6.49 3.07
CA ILE B 6 5.01 -7.39 2.07
C ILE B 6 3.74 -8.00 2.68
N ARG B 7 3.92 -8.75 3.77
CA ARG B 7 2.84 -9.43 4.50
C ARG B 7 1.80 -8.43 4.97
N PHE B 8 2.27 -7.25 5.38
CA PHE B 8 1.44 -6.15 5.85
C PHE B 8 0.60 -5.63 4.68
N TYR B 9 1.19 -5.35 3.51
CA TYR B 9 0.49 -4.87 2.32
C TYR B 9 -0.59 -5.85 1.88
N ASN B 10 -0.30 -7.16 2.04
CA ASN B 10 -1.24 -8.22 1.69
C ASN B 10 -2.47 -8.18 2.60
N ASP B 11 -2.34 -7.56 3.76
CA ASP B 11 -3.39 -7.37 4.77
C ASP B 11 -3.99 -5.97 4.67
N LEU B 12 -3.22 -4.99 4.18
CA LEU B 12 -3.60 -3.60 3.98
C LEU B 12 -4.74 -3.48 2.97
N GLN B 13 -4.93 -4.51 2.14
CA GLN B 13 -6.00 -4.56 1.16
C GLN B 13 -7.34 -4.45 1.91
N GLN B 14 -7.39 -5.01 3.12
CA GLN B 14 -8.54 -5.03 4.01
C GLN B 14 -8.78 -3.61 4.52
N TYR B 15 -7.74 -2.90 4.96
CA TYR B 15 -7.86 -1.52 5.44
C TYR B 15 -8.43 -0.65 4.34
N LEU B 16 -7.85 -0.71 3.13
CA LEU B 16 -8.34 0.10 2.00
C LEU B 16 -9.80 -0.27 1.70
N ASN B 17 -10.16 -1.54 1.91
CA ASN B 17 -11.52 -2.04 1.71
C ASN B 17 -12.46 -1.30 2.66
N VAL B 18 -12.07 -1.05 3.92
CA VAL B 18 -12.89 -0.32 4.89
C VAL B 18 -12.98 1.15 4.47
N VAL B 19 -11.85 1.78 4.07
CA VAL B 19 -11.78 3.19 3.65
C VAL B 19 -12.61 3.44 2.38
N THR B 20 -13.10 2.40 1.71
CA THR B 20 -13.91 2.53 0.50
C THR B 20 -15.19 1.73 0.60
N ARG B 21 -15.44 1.04 1.71
CA ARG B 21 -16.62 0.19 1.93
C ARG B 21 -16.82 -0.73 0.70
N HIS B 22 -15.69 -1.20 0.14
CA HIS B 22 -15.58 -2.05 -1.05
C HIS B 22 -16.25 -1.43 -2.30
N ARG B 23 -16.48 -0.12 -2.32
CA ARG B 23 -17.08 0.65 -3.41
C ARG B 23 -15.90 1.04 -4.32
N TYR B 24 -15.11 0.05 -4.72
CA TYR B 24 -13.92 0.15 -5.56
C TYR B 24 -14.25 0.77 -6.92
N NH2 B 25 -13.24 1.02 -7.72
HN1 NH2 B 25 -12.29 0.79 -7.47
HN2 NH2 B 25 -13.43 1.32 -8.69
N GLY C 1 23.58 1.55 -3.70
CA GLY C 1 22.42 0.88 -4.30
C GLY C 1 22.25 1.26 -5.76
N PRO C 2 21.02 1.25 -6.28
CA PRO C 2 20.73 1.56 -7.68
C PRO C 2 20.61 3.03 -8.08
N SER C 3 20.50 3.92 -7.11
CA SER C 3 20.39 5.35 -7.35
C SER C 3 21.01 6.08 -6.17
N GLN C 4 20.30 6.05 -5.04
CA GLN C 4 20.60 6.69 -3.76
C GLN C 4 19.76 6.00 -2.67
N PRO C 5 20.01 6.21 -1.36
CA PRO C 5 19.21 5.56 -0.31
C PRO C 5 17.82 6.21 -0.17
N THR C 6 17.05 5.72 0.80
CA THR C 6 15.70 6.14 1.19
C THR C 6 14.69 5.89 0.08
N TYR C 7 14.07 4.71 0.12
CA TYR C 7 13.07 4.28 -0.85
C TYR C 7 11.70 4.86 -0.46
N PRO C 8 10.85 5.17 -1.46
CA PRO C 8 9.52 5.70 -1.22
C PRO C 8 8.59 4.63 -0.66
N GLY C 9 7.35 4.99 -0.40
CA GLY C 9 6.32 4.10 0.12
C GLY C 9 4.99 4.41 -0.56
N PRO D 1 -4.73 12.37 -1.35
CA PRO D 1 -6.06 12.09 -0.85
C PRO D 1 -6.39 10.61 -0.98
N VAL D 2 -7.36 10.12 -0.22
CA VAL D 2 -7.76 8.71 -0.28
C VAL D 2 -8.26 8.32 -1.68
N GLU D 3 -8.89 9.23 -2.42
CA GLU D 3 -9.39 8.92 -3.75
C GLU D 3 -8.23 8.62 -4.71
N ASP D 4 -7.19 9.47 -4.72
CA ASP D 4 -6.02 9.26 -5.58
C ASP D 4 -5.27 8.02 -5.08
N LEU D 5 -5.30 7.77 -3.76
CA LEU D 5 -4.65 6.63 -3.12
C LEU D 5 -5.26 5.32 -3.60
N ILE D 6 -6.55 5.25 -3.96
CA ILE D 6 -7.19 4.03 -4.45
C ILE D 6 -6.53 3.64 -5.78
N ARG D 7 -6.55 4.57 -6.74
CA ARG D 7 -5.97 4.38 -8.06
C ARG D 7 -4.49 4.06 -7.94
N PHE D 8 -3.79 4.86 -7.16
CA PHE D 8 -2.37 4.72 -6.90
C PHE D 8 -2.06 3.35 -6.30
N TYR D 9 -2.78 2.91 -5.26
CA TYR D 9 -2.57 1.62 -4.61
C TYR D 9 -2.62 0.47 -5.60
N ASN D 10 -3.46 0.60 -6.63
CA ASN D 10 -3.57 -0.43 -7.65
C ASN D 10 -2.25 -0.52 -8.41
N ASP D 11 -1.72 0.58 -8.92
CA ASP D 11 -0.46 0.59 -9.67
C ASP D 11 0.75 0.37 -8.74
N LEU D 12 0.65 0.72 -7.46
CA LEU D 12 1.66 0.59 -6.40
C LEU D 12 2.13 -0.86 -6.25
N GLN D 13 1.28 -1.80 -6.66
CA GLN D 13 1.56 -3.23 -6.64
C GLN D 13 2.82 -3.52 -7.45
N GLN D 14 3.06 -2.75 -8.51
CA GLN D 14 4.19 -2.86 -9.41
C GLN D 14 5.47 -2.44 -8.69
N TYR D 15 5.50 -1.32 -7.96
CA TYR D 15 6.67 -0.84 -7.23
C TYR D 15 7.08 -1.90 -6.20
N LEU D 16 6.13 -2.41 -5.41
CA LEU D 16 6.43 -3.44 -4.41
C LEU D 16 7.03 -4.68 -5.09
N ASN D 17 6.61 -4.94 -6.33
CA ASN D 17 7.10 -6.04 -7.16
C ASN D 17 8.55 -5.83 -7.56
N VAL D 18 8.99 -4.58 -7.76
CA VAL D 18 10.37 -4.23 -8.13
C VAL D 18 11.27 -4.55 -6.95
N VAL D 19 10.94 -4.03 -5.77
CA VAL D 19 11.68 -4.20 -4.54
C VAL D 19 11.92 -5.69 -4.31
N THR D 20 10.85 -6.47 -4.29
CA THR D 20 10.90 -7.91 -4.08
C THR D 20 11.43 -8.70 -5.26
N ARG D 21 11.53 -8.07 -6.42
CA ARG D 21 11.95 -8.67 -7.69
C ARG D 21 11.08 -9.88 -7.95
N HIS D 22 9.78 -9.74 -7.65
CA HIS D 22 8.72 -10.74 -7.75
C HIS D 22 8.92 -11.94 -6.81
N ARG D 23 9.98 -11.97 -6.01
CA ARG D 23 10.35 -13.01 -5.06
C ARG D 23 9.55 -12.92 -3.76
N TYR D 24 8.22 -12.83 -3.88
CA TYR D 24 7.32 -12.75 -2.75
C TYR D 24 7.52 -14.00 -1.89
N NH2 D 25 7.21 -13.94 -0.62
HN1 NH2 D 25 7.00 -13.06 -0.16
HN2 NH2 D 25 7.23 -14.77 -0.03
N ZAB E . -0.04 3.36 5.90
CA ZAB E . 0.61 2.11 5.57
CB ZAB E . 2.02 2.05 6.10
CG2 ZAB E . 3.11 2.46 5.32
CD2 ZAB E . 4.42 2.44 5.85
CE ZAB E . 4.64 2.02 7.18
CD1 ZAB E . 3.54 1.62 7.97
CG1 ZAB E . 2.25 1.61 7.42
NG ZAB E . 3.69 1.26 9.29
NI ZAB E . 4.42 0.36 9.85
CI ZAB E . 5.30 -0.53 9.27
CJ2 ZAB E . 4.84 -1.75 8.72
CK2 ZAB E . 5.76 -2.63 8.14
CL ZAB E . 7.12 -2.30 8.06
CK1 ZAB E . 7.58 -1.07 8.59
CJ1 ZAB E . 6.66 -0.19 9.20
CM ZAB E . 9.04 -0.67 8.55
C ZAB E . 9.89 -1.31 7.47
O ZAB E . 9.90 -0.81 6.34
HN2 ZAB E . -0.17 4.03 5.15
HA2 ZAB E . 0.04 1.28 6.00
HA3 ZAB E . 0.63 1.96 4.49
HG2 ZAB E . 2.95 2.81 4.31
HD2 ZAB E . 5.25 2.74 5.24
HE ZAB E . 5.63 2.01 7.58
HG1 ZAB E . 1.42 1.29 8.03
HJ2 ZAB E . 3.78 -1.99 8.77
HK2 ZAB E . 5.39 -3.57 7.73
HL ZAB E . 7.79 -3.00 7.60
HJ1 ZAB E . 6.99 0.75 9.62
HM2 ZAB E . 9.08 0.41 8.40
HM3 ZAB E . 9.46 -0.87 9.54
N ZAB F . 3.91 4.33 0.21
CA ZAB F . 2.56 4.58 -0.27
CB ZAB F . 2.20 6.04 -0.22
CG2 ZAB F . 1.30 6.50 0.78
CD2 ZAB F . 0.86 7.83 0.77
CE ZAB F . 1.28 8.71 -0.22
CD1 ZAB F . 2.17 8.27 -1.22
CG1 ZAB F . 2.65 6.94 -1.20
NG ZAB F . 2.51 9.10 -2.27
NI ZAB F . 1.75 9.82 -3.04
CI ZAB F . 0.37 9.95 -3.03
CJ2 ZAB F . -0.42 9.01 -3.71
CK2 ZAB F . -1.82 9.12 -3.64
CL ZAB F . -2.42 10.13 -2.86
CK1 ZAB F . -1.62 11.06 -2.18
CJ1 ZAB F . -0.22 10.98 -2.28
CM ZAB F . -2.23 12.20 -1.36
C ZAB F . -3.60 11.98 -0.71
O ZAB F . -3.65 11.62 0.47
HN2 ZAB F . 4.03 4.01 1.17
HA2 ZAB F . 2.47 4.24 -1.30
HA3 ZAB F . 1.86 4.02 0.33
HG2 ZAB F . 0.91 5.83 1.51
HD2 ZAB F . 0.15 8.17 1.52
HE ZAB F . 0.91 9.72 -0.22
HG1 ZAB F . 3.32 6.61 -1.98
HJ2 ZAB F . 0.04 8.23 -4.28
HK2 ZAB F . -2.43 8.42 -4.19
HL ZAB F . -3.50 10.17 -2.82
HJ1 ZAB F . 0.42 11.68 -1.76
HM2 ZAB F . -1.53 12.42 -0.56
HM3 ZAB F . -2.28 13.08 -2.01
N GLY A 1 -20.81 12.31 5.13
CA GLY A 1 -19.78 11.26 5.12
C GLY A 1 -18.59 11.69 5.96
N PRO A 2 -17.49 10.91 5.95
CA PRO A 2 -16.30 11.22 6.73
C PRO A 2 -15.63 12.50 6.20
N SER A 3 -14.76 13.10 7.01
CA SER A 3 -14.03 14.32 6.67
C SER A 3 -12.55 14.10 6.98
N GLN A 4 -12.19 13.79 8.22
CA GLN A 4 -10.79 13.58 8.61
C GLN A 4 -10.61 12.55 9.74
N PRO A 5 -11.19 11.35 9.66
CA PRO A 5 -11.03 10.35 10.72
C PRO A 5 -9.58 9.84 10.69
N THR A 6 -8.94 9.69 11.85
CA THR A 6 -7.58 9.18 11.89
C THR A 6 -7.60 7.69 11.49
N TYR A 7 -6.54 7.24 10.82
CA TYR A 7 -6.34 5.88 10.36
C TYR A 7 -4.83 5.59 10.46
N PRO A 8 -4.41 4.30 10.44
CA PRO A 8 -3.01 3.92 10.54
C PRO A 8 -2.23 4.27 9.28
N GLY A 9 -2.88 4.28 8.12
CA GLY A 9 -2.21 4.57 6.86
C GLY A 9 -1.30 3.40 6.47
N PRO B 1 10.27 -1.86 8.45
CA PRO B 1 11.27 -2.18 7.43
C PRO B 1 10.61 -2.77 6.18
N VAL B 2 11.32 -2.81 5.05
CA VAL B 2 10.76 -3.35 3.80
C VAL B 2 10.32 -4.80 3.97
N GLU B 3 11.07 -5.59 4.74
CA GLU B 3 10.80 -7.00 5.02
C GLU B 3 9.44 -7.20 5.70
N ASP B 4 8.98 -6.18 6.44
CA ASP B 4 7.71 -6.18 7.15
C ASP B 4 6.63 -5.55 6.28
N LEU B 5 6.97 -4.47 5.55
CA LEU B 5 6.04 -3.76 4.66
C LEU B 5 5.54 -4.68 3.56
N ILE B 6 6.36 -5.62 3.06
CA ILE B 6 5.96 -6.56 2.02
C ILE B 6 4.72 -7.35 2.47
N ARG B 7 4.76 -7.87 3.70
CA ARG B 7 3.67 -8.66 4.23
C ARG B 7 2.49 -7.75 4.57
N PHE B 8 2.77 -6.69 5.33
CA PHE B 8 1.81 -5.70 5.77
C PHE B 8 0.98 -5.12 4.63
N TYR B 9 1.59 -4.63 3.55
CA TYR B 9 0.90 -4.04 2.38
C TYR B 9 -0.19 -4.93 1.78
N ASN B 10 0.04 -6.24 1.79
CA ASN B 10 -0.86 -7.25 1.25
C ASN B 10 -2.06 -7.45 2.16
N ASP B 11 -1.84 -7.48 3.47
CA ASP B 11 -2.88 -7.65 4.48
C ASP B 11 -3.64 -6.34 4.67
N LEU B 12 -2.96 -5.20 4.50
CA LEU B 12 -3.44 -3.82 4.61
C LEU B 12 -4.56 -3.55 3.61
N GLN B 13 -4.73 -4.39 2.58
CA GLN B 13 -5.79 -4.22 1.60
C GLN B 13 -7.14 -4.08 2.32
N GLN B 14 -7.29 -4.73 3.49
CA GLN B 14 -8.49 -4.70 4.31
C GLN B 14 -8.81 -3.28 4.80
N TYR B 15 -7.83 -2.38 4.98
CA TYR B 15 -8.07 -1.01 5.41
C TYR B 15 -8.76 -0.30 4.23
N LEU B 16 -8.13 -0.35 3.05
CA LEU B 16 -8.63 0.26 1.82
C LEU B 16 -10.00 -0.31 1.43
N ASN B 17 -10.19 -1.60 1.73
CA ASN B 17 -11.42 -2.33 1.49
C ASN B 17 -12.51 -1.62 2.28
N VAL B 18 -12.32 -1.39 3.58
CA VAL B 18 -13.30 -0.71 4.43
C VAL B 18 -13.54 0.73 4.00
N VAL B 19 -12.52 1.56 3.75
CA VAL B 19 -12.75 2.95 3.37
C VAL B 19 -13.55 3.13 2.08
N THR B 20 -13.78 2.07 1.30
CA THR B 20 -14.53 2.12 0.06
C THR B 20 -15.60 1.03 -0.07
N ARG B 21 -15.70 0.16 0.93
CA ARG B 21 -16.60 -1.00 0.99
C ARG B 21 -16.34 -1.85 -0.27
N HIS B 22 -15.06 -2.08 -0.58
CA HIS B 22 -14.57 -2.83 -1.75
C HIS B 22 -15.27 -2.28 -3.00
N ARG B 23 -15.11 -0.99 -3.25
CA ARG B 23 -15.72 -0.31 -4.39
C ARG B 23 -14.67 0.60 -5.01
N TYR B 24 -13.79 0.01 -5.81
CA TYR B 24 -12.70 0.66 -6.51
C TYR B 24 -12.55 -0.01 -7.89
N NH2 B 25 -13.65 -0.42 -8.48
HN1 NH2 B 25 -14.56 -0.17 -8.08
HN2 NH2 B 25 -13.65 -0.85 -9.40
N GLY C 1 22.45 -6.78 -1.48
CA GLY C 1 22.20 -5.74 -2.48
C GLY C 1 22.00 -4.40 -1.81
N PRO C 2 20.76 -3.88 -1.77
CA PRO C 2 20.46 -2.59 -1.16
C PRO C 2 20.45 -2.65 0.37
N SER C 3 20.66 -1.51 1.02
CA SER C 3 20.68 -1.35 2.48
C SER C 3 19.75 -0.21 2.92
N GLN C 4 19.76 0.94 2.24
CA GLN C 4 18.91 2.08 2.57
C GLN C 4 18.69 2.98 1.32
N PRO C 5 18.20 2.42 0.19
CA PRO C 5 17.94 3.16 -1.03
C PRO C 5 16.81 4.18 -0.84
N THR C 6 16.38 4.81 -1.94
CA THR C 6 15.32 5.79 -1.94
C THR C 6 14.28 5.31 -2.94
N TYR C 7 13.02 5.34 -2.52
CA TYR C 7 11.85 4.92 -3.28
C TYR C 7 10.72 5.87 -2.90
N PRO C 8 9.68 6.00 -3.73
CA PRO C 8 8.56 6.88 -3.41
C PRO C 8 7.78 6.37 -2.20
N GLY C 9 7.71 5.05 -2.02
CA GLY C 9 6.98 4.46 -0.91
C GLY C 9 5.48 4.50 -1.23
N PRO D 1 -4.49 12.61 -0.66
CA PRO D 1 -5.90 12.39 -0.37
C PRO D 1 -6.29 10.92 -0.57
N VAL D 2 -7.28 10.44 0.19
CA VAL D 2 -7.79 9.07 0.11
C VAL D 2 -8.22 8.73 -1.32
N GLU D 3 -8.84 9.67 -2.03
CA GLU D 3 -9.30 9.45 -3.40
C GLU D 3 -8.12 9.01 -4.27
N ASP D 4 -7.05 9.80 -4.27
CA ASP D 4 -5.86 9.50 -5.05
C ASP D 4 -5.21 8.25 -4.52
N LEU D 5 -5.08 8.13 -3.19
CA LEU D 5 -4.46 7.00 -2.53
C LEU D 5 -5.15 5.67 -2.88
N ILE D 6 -6.45 5.65 -3.20
CA ILE D 6 -7.16 4.42 -3.59
C ILE D 6 -6.58 3.99 -4.94
N ARG D 7 -6.64 4.88 -5.93
CA ARG D 7 -6.17 4.63 -7.29
C ARG D 7 -4.67 4.32 -7.30
N PHE D 8 -3.90 5.13 -6.57
CA PHE D 8 -2.46 5.06 -6.39
C PHE D 8 -2.04 3.72 -5.82
N TYR D 9 -2.62 3.26 -4.71
CA TYR D 9 -2.30 2.00 -4.04
C TYR D 9 -2.34 0.81 -4.98
N ASN D 10 -3.30 0.81 -5.90
CA ASN D 10 -3.49 -0.24 -6.87
C ASN D 10 -2.34 -0.25 -7.87
N ASP D 11 -2.01 0.88 -8.47
CA ASP D 11 -0.91 0.97 -9.44
C ASP D 11 0.44 0.81 -8.75
N LEU D 12 0.53 1.15 -7.48
CA LEU D 12 1.72 1.07 -6.64
C LEU D 12 2.17 -0.38 -6.49
N GLN D 13 1.34 -1.37 -6.83
CA GLN D 13 1.68 -2.79 -6.74
C GLN D 13 3.03 -3.11 -7.40
N GLN D 14 3.39 -2.36 -8.46
CA GLN D 14 4.63 -2.50 -9.20
C GLN D 14 5.88 -2.19 -8.35
N TYR D 15 5.77 -1.36 -7.32
CA TYR D 15 6.87 -1.01 -6.45
C TYR D 15 7.36 -2.25 -5.72
N LEU D 16 6.54 -2.84 -4.84
CA LEU D 16 6.91 -4.05 -4.10
C LEU D 16 7.16 -5.22 -5.05
N ASN D 17 6.56 -5.19 -6.26
CA ASN D 17 6.76 -6.23 -7.28
C ASN D 17 8.25 -6.23 -7.65
N VAL D 18 8.80 -5.08 -8.01
CA VAL D 18 10.20 -4.92 -8.40
C VAL D 18 11.17 -5.29 -7.25
N VAL D 19 11.03 -4.72 -6.05
CA VAL D 19 11.95 -5.01 -4.94
C VAL D 19 11.97 -6.49 -4.50
N THR D 20 10.97 -7.28 -4.85
CA THR D 20 10.91 -8.69 -4.49
C THR D 20 10.87 -9.62 -5.70
N ARG D 21 10.90 -9.06 -6.90
CA ARG D 21 10.79 -9.74 -8.17
C ARG D 21 9.60 -10.71 -8.08
N HIS D 22 8.50 -10.19 -7.54
CA HIS D 22 7.22 -10.84 -7.29
C HIS D 22 7.47 -12.25 -6.73
N ARG D 23 8.01 -12.32 -5.51
CA ARG D 23 8.31 -13.57 -4.81
C ARG D 23 7.64 -13.63 -3.43
N TYR D 24 6.74 -12.69 -3.12
CA TYR D 24 6.04 -12.63 -1.84
C TYR D 24 4.99 -13.74 -1.70
N NH2 D 25 4.62 -14.46 -2.74
HN1 NH2 D 25 4.94 -14.33 -3.69
HN2 NH2 D 25 3.90 -15.15 -2.59
N ZAB E . -0.37 3.66 5.54
CA ZAB E . 0.60 2.69 5.05
CB ZAB E . 1.91 2.81 5.81
CG2 ZAB E . 3.07 3.28 5.18
CD2 ZAB E . 4.27 3.39 5.91
CE ZAB E . 4.31 3.01 7.26
CD1 ZAB E . 3.14 2.54 7.89
CG1 ZAB E . 1.94 2.46 7.18
NG ZAB E . 3.16 2.17 9.22
NI ZAB E . 3.79 1.21 9.82
CI ZAB E . 4.63 0.24 9.32
CJ2 ZAB E . 4.11 -0.82 8.56
CK2 ZAB E . 4.99 -1.80 8.05
CL ZAB E . 6.37 -1.69 8.27
CK1 ZAB E . 6.88 -0.64 9.06
CJ1 ZAB E . 6.01 0.32 9.59
CM ZAB E . 8.36 -0.59 9.42
C ZAB E . 9.33 -0.92 8.27
O ZAB E . 9.24 -0.26 7.23
HN2 ZAB E . -0.33 4.60 5.18
HA2 ZAB E . 0.21 1.68 5.17
HA3 ZAB E . 0.79 2.88 3.99
HG2 ZAB E . 3.04 3.57 4.14
HD2 ZAB E . 5.17 3.76 5.44
HE ZAB E . 5.23 3.10 7.83
HG1 ZAB E . 1.05 2.12 7.69
HJ2 ZAB E . 3.05 -0.89 8.39
HK2 ZAB E . 4.58 -2.63 7.49
HL ZAB E . 7.01 -2.46 7.87
HJ1 ZAB E . 6.39 1.12 10.21
HM2 ZAB E . 8.57 0.43 9.74
HM3 ZAB E . 8.50 -1.24 10.27
N ZAB F . 4.64 4.15 -0.26
CA ZAB F . 3.20 4.15 -0.43
CB ZAB F . 2.56 5.37 0.18
CG2 ZAB F . 1.49 5.24 1.09
CD2 ZAB F . 0.81 6.37 1.56
CE ZAB F . 1.19 7.65 1.10
CD1 ZAB F . 2.27 7.78 0.23
CG1 ZAB F . 2.96 6.66 -0.24
NG ZAB F . 2.71 9.02 -0.21
NI ZAB F . 2.13 10.01 -0.78
CI ZAB F . 0.83 10.18 -1.21
CJ2 ZAB F . 0.25 9.33 -2.16
CK2 ZAB F . -1.09 9.53 -2.53
CL ZAB F . -1.85 10.55 -1.93
CK1 ZAB F . -1.26 11.39 -0.95
CJ1 ZAB F . 0.10 11.22 -0.62
CM ZAB F . -2.06 12.47 -0.25
C ZAB F . -3.50 12.10 0.09
O ZAB F . -3.73 11.35 1.05
HN2 ZAB F . 5.01 3.84 0.63
HA2 ZAB F . 2.94 4.14 -1.48
HA3 ZAB F . 2.77 3.26 0.04
HG2 ZAB F . 1.16 4.26 1.40
HD2 ZAB F . -0.01 6.26 2.24
HE ZAB F . 0.63 8.52 1.45
HG1 ZAB F . 3.74 6.81 -0.96
HJ2 ZAB F . 0.82 8.52 -2.61
HK2 ZAB F . -1.55 8.88 -3.26
HL ZAB F . -2.88 10.66 -2.22
HJ1 ZAB F . 0.63 11.84 0.07
HM2 ZAB F . -1.55 12.71 0.68
HM3 ZAB F . -2.01 13.36 -0.88
N GLY A 1 -21.34 0.66 12.10
CA GLY A 1 -20.11 0.67 11.30
C GLY A 1 -19.02 1.51 11.96
N PRO A 2 -18.00 1.91 11.18
CA PRO A 2 -16.86 2.70 11.64
C PRO A 2 -17.30 4.14 11.94
N SER A 3 -17.60 4.44 13.20
CA SER A 3 -18.01 5.77 13.60
C SER A 3 -16.77 6.65 13.71
N GLN A 4 -15.74 6.21 14.45
CA GLN A 4 -14.51 6.98 14.61
C GLN A 4 -13.27 6.05 14.66
N PRO A 5 -12.94 5.35 13.57
CA PRO A 5 -11.78 4.47 13.53
C PRO A 5 -10.53 5.35 13.68
N THR A 6 -9.46 4.81 14.23
CA THR A 6 -8.23 5.57 14.42
C THR A 6 -7.51 5.88 13.10
N TYR A 7 -7.79 5.11 12.03
CA TYR A 7 -7.17 5.29 10.71
C TYR A 7 -5.64 5.41 10.80
N PRO A 8 -4.92 4.29 10.97
CA PRO A 8 -3.46 4.26 11.10
C PRO A 8 -2.69 4.63 9.82
N GLY A 9 -3.37 4.72 8.66
CA GLY A 9 -2.68 5.03 7.41
C GLY A 9 -1.84 3.83 6.99
N PRO B 1 9.98 -1.15 7.83
CA PRO B 1 10.99 -1.93 7.10
C PRO B 1 10.32 -2.77 6.02
N VAL B 2 10.96 -2.89 4.87
CA VAL B 2 10.45 -3.62 3.73
C VAL B 2 10.11 -5.10 3.99
N GLU B 3 10.91 -5.83 4.78
CA GLU B 3 10.67 -7.24 5.08
C GLU B 3 9.29 -7.43 5.71
N ASP B 4 9.00 -6.65 6.75
CA ASP B 4 7.73 -6.69 7.48
C ASP B 4 6.65 -6.11 6.59
N LEU B 5 6.98 -5.09 5.79
CA LEU B 5 6.05 -4.41 4.89
C LEU B 5 5.44 -5.40 3.91
N ILE B 6 6.20 -6.36 3.38
CA ILE B 6 5.72 -7.37 2.44
C ILE B 6 4.65 -8.26 3.11
N ARG B 7 4.70 -8.39 4.45
CA ARG B 7 3.79 -9.19 5.27
C ARG B 7 2.78 -8.30 6.01
N PHE B 8 2.70 -7.02 5.67
CA PHE B 8 1.76 -6.06 6.26
C PHE B 8 0.87 -5.52 5.15
N TYR B 9 1.48 -5.24 3.99
CA TYR B 9 0.84 -4.70 2.80
C TYR B 9 -0.20 -5.66 2.27
N ASN B 10 0.09 -6.96 2.18
CA ASN B 10 -0.88 -7.90 1.64
C ASN B 10 -2.20 -7.89 2.42
N ASP B 11 -2.09 -7.87 3.75
CA ASP B 11 -3.22 -7.85 4.67
C ASP B 11 -3.90 -6.47 4.66
N LEU B 12 -3.12 -5.40 4.44
CA LEU B 12 -3.58 -4.02 4.37
C LEU B 12 -4.58 -3.83 3.22
N GLN B 13 -4.72 -4.78 2.29
CA GLN B 13 -5.67 -4.63 1.20
C GLN B 13 -7.09 -4.45 1.76
N GLN B 14 -7.38 -5.10 2.89
CA GLN B 14 -8.66 -5.02 3.56
C GLN B 14 -8.87 -3.63 4.17
N TYR B 15 -7.81 -2.89 4.48
CA TYR B 15 -7.91 -1.54 5.03
C TYR B 15 -8.64 -0.69 4.01
N LEU B 16 -8.15 -0.67 2.76
CA LEU B 16 -8.79 0.12 1.71
C LEU B 16 -10.22 -0.39 1.50
N ASN B 17 -10.41 -1.72 1.59
CA ASN B 17 -11.70 -2.39 1.43
C ASN B 17 -12.74 -1.84 2.42
N VAL B 18 -12.29 -1.30 3.56
CA VAL B 18 -13.12 -0.69 4.59
C VAL B 18 -13.22 0.81 4.27
N VAL B 19 -12.09 1.50 4.07
CA VAL B 19 -12.02 2.94 3.78
C VAL B 19 -12.95 3.33 2.63
N THR B 20 -12.98 2.59 1.53
CA THR B 20 -13.82 2.89 0.38
C THR B 20 -15.10 2.03 0.37
N ARG B 21 -15.44 1.38 1.49
CA ARG B 21 -16.62 0.54 1.69
C ARG B 21 -16.96 -0.33 0.47
N HIS B 22 -15.95 -1.02 -0.05
CA HIS B 22 -15.97 -1.90 -1.21
C HIS B 22 -16.62 -1.23 -2.43
N ARG B 23 -16.42 0.07 -2.61
CA ARG B 23 -16.95 0.91 -3.68
C ARG B 23 -15.83 1.42 -4.59
N TYR B 24 -14.83 0.58 -4.91
CA TYR B 24 -13.74 0.94 -5.79
C TYR B 24 -14.32 1.49 -7.10
N NH2 B 25 -13.59 2.30 -7.83
HN1 NH2 B 25 -12.68 2.65 -7.53
HN2 NH2 B 25 -14.11 2.88 -8.48
N GLY C 1 19.03 -3.85 -13.82
CA GLY C 1 17.79 -3.12 -13.50
C GLY C 1 18.18 -1.81 -12.82
N PRO C 2 17.55 -1.43 -11.69
CA PRO C 2 17.88 -0.20 -10.98
C PRO C 2 19.28 -0.30 -10.37
N SER C 3 19.82 0.83 -9.90
CA SER C 3 21.15 0.89 -9.28
C SER C 3 21.00 1.54 -7.91
N GLN C 4 20.42 2.73 -7.83
CA GLN C 4 20.19 3.47 -6.59
C GLN C 4 18.91 4.30 -6.79
N PRO C 5 17.72 3.70 -6.69
CA PRO C 5 16.46 4.42 -6.87
C PRO C 5 16.20 5.35 -5.67
N THR C 6 15.34 6.34 -5.87
CA THR C 6 14.96 7.33 -4.85
C THR C 6 14.03 6.73 -3.78
N TYR C 7 13.59 5.47 -3.94
CA TYR C 7 12.69 4.71 -3.07
C TYR C 7 11.62 5.61 -2.45
N PRO C 8 10.64 6.06 -3.25
CA PRO C 8 9.57 6.94 -2.80
C PRO C 8 8.64 6.29 -1.77
N GLY C 9 8.58 4.97 -1.72
CA GLY C 9 7.70 4.26 -0.81
C GLY C 9 6.26 4.42 -1.26
N PRO D 1 -3.71 12.32 -0.42
CA PRO D 1 -5.14 12.22 -0.11
C PRO D 1 -5.63 10.83 -0.49
N VAL D 2 -6.60 10.29 0.25
CA VAL D 2 -7.15 8.95 0.01
C VAL D 2 -7.63 8.81 -1.45
N GLU D 3 -8.16 9.88 -2.03
CA GLU D 3 -8.66 9.93 -3.40
C GLU D 3 -7.59 9.52 -4.42
N ASP D 4 -6.39 10.13 -4.33
CA ASP D 4 -5.30 9.81 -5.25
C ASP D 4 -4.63 8.53 -4.79
N LEU D 5 -4.60 8.26 -3.47
CA LEU D 5 -4.01 7.07 -2.88
C LEU D 5 -4.75 5.83 -3.38
N ILE D 6 -6.02 5.90 -3.77
CA ILE D 6 -6.80 4.77 -4.28
C ILE D 6 -6.25 4.39 -5.66
N ARG D 7 -6.16 5.37 -6.56
CA ARG D 7 -5.63 5.14 -7.90
C ARG D 7 -4.20 4.64 -7.80
N PHE D 8 -3.41 5.34 -7.00
CA PHE D 8 -2.02 5.04 -6.76
C PHE D 8 -1.85 3.63 -6.20
N TYR D 9 -2.56 3.27 -5.13
CA TYR D 9 -2.51 1.97 -4.46
C TYR D 9 -2.55 0.77 -5.40
N ASN D 10 -3.56 0.74 -6.27
CA ASN D 10 -3.75 -0.37 -7.20
C ASN D 10 -2.54 -0.55 -8.09
N ASP D 11 -2.05 0.54 -8.67
CA ASP D 11 -0.89 0.53 -9.55
C ASP D 11 0.43 0.34 -8.78
N LEU D 12 0.49 0.74 -7.51
CA LEU D 12 1.64 0.62 -6.61
C LEU D 12 1.99 -0.85 -6.42
N GLN D 13 1.08 -1.78 -6.73
CA GLN D 13 1.34 -3.19 -6.61
C GLN D 13 2.55 -3.59 -7.49
N GLN D 14 2.78 -2.84 -8.58
CA GLN D 14 3.90 -3.04 -9.49
C GLN D 14 5.20 -2.52 -8.86
N TYR D 15 5.16 -1.46 -8.03
CA TYR D 15 6.34 -0.91 -7.38
C TYR D 15 6.91 -1.97 -6.44
N LEU D 16 6.03 -2.56 -5.62
CA LEU D 16 6.39 -3.61 -4.67
C LEU D 16 7.06 -4.78 -5.39
N ASN D 17 6.55 -5.12 -6.58
CA ASN D 17 7.08 -6.20 -7.42
C ASN D 17 8.55 -5.95 -7.77
N VAL D 18 8.96 -4.70 -7.99
CA VAL D 18 10.35 -4.37 -8.31
C VAL D 18 11.22 -4.67 -7.09
N VAL D 19 10.83 -4.15 -5.93
CA VAL D 19 11.56 -4.30 -4.68
C VAL D 19 11.72 -5.78 -4.32
N THR D 20 10.64 -6.56 -4.29
CA THR D 20 10.70 -7.99 -3.97
C THR D 20 11.26 -8.82 -5.12
N ARG D 21 11.44 -8.20 -6.28
CA ARG D 21 11.92 -8.82 -7.51
C ARG D 21 11.01 -10.03 -7.77
N HIS D 22 9.70 -9.83 -7.57
CA HIS D 22 8.61 -10.78 -7.70
C HIS D 22 8.73 -11.98 -6.74
N ARG D 23 9.71 -11.99 -5.84
CA ARG D 23 9.97 -13.06 -4.87
C ARG D 23 9.21 -12.83 -3.56
N TYR D 24 7.87 -12.77 -3.64
CA TYR D 24 7.03 -12.57 -2.48
C TYR D 24 7.17 -13.77 -1.54
N NH2 D 25 6.67 -13.68 -0.31
HN1 NH2 D 25 6.22 -12.84 0.02
HN2 NH2 D 25 6.75 -14.46 0.32
N ZAB E . -0.90 4.03 6.06
CA ZAB E . -0.02 2.99 5.56
CB ZAB E . 1.35 3.15 6.14
CG2 ZAB E . 2.42 3.61 5.34
CD2 ZAB E . 3.72 3.69 5.88
CE ZAB E . 3.96 3.29 7.20
CD1 ZAB E . 2.89 2.89 8.01
CG1 ZAB E . 1.58 2.82 7.49
NG ZAB E . 3.08 2.48 9.32
NI ZAB E . 3.83 1.56 9.85
CI ZAB E . 4.70 0.66 9.26
CJ2 ZAB E . 4.25 -0.61 8.87
CK2 ZAB E . 5.14 -1.50 8.24
CL ZAB E . 6.47 -1.11 7.99
CK1 ZAB E . 6.91 0.17 8.39
CJ1 ZAB E . 6.02 1.04 9.03
CM ZAB E . 8.34 0.66 8.17
C ZAB E . 9.24 -0.19 7.26
O ZAB E . 9.29 0.08 6.06
HN2 ZAB E . -0.75 4.97 5.69
HA2 ZAB E . -0.40 2.01 5.82
HA3 ZAB E . 0.03 3.06 4.48
HG2 ZAB E . 2.26 3.86 4.30
HD2 ZAB E . 4.55 3.98 5.24
HE ZAB E . 4.99 3.25 7.55
HG1 ZAB E . 0.77 2.47 8.12
HJ2 ZAB E . 3.22 -0.89 9.05
HK2 ZAB E . 4.80 -2.48 7.95
HL ZAB E . 7.12 -1.81 7.50
HJ1 ZAB E . 6.36 2.03 9.36
HM2 ZAB E . 8.27 1.65 7.73
HM3 ZAB E . 8.80 0.77 9.14
N ZAB F . 5.32 4.17 -0.36
CA ZAB F . 3.89 4.25 -0.60
CB ZAB F . 3.36 5.65 -0.41
CG2 ZAB F . 2.55 5.93 0.70
CD2 ZAB F . 1.95 7.20 0.86
CE ZAB F . 2.18 8.19 -0.11
CD1 ZAB F . 2.99 7.92 -1.22
CG1 ZAB F . 3.60 6.66 -1.36
NG ZAB F . 3.20 8.89 -2.19
NI ZAB F . 2.42 9.72 -2.80
CI ZAB F . 1.06 9.92 -2.68
CJ2 ZAB F . 0.19 9.31 -3.60
CK2 ZAB F . -1.20 9.48 -3.45
CL ZAB F . -1.71 10.23 -2.38
CK1 ZAB F . -0.82 10.85 -1.46
CJ1 ZAB F . 0.56 10.71 -1.64
CM ZAB F . -1.32 11.68 -0.29
C ZAB F . -2.78 11.53 0.14
O ZAB F . -3.05 10.71 1.02
HN2 ZAB F . 5.62 3.86 0.56
HA2 ZAB F . 3.67 3.94 -1.62
HA3 ZAB F . 3.37 3.58 0.08
HG2 ZAB F . 2.37 5.16 1.45
HD2 ZAB F . 1.30 7.41 1.69
HE ZAB F . 1.74 9.17 0.04
HG1 ZAB F . 4.21 6.45 -2.23
HJ2 ZAB F . 0.59 8.70 -4.40
HK2 ZAB F . -1.88 9.02 -4.16
HL ZAB F . -2.78 10.33 -2.29
HJ1 ZAB F . 1.24 11.19 -0.96
HM2 ZAB F . -0.69 11.44 0.57
HM3 ZAB F . -1.13 12.73 -0.53
N GLY A 1 -21.88 6.76 6.51
CA GLY A 1 -20.45 6.73 6.25
C GLY A 1 -19.84 8.11 6.41
N PRO A 2 -18.62 8.23 6.95
CA PRO A 2 -17.95 9.51 7.16
C PRO A 2 -17.54 10.15 5.83
N SER A 3 -17.05 11.39 5.88
CA SER A 3 -16.61 12.13 4.70
C SER A 3 -15.15 11.79 4.40
N GLN A 4 -14.25 11.94 5.38
CA GLN A 4 -12.83 11.62 5.24
C GLN A 4 -12.20 11.54 6.64
N PRO A 5 -12.36 10.43 7.38
CA PRO A 5 -11.78 10.30 8.70
C PRO A 5 -10.26 10.05 8.57
N THR A 6 -9.55 9.90 9.68
CA THR A 6 -8.12 9.65 9.65
C THR A 6 -7.87 8.27 9.02
N TYR A 7 -7.17 8.25 7.90
CA TYR A 7 -6.79 7.05 7.16
C TYR A 7 -5.38 7.29 6.60
N PRO A 8 -4.33 7.06 7.41
CA PRO A 8 -2.95 7.23 6.97
C PRO A 8 -2.59 6.14 5.95
N GLY A 9 -1.42 6.27 5.33
CA GLY A 9 -0.95 5.29 4.36
C GLY A 9 -0.60 3.99 5.08
N PRO B 1 10.65 -1.50 7.18
CA PRO B 1 11.45 -2.52 6.50
C PRO B 1 10.62 -3.19 5.40
N VAL B 2 11.12 -3.15 4.17
CA VAL B 2 10.47 -3.71 3.00
C VAL B 2 10.12 -5.19 3.12
N GLU B 3 10.90 -5.99 3.87
CA GLU B 3 10.62 -7.42 4.04
C GLU B 3 9.31 -7.57 4.82
N ASP B 4 9.18 -6.88 5.95
CA ASP B 4 7.97 -6.94 6.78
C ASP B 4 6.80 -6.37 6.00
N LEU B 5 7.05 -5.30 5.25
CA LEU B 5 6.07 -4.61 4.43
C LEU B 5 5.39 -5.58 3.47
N ILE B 6 6.07 -6.59 2.92
CA ILE B 6 5.47 -7.55 2.00
C ILE B 6 4.32 -8.31 2.69
N ARG B 7 4.53 -8.77 3.94
CA ARG B 7 3.51 -9.50 4.70
C ARG B 7 2.35 -8.56 5.00
N PHE B 8 2.69 -7.43 5.61
CA PHE B 8 1.78 -6.37 6.01
C PHE B 8 0.92 -5.91 4.84
N TYR B 9 1.51 -5.67 3.67
CA TYR B 9 0.91 -5.23 2.43
C TYR B 9 -0.24 -6.14 1.99
N ASN B 10 -0.07 -7.45 2.18
CA ASN B 10 -1.09 -8.42 1.80
C ASN B 10 -2.34 -8.17 2.63
N ASP B 11 -2.18 -8.14 3.96
CA ASP B 11 -3.29 -7.91 4.89
C ASP B 11 -3.88 -6.49 4.74
N LEU B 12 -3.05 -5.52 4.34
CA LEU B 12 -3.41 -4.12 4.15
C LEU B 12 -4.44 -3.93 3.04
N GLN B 13 -4.66 -4.93 2.19
CA GLN B 13 -5.63 -4.85 1.11
C GLN B 13 -7.03 -4.58 1.70
N GLN B 14 -7.37 -5.23 2.83
CA GLN B 14 -8.68 -5.03 3.43
C GLN B 14 -8.77 -3.67 4.15
N TYR B 15 -7.65 -3.04 4.53
CA TYR B 15 -7.72 -1.73 5.18
C TYR B 15 -8.40 -0.77 4.20
N LEU B 16 -7.86 -0.72 2.97
CA LEU B 16 -8.39 0.13 1.90
C LEU B 16 -9.81 -0.27 1.55
N ASN B 17 -10.17 -1.55 1.71
CA ASN B 17 -11.52 -2.05 1.45
C ASN B 17 -12.49 -1.27 2.34
N VAL B 18 -12.15 -1.05 3.61
CA VAL B 18 -12.99 -0.31 4.54
C VAL B 18 -12.91 1.20 4.26
N VAL B 19 -11.73 1.75 3.90
CA VAL B 19 -11.53 3.17 3.63
C VAL B 19 -12.62 3.73 2.74
N THR B 20 -12.78 3.18 1.52
CA THR B 20 -13.82 3.63 0.59
C THR B 20 -14.97 2.65 0.50
N ARG B 21 -15.12 1.77 1.51
CA ARG B 21 -16.19 0.77 1.61
C ARG B 21 -16.37 -0.02 0.31
N HIS B 22 -15.25 -0.32 -0.36
CA HIS B 22 -15.14 -1.04 -1.61
C HIS B 22 -15.88 -0.37 -2.78
N ARG B 23 -15.90 0.96 -2.82
CA ARG B 23 -16.56 1.68 -3.93
C ARG B 23 -15.83 1.43 -5.26
N TYR B 24 -14.53 1.16 -5.20
CA TYR B 24 -13.66 0.89 -6.34
C TYR B 24 -13.88 -0.52 -6.87
N NH2 B 25 -13.12 -0.97 -7.85
HN1 NH2 B 25 -12.41 -0.35 -8.28
HN2 NH2 B 25 -13.26 -1.89 -8.25
N GLY C 1 21.25 -7.80 -5.34
CA GLY C 1 20.52 -6.54 -5.50
C GLY C 1 20.99 -5.56 -4.44
N PRO C 2 20.17 -4.54 -4.12
CA PRO C 2 20.51 -3.55 -3.11
C PRO C 2 20.45 -4.22 -1.72
N SER C 3 20.77 -3.48 -0.66
CA SER C 3 20.76 -4.04 0.68
C SER C 3 19.34 -3.84 1.23
N GLN C 4 18.96 -2.58 1.42
CA GLN C 4 17.67 -2.14 1.94
C GLN C 4 17.60 -0.64 1.59
N PRO C 5 17.38 -0.28 0.32
CA PRO C 5 17.34 1.11 -0.12
C PRO C 5 16.11 1.90 0.30
N THR C 6 16.09 3.17 -0.10
CA THR C 6 15.05 4.14 0.15
C THR C 6 13.79 3.68 -0.60
N TYR C 7 12.89 3.02 0.10
CA TYR C 7 11.64 2.50 -0.44
C TYR C 7 10.50 2.95 0.48
N PRO C 8 10.03 4.20 0.34
CA PRO C 8 8.95 4.73 1.15
C PRO C 8 7.66 3.94 0.90
N GLY C 9 6.73 4.07 1.83
CA GLY C 9 5.42 3.44 1.82
C GLY C 9 4.54 4.01 0.70
N PRO D 1 -5.10 12.16 -0.16
CA PRO D 1 -6.52 11.90 0.01
C PRO D 1 -6.82 10.44 -0.34
N VAL D 2 -7.74 9.85 0.41
CA VAL D 2 -8.16 8.47 0.26
C VAL D 2 -8.66 8.14 -1.15
N GLU D 3 -9.30 9.10 -1.83
CA GLU D 3 -9.84 8.90 -3.17
C GLU D 3 -8.72 8.54 -4.15
N ASP D 4 -7.68 9.37 -4.19
CA ASP D 4 -6.51 9.19 -5.05
C ASP D 4 -5.73 7.96 -4.65
N LEU D 5 -5.51 7.78 -3.33
CA LEU D 5 -4.76 6.64 -2.81
C LEU D 5 -5.34 5.31 -3.27
N ILE D 6 -6.67 5.17 -3.34
CA ILE D 6 -7.31 3.94 -3.77
C ILE D 6 -6.90 3.56 -5.20
N ARG D 7 -6.79 4.53 -6.11
CA ARG D 7 -6.40 4.23 -7.48
C ARG D 7 -4.89 4.04 -7.56
N PHE D 8 -4.15 4.95 -6.91
CA PHE D 8 -2.70 4.94 -6.83
C PHE D 8 -2.23 3.57 -6.36
N TYR D 9 -2.87 3.02 -5.32
CA TYR D 9 -2.59 1.71 -4.73
C TYR D 9 -2.66 0.60 -5.78
N ASN D 10 -3.68 0.65 -6.63
CA ASN D 10 -3.91 -0.32 -7.68
C ASN D 10 -2.75 -0.37 -8.66
N ASP D 11 -2.13 0.77 -8.95
CA ASP D 11 -0.98 0.87 -9.86
C ASP D 11 0.29 0.46 -9.12
N LEU D 12 0.43 0.94 -7.88
CA LEU D 12 1.53 0.73 -6.93
C LEU D 12 1.83 -0.73 -6.63
N GLN D 13 0.92 -1.66 -6.94
CA GLN D 13 1.15 -3.08 -6.69
C GLN D 13 2.44 -3.54 -7.40
N GLN D 14 2.70 -2.99 -8.59
CA GLN D 14 3.89 -3.32 -9.37
C GLN D 14 5.15 -2.78 -8.69
N TYR D 15 5.13 -1.60 -8.06
CA TYR D 15 6.29 -1.02 -7.37
C TYR D 15 6.77 -2.00 -6.32
N LEU D 16 5.86 -2.53 -5.49
CA LEU D 16 6.21 -3.49 -4.46
C LEU D 16 6.76 -4.78 -5.06
N ASN D 17 6.47 -5.06 -6.33
CA ASN D 17 6.99 -6.23 -7.02
C ASN D 17 8.48 -6.02 -7.24
N VAL D 18 8.89 -4.82 -7.69
CA VAL D 18 10.28 -4.46 -7.92
C VAL D 18 11.05 -4.40 -6.61
N VAL D 19 10.43 -3.92 -5.53
CA VAL D 19 11.03 -3.77 -4.19
C VAL D 19 11.77 -5.05 -3.75
N THR D 20 11.25 -6.24 -4.04
CA THR D 20 11.90 -7.52 -3.68
C THR D 20 12.09 -8.40 -4.92
N ARG D 21 11.90 -7.86 -6.13
CA ARG D 21 12.01 -8.58 -7.40
C ARG D 21 11.14 -9.84 -7.35
N HIS D 22 9.93 -9.67 -6.83
CA HIS D 22 8.91 -10.69 -6.66
C HIS D 22 9.33 -11.80 -5.68
N ARG D 23 10.04 -11.52 -4.58
CA ARG D 23 10.46 -12.55 -3.60
C ARG D 23 9.26 -13.03 -2.75
N TYR D 24 8.05 -13.02 -3.32
CA TYR D 24 6.77 -13.41 -2.76
C TYR D 24 5.97 -14.05 -3.91
N NH2 D 25 4.70 -14.34 -3.71
HN1 NH2 D 25 4.23 -14.21 -2.82
HN2 NH2 D 25 4.15 -14.73 -4.48
N ZAB E . -0.17 2.97 4.35
CA ZAB E . 0.20 1.68 4.89
CB ZAB E . 1.67 1.77 5.28
CG2 ZAB E . 2.66 1.63 4.31
CD2 ZAB E . 4.02 1.67 4.67
CE ZAB E . 4.38 1.85 6.01
CD1 ZAB E . 3.38 1.98 7.00
CG1 ZAB E . 2.01 1.98 6.63
NG ZAB E . 3.72 2.06 8.34
NI ZAB E . 4.63 1.41 9.01
CI ZAB E . 5.53 0.46 8.56
CJ2 ZAB E . 5.10 -0.84 8.29
CK2 ZAB E . 6.00 -1.76 7.72
CL ZAB E . 7.31 -1.36 7.39
CK1 ZAB E . 7.74 -0.04 7.68
CJ1 ZAB E . 6.84 0.86 8.27
CM ZAB E . 9.15 0.46 7.35
C ZAB E . 10.07 -0.46 6.54
O ZAB E . 10.25 -0.25 5.35
HN2 ZAB E . -0.08 3.05 3.34
HA2 ZAB E . -0.40 1.44 5.77
HA3 ZAB E . 0.08 0.91 4.15
HG2 ZAB E . 2.39 1.45 3.29
HD2 ZAB E . 4.79 1.54 3.92
HE ZAB E . 5.42 1.87 6.27
HG1 ZAB E . 1.25 2.08 7.38
HJ2 ZAB E . 4.08 -1.14 8.49
HK2 ZAB E . 5.68 -2.76 7.50
HL ZAB E . 7.96 -2.09 6.93
HJ1 ZAB E . 7.13 1.88 8.47
HM2 ZAB E . 9.03 1.38 6.78
HM3 ZAB E . 9.64 0.72 8.28
N ZAB F . 3.28 3.61 0.67
CA ZAB F . 2.32 4.06 -0.33
CB ZAB F . 1.77 5.42 0.04
CG2 ZAB F . 0.77 5.57 1.02
CD2 ZAB F . 0.22 6.83 1.28
CE ZAB F . 0.64 7.95 0.55
CD1 ZAB F . 1.66 7.82 -0.41
CG1 ZAB F . 2.25 6.56 -0.65
NG ZAB F . 2.05 8.91 -1.18
NI ZAB F . 1.36 9.82 -1.78
CI ZAB F . -0.01 10.02 -1.86
CJ2 ZAB F . -0.74 9.47 -2.92
CK2 ZAB F . -2.13 9.63 -2.94
CL ZAB F . -2.79 10.33 -1.91
CK1 ZAB F . -2.05 10.93 -0.86
CJ1 ZAB F . -0.64 10.78 -0.86
CM ZAB F . -2.69 11.75 0.26
C ZAB F . -4.17 11.48 0.53
O ZAB F . -4.46 10.66 1.40
HN2 ZAB F . 2.93 2.94 1.35
HA2 ZAB F . 2.80 4.11 -1.31
HA3 ZAB F . 1.48 3.36 -0.40
HG2 ZAB F . 0.39 4.70 1.54
HD2 ZAB F . -0.58 6.94 2.00
HE ZAB F . 0.17 8.89 0.72
HG1 ZAB F . 3.04 6.45 -1.38
HJ2 ZAB F . -0.24 8.90 -3.68
HK2 ZAB F . -2.70 9.20 -3.75
HL ZAB F . -3.86 10.43 -1.97
HJ1 ZAB F . -0.05 11.21 -0.08
HM2 ZAB F . -2.14 11.52 1.16
HM3 ZAB F . -2.54 12.81 0.04
N GLY A 1 -22.47 7.10 6.27
CA GLY A 1 -21.06 6.79 6.57
C GLY A 1 -20.49 7.77 7.57
N PRO A 2 -19.32 7.46 8.17
CA PRO A 2 -18.68 8.35 9.12
C PRO A 2 -18.12 9.56 8.36
N SER A 3 -17.66 10.60 9.06
CA SER A 3 -17.12 11.77 8.40
C SER A 3 -15.74 11.37 7.93
N GLN A 4 -14.85 11.11 8.89
CA GLN A 4 -13.46 10.72 8.74
C GLN A 4 -12.90 10.55 10.16
N PRO A 5 -13.13 9.40 10.81
CA PRO A 5 -12.65 9.17 12.17
C PRO A 5 -11.15 8.88 12.20
N THR A 6 -10.56 8.92 13.39
CA THR A 6 -9.13 8.64 13.55
C THR A 6 -8.93 7.15 13.23
N TYR A 7 -7.83 6.81 12.55
CA TYR A 7 -7.48 5.45 12.13
C TYR A 7 -5.97 5.23 12.31
N PRO A 8 -5.46 3.99 12.22
CA PRO A 8 -4.03 3.74 12.35
C PRO A 8 -3.25 4.28 11.14
N GLY A 9 -3.92 4.40 9.99
CA GLY A 9 -3.33 4.88 8.76
C GLY A 9 -2.45 3.77 8.18
N PRO B 1 9.67 -0.73 7.72
CA PRO B 1 10.60 -1.23 6.72
C PRO B 1 9.85 -1.99 5.62
N VAL B 2 10.49 -2.12 4.45
CA VAL B 2 9.92 -2.80 3.29
C VAL B 2 9.43 -4.21 3.63
N GLU B 3 10.13 -4.94 4.50
CA GLU B 3 9.76 -6.30 4.90
C GLU B 3 8.35 -6.36 5.47
N ASP B 4 8.10 -5.65 6.57
CA ASP B 4 6.78 -5.63 7.20
C ASP B 4 5.77 -4.93 6.28
N LEU B 5 6.22 -4.00 5.44
CA LEU B 5 5.38 -3.27 4.51
C LEU B 5 4.83 -4.22 3.44
N ILE B 6 5.58 -5.22 2.99
CA ILE B 6 5.13 -6.19 1.98
C ILE B 6 3.94 -6.95 2.56
N ARG B 7 4.09 -7.38 3.83
CA ARG B 7 3.09 -8.12 4.57
C ARG B 7 1.85 -7.26 4.74
N PHE B 8 2.01 -6.10 5.37
CA PHE B 8 0.94 -5.13 5.62
C PHE B 8 0.19 -4.85 4.33
N TYR B 9 0.92 -4.59 3.23
CA TYR B 9 0.39 -4.27 1.92
C TYR B 9 -0.62 -5.31 1.40
N ASN B 10 -0.48 -6.58 1.76
CA ASN B 10 -1.41 -7.61 1.31
C ASN B 10 -2.61 -7.68 2.27
N ASP B 11 -2.36 -7.67 3.58
CA ASP B 11 -3.41 -7.75 4.60
C ASP B 11 -4.36 -6.54 4.50
N LEU B 12 -3.78 -5.39 4.16
CA LEU B 12 -4.37 -4.07 3.96
C LEU B 12 -5.51 -4.09 2.95
N GLN B 13 -5.55 -5.06 2.04
CA GLN B 13 -6.60 -5.12 1.04
C GLN B 13 -8.00 -5.06 1.65
N GLN B 14 -8.17 -5.64 2.84
CA GLN B 14 -9.44 -5.62 3.55
C GLN B 14 -9.61 -4.30 4.30
N TYR B 15 -8.58 -3.81 5.00
CA TYR B 15 -8.64 -2.55 5.74
C TYR B 15 -9.02 -1.41 4.80
N LEU B 16 -8.41 -1.36 3.62
CA LEU B 16 -8.70 -0.34 2.61
C LEU B 16 -10.16 -0.44 2.14
N ASN B 17 -10.76 -1.64 2.19
CA ASN B 17 -12.14 -1.89 1.80
C ASN B 17 -13.06 -1.11 2.74
N VAL B 18 -12.80 -1.20 4.05
CA VAL B 18 -13.57 -0.50 5.08
C VAL B 18 -13.41 1.01 4.89
N VAL B 19 -12.18 1.49 4.72
CA VAL B 19 -11.88 2.90 4.53
C VAL B 19 -12.66 3.46 3.34
N THR B 20 -12.64 2.77 2.20
CA THR B 20 -13.33 3.22 0.99
C THR B 20 -14.80 2.85 0.93
N ARG B 21 -15.28 2.12 1.93
CA ARG B 21 -16.66 1.64 2.00
C ARG B 21 -16.96 0.91 0.68
N HIS B 22 -16.02 0.04 0.29
CA HIS B 22 -16.03 -0.78 -0.92
C HIS B 22 -16.20 0.08 -2.17
N ARG B 23 -15.29 1.04 -2.39
CA ARG B 23 -15.36 1.94 -3.53
C ARG B 23 -13.96 2.44 -3.88
N TYR B 24 -13.14 1.59 -4.49
CA TYR B 24 -11.79 1.97 -4.86
C TYR B 24 -11.77 2.92 -6.06
N NH2 B 25 -12.80 2.90 -6.90
HN1 NH2 B 25 -13.56 2.25 -6.75
HN2 NH2 B 25 -12.76 3.44 -7.75
N GLY C 1 23.34 -6.74 -7.34
CA GLY C 1 22.24 -5.88 -7.76
C GLY C 1 22.17 -4.67 -6.83
N PRO C 2 21.08 -3.89 -6.88
CA PRO C 2 20.96 -2.73 -6.01
C PRO C 2 20.90 -3.15 -4.54
N SER C 3 21.15 -2.21 -3.64
CA SER C 3 21.12 -2.43 -2.21
C SER C 3 19.86 -1.73 -1.74
N GLN C 4 19.93 -0.41 -1.68
CA GLN C 4 18.82 0.44 -1.24
C GLN C 4 18.97 1.85 -1.85
N PRO C 5 18.95 1.96 -3.19
CA PRO C 5 19.09 3.24 -3.87
C PRO C 5 17.89 4.15 -3.59
N THR C 6 17.93 5.36 -4.12
CA THR C 6 16.86 6.32 -3.94
C THR C 6 15.59 5.74 -4.56
N TYR C 7 14.52 5.70 -3.77
CA TYR C 7 13.20 5.21 -4.15
C TYR C 7 12.21 6.24 -3.60
N PRO C 8 11.08 6.46 -4.28
CA PRO C 8 10.07 7.39 -3.79
C PRO C 8 9.28 6.77 -2.64
N GLY C 9 9.45 5.46 -2.41
CA GLY C 9 8.76 4.72 -1.37
C GLY C 9 7.27 4.70 -1.72
N PRO D 1 -3.49 11.93 0.41
CA PRO D 1 -4.79 11.55 0.96
C PRO D 1 -5.16 10.13 0.54
N VAL D 2 -6.20 9.60 1.19
CA VAL D 2 -6.74 8.26 0.96
C VAL D 2 -7.09 8.07 -0.54
N GLU D 3 -7.69 9.08 -1.16
CA GLU D 3 -8.09 9.09 -2.57
C GLU D 3 -6.96 8.70 -3.51
N ASP D 4 -5.88 9.49 -3.49
CA ASP D 4 -4.72 9.27 -4.34
C ASP D 4 -3.96 8.01 -3.93
N LEU D 5 -3.99 7.67 -2.63
CA LEU D 5 -3.35 6.48 -2.07
C LEU D 5 -3.99 5.24 -2.66
N ILE D 6 -5.30 5.19 -2.86
CA ILE D 6 -6.00 4.04 -3.44
C ILE D 6 -5.52 3.82 -4.88
N ARG D 7 -5.52 4.89 -5.69
CA ARG D 7 -5.11 4.80 -7.08
C ARG D 7 -3.67 4.31 -7.20
N PHE D 8 -2.77 4.87 -6.40
CA PHE D 8 -1.37 4.48 -6.42
C PHE D 8 -1.21 3.05 -5.87
N TYR D 9 -1.90 2.70 -4.78
CA TYR D 9 -1.86 1.39 -4.14
C TYR D 9 -2.18 0.24 -5.09
N ASN D 10 -3.06 0.45 -6.07
CA ASN D 10 -3.43 -0.58 -7.04
C ASN D 10 -2.36 -0.73 -8.13
N ASP D 11 -1.68 0.36 -8.50
CA ASP D 11 -0.61 0.33 -9.52
C ASP D 11 0.69 -0.19 -8.91
N LEU D 12 0.89 0.12 -7.63
CA LEU D 12 2.02 -0.23 -6.77
C LEU D 12 2.30 -1.72 -6.81
N GLN D 13 1.30 -2.56 -7.09
CA GLN D 13 1.44 -4.00 -7.19
C GLN D 13 2.62 -4.38 -8.10
N GLN D 14 2.84 -3.60 -9.15
CA GLN D 14 3.89 -3.79 -10.12
C GLN D 14 5.23 -3.22 -9.63
N TYR D 15 5.22 -2.03 -9.03
CA TYR D 15 6.42 -1.37 -8.50
C TYR D 15 7.02 -2.19 -7.36
N LEU D 16 6.18 -2.68 -6.44
CA LEU D 16 6.58 -3.50 -5.30
C LEU D 16 7.35 -4.74 -5.77
N ASN D 17 7.00 -5.24 -6.95
CA ASN D 17 7.64 -6.40 -7.55
C ASN D 17 9.14 -6.11 -7.78
N VAL D 18 9.47 -4.89 -8.23
CA VAL D 18 10.84 -4.46 -8.48
C VAL D 18 11.57 -4.26 -7.15
N VAL D 19 10.95 -3.58 -6.18
CA VAL D 19 11.57 -3.32 -4.88
C VAL D 19 11.95 -4.64 -4.21
N THR D 20 11.07 -5.64 -4.29
CA THR D 20 11.32 -6.95 -3.69
C THR D 20 12.13 -7.87 -4.57
N ARG D 21 12.33 -7.47 -5.82
CA ARG D 21 13.02 -8.24 -6.85
C ARG D 21 12.33 -9.60 -6.90
N HIS D 22 11.00 -9.56 -6.94
CA HIS D 22 10.10 -10.71 -6.99
C HIS D 22 10.39 -11.67 -5.82
N ARG D 23 10.51 -11.14 -4.59
CA ARG D 23 10.78 -11.92 -3.38
C ARG D 23 9.86 -11.43 -2.26
N TYR D 24 8.61 -11.87 -2.30
CA TYR D 24 7.62 -11.52 -1.29
C TYR D 24 7.73 -12.48 -0.10
N NH2 D 25 8.28 -13.68 -0.31
HN1 NH2 D 25 8.50 -13.95 -1.26
HN2 NH2 D 25 8.37 -14.33 0.46
N ZAB E . -1.69 4.09 7.13
CA ZAB E . -0.82 3.16 6.46
CB ZAB E . 0.57 3.15 7.05
CG2 ZAB E . 1.65 3.71 6.33
CD2 ZAB E . 2.96 3.57 6.80
CE ZAB E . 3.21 2.89 8.00
CD1 ZAB E . 2.13 2.38 8.75
CG1 ZAB E . 0.82 2.51 8.28
NG ZAB E . 2.34 1.70 9.94
NI ZAB E . 3.17 0.77 10.27
CI ZAB E . 4.15 0.14 9.50
CJ2 ZAB E . 3.82 -1.03 8.79
CK2 ZAB E . 4.81 -1.66 8.01
CL ZAB E . 6.10 -1.12 7.93
CK1 ZAB E . 6.43 0.06 8.65
CJ1 ZAB E . 5.45 0.68 9.45
CM ZAB E . 7.81 0.67 8.59
C ZAB E . 8.74 0.20 7.46
O ZAB E . 8.60 0.71 6.34
HN2 ZAB E . -1.74 5.04 6.77
HA2 ZAB E . -1.24 2.16 6.55
HA3 ZAB E . -0.76 3.41 5.40
HG2 ZAB E . 1.47 4.19 5.38
HD2 ZAB E . 3.79 3.94 6.22
HE ZAB E . 4.24 2.74 8.29
HG1 ZAB E . -0.01 2.07 8.83
HJ2 ZAB E . 2.81 -1.43 8.83
HK2 ZAB E . 4.54 -2.54 7.45
HL ZAB E . 6.83 -1.62 7.30
HJ1 ZAB E . 5.68 1.57 9.99
HM2 ZAB E . 7.69 1.75 8.48
HM3 ZAB E . 8.29 0.50 9.55
N ZAB F . 6.43 4.52 -0.71
CA ZAB F . 4.99 4.48 -0.89
CB ZAB F . 4.33 5.76 -0.42
CG2 ZAB F . 3.51 5.74 0.71
CD2 ZAB F . 2.82 6.90 1.12
CE ZAB F . 2.98 8.09 0.39
CD1 ZAB F . 3.81 8.09 -0.76
CG1 ZAB F . 4.49 6.94 -1.16
NG ZAB F . 3.91 9.23 -1.54
NI ZAB F . 2.98 10.02 -1.97
CI ZAB F . 1.61 9.95 -1.82
CJ2 ZAB F . 0.87 8.96 -2.46
CK2 ZAB F . -0.52 8.93 -2.29
CL ZAB F . -1.16 9.85 -1.44
CK1 ZAB F . -0.39 10.83 -0.76
CJ1 ZAB F . 1.01 10.87 -0.98
CM ZAB F . -1.03 11.83 0.17
C ZAB F . -2.34 11.41 0.85
O ZAB F . -2.30 10.64 1.82
HN2 ZAB F . 6.78 4.43 0.24
HA2 ZAB F . 4.77 4.37 -1.94
HA3 ZAB F . 4.58 3.64 -0.34
HG2 ZAB F . 3.37 4.84 1.27
HD2 ZAB F . 2.20 6.88 2.00
HE ZAB F . 2.44 8.97 0.66
HG1 ZAB F . 5.08 6.98 -2.05
HJ2 ZAB F . 1.37 8.24 -3.11
HK2 ZAB F . -1.11 8.21 -2.85
HL ZAB F . -2.23 9.78 -1.33
HJ1 ZAB F . 1.61 11.61 -0.47
HM2 ZAB F . -0.31 12.06 0.95
HM3 ZAB F . -1.17 12.75 -0.40
N GLY A 1 -19.08 4.73 13.29
CA GLY A 1 -17.88 4.50 12.47
C GLY A 1 -16.65 4.66 13.34
N PRO A 2 -15.52 5.15 12.80
CA PRO A 2 -14.33 5.36 13.61
C PRO A 2 -14.69 6.42 14.66
N SER A 3 -14.34 6.19 15.92
CA SER A 3 -14.64 7.11 17.00
C SER A 3 -13.78 8.37 16.88
N GLN A 4 -12.55 8.26 16.35
CA GLN A 4 -11.63 9.38 16.22
C GLN A 4 -10.64 9.15 15.06
N PRO A 5 -9.75 10.12 14.75
CA PRO A 5 -8.78 9.95 13.66
C PRO A 5 -7.64 9.01 14.09
N THR A 6 -7.82 7.71 13.88
CA THR A 6 -6.85 6.67 14.18
C THR A 6 -7.05 5.56 13.16
N TYR A 7 -6.06 5.37 12.30
CA TYR A 7 -5.98 4.36 11.26
C TYR A 7 -4.49 4.18 10.94
N PRO A 8 -4.11 3.06 10.31
CA PRO A 8 -2.71 2.80 9.98
C PRO A 8 -2.23 3.53 8.73
N GLY A 9 -3.13 4.00 7.86
CA GLY A 9 -2.74 4.65 6.62
C GLY A 9 -2.06 3.56 5.81
N PRO B 1 10.26 -0.73 7.72
CA PRO B 1 11.16 -1.57 6.94
C PRO B 1 10.44 -2.20 5.75
N VAL B 2 11.17 -2.41 4.66
CA VAL B 2 10.65 -3.00 3.43
C VAL B 2 10.00 -4.37 3.69
N GLU B 3 10.52 -5.14 4.67
CA GLU B 3 10.05 -6.44 5.05
C GLU B 3 8.60 -6.40 5.53
N ASP B 4 8.31 -5.55 6.50
CA ASP B 4 6.94 -5.43 7.00
C ASP B 4 6.08 -4.82 5.91
N LEU B 5 6.63 -3.87 5.13
CA LEU B 5 5.92 -3.22 4.05
C LEU B 5 5.69 -4.14 2.83
N ILE B 6 5.85 -5.46 2.98
CA ILE B 6 5.62 -6.50 1.98
C ILE B 6 4.42 -7.27 2.52
N ARG B 7 4.50 -7.74 3.77
CA ARG B 7 3.45 -8.51 4.44
C ARG B 7 2.27 -7.62 4.84
N PHE B 8 2.51 -6.65 5.73
CA PHE B 8 1.49 -5.73 6.21
C PHE B 8 0.80 -5.05 5.03
N TYR B 9 1.56 -4.59 4.02
CA TYR B 9 1.02 -3.92 2.84
C TYR B 9 -0.07 -4.74 2.14
N ASN B 10 0.18 -6.05 2.01
CA ASN B 10 -0.72 -6.98 1.36
C ASN B 10 -1.98 -7.17 2.19
N ASP B 11 -1.82 -7.47 3.48
CA ASP B 11 -2.95 -7.69 4.39
C ASP B 11 -3.77 -6.41 4.63
N LEU B 12 -3.14 -5.26 4.41
CA LEU B 12 -3.71 -3.91 4.54
C LEU B 12 -4.72 -3.67 3.42
N GLN B 13 -4.78 -4.48 2.36
CA GLN B 13 -5.73 -4.27 1.29
C GLN B 13 -7.17 -4.26 1.82
N GLN B 14 -7.43 -5.04 2.86
CA GLN B 14 -8.72 -5.15 3.52
C GLN B 14 -9.09 -3.81 4.19
N TYR B 15 -8.14 -3.06 4.77
CA TYR B 15 -8.40 -1.78 5.42
C TYR B 15 -9.08 -0.85 4.41
N LEU B 16 -8.45 -0.67 3.25
CA LEU B 16 -8.96 0.16 2.16
C LEU B 16 -10.34 -0.31 1.71
N ASN B 17 -10.61 -1.61 1.80
CA ASN B 17 -11.92 -2.17 1.42
C ASN B 17 -12.97 -1.59 2.36
N VAL B 18 -12.69 -1.56 3.67
CA VAL B 18 -13.59 -1.02 4.67
C VAL B 18 -13.78 0.48 4.43
N VAL B 19 -12.70 1.26 4.20
CA VAL B 19 -12.80 2.70 3.97
C VAL B 19 -13.69 2.99 2.76
N THR B 20 -13.39 2.42 1.60
CA THR B 20 -14.19 2.63 0.39
C THR B 20 -15.53 1.91 0.40
N ARG B 21 -15.83 1.16 1.47
CA ARG B 21 -17.04 0.35 1.57
C ARG B 21 -17.12 -0.51 0.29
N HIS B 22 -15.96 -0.99 -0.17
CA HIS B 22 -15.73 -1.82 -1.36
C HIS B 22 -16.04 -1.10 -2.69
N ARG B 23 -16.18 0.22 -2.72
CA ARG B 23 -16.51 1.02 -3.91
C ARG B 23 -15.26 1.73 -4.46
N TYR B 24 -14.30 0.96 -4.97
CA TYR B 24 -13.08 1.52 -5.54
C TYR B 24 -13.44 2.11 -6.90
N NH2 B 25 -13.39 3.42 -7.08
HN1 NH2 B 25 -12.95 4.05 -6.39
HN2 NH2 B 25 -13.55 3.75 -8.02
N GLY C 1 20.41 -1.77 -10.06
CA GLY C 1 19.27 -0.87 -10.01
C GLY C 1 19.67 0.54 -9.65
N PRO C 2 19.24 1.06 -8.48
CA PRO C 2 19.55 2.42 -8.04
C PRO C 2 21.03 2.64 -7.76
N SER C 3 21.39 3.88 -7.45
CA SER C 3 22.75 4.32 -7.13
C SER C 3 22.77 5.21 -5.88
N GLN C 4 21.62 5.76 -5.49
CA GLN C 4 21.41 6.61 -4.33
C GLN C 4 20.23 6.04 -3.52
N PRO C 5 20.11 6.38 -2.23
CA PRO C 5 19.04 5.88 -1.37
C PRO C 5 17.74 6.66 -1.59
N THR C 6 17.06 6.39 -2.67
CA THR C 6 15.79 7.04 -2.98
C THR C 6 14.93 6.08 -3.81
N TYR C 7 13.66 5.99 -3.41
CA TYR C 7 12.60 5.19 -3.99
C TYR C 7 11.29 5.91 -3.65
N PRO C 8 10.21 5.72 -4.43
CA PRO C 8 8.93 6.38 -4.19
C PRO C 8 8.17 5.90 -2.95
N GLY C 9 8.48 4.71 -2.43
CA GLY C 9 7.84 4.17 -1.23
C GLY C 9 6.31 4.14 -1.34
N PRO D 1 -3.67 12.22 0.34
CA PRO D 1 -5.05 12.01 0.75
C PRO D 1 -5.48 10.55 0.50
N VAL D 2 -6.55 10.12 1.17
CA VAL D 2 -7.06 8.76 1.02
C VAL D 2 -7.56 8.47 -0.40
N GLU D 3 -7.96 9.50 -1.14
CA GLU D 3 -8.45 9.41 -2.52
C GLU D 3 -7.33 8.95 -3.47
N ASP D 4 -6.07 9.18 -3.09
CA ASP D 4 -4.90 8.78 -3.87
C ASP D 4 -4.50 7.37 -3.46
N LEU D 5 -4.68 7.02 -2.17
CA LEU D 5 -4.37 5.71 -1.58
C LEU D 5 -5.29 4.60 -2.15
N ILE D 6 -6.13 4.90 -3.12
CA ILE D 6 -7.04 3.98 -3.78
C ILE D 6 -6.51 3.71 -5.18
N ARG D 7 -6.22 4.78 -5.94
CA ARG D 7 -5.73 4.69 -7.31
C ARG D 7 -4.26 4.32 -7.33
N PHE D 8 -3.40 5.19 -6.77
CA PHE D 8 -1.96 4.97 -6.72
C PHE D 8 -1.67 3.63 -6.05
N TYR D 9 -2.40 3.25 -4.99
CA TYR D 9 -2.21 1.99 -4.28
C TYR D 9 -2.39 0.76 -5.17
N ASN D 10 -3.21 0.86 -6.23
CA ASN D 10 -3.46 -0.25 -7.16
C ASN D 10 -2.25 -0.45 -8.07
N ASP D 11 -1.69 0.64 -8.61
CA ASP D 11 -0.53 0.55 -9.49
C ASP D 11 0.77 0.42 -8.68
N LEU D 12 0.75 0.79 -7.39
CA LEU D 12 1.85 0.71 -6.43
C LEU D 12 2.28 -0.74 -6.23
N GLN D 13 1.37 -1.68 -6.50
CA GLN D 13 1.62 -3.11 -6.40
C GLN D 13 2.84 -3.50 -7.24
N GLN D 14 3.04 -2.79 -8.37
CA GLN D 14 4.13 -3.01 -9.30
C GLN D 14 5.48 -2.69 -8.64
N TYR D 15 5.64 -1.52 -7.99
CA TYR D 15 6.89 -1.13 -7.34
C TYR D 15 7.38 -2.23 -6.38
N LEU D 16 6.46 -2.75 -5.56
CA LEU D 16 6.75 -3.81 -4.60
C LEU D 16 7.24 -5.07 -5.31
N ASN D 17 6.72 -5.33 -6.51
CA ASN D 17 7.08 -6.46 -7.34
C ASN D 17 8.53 -6.28 -7.79
N VAL D 18 8.92 -5.07 -8.21
CA VAL D 18 10.29 -4.78 -8.63
C VAL D 18 11.25 -5.04 -7.46
N VAL D 19 10.95 -4.50 -6.28
CA VAL D 19 11.77 -4.63 -5.06
C VAL D 19 12.03 -6.12 -4.75
N THR D 20 10.98 -6.92 -4.66
CA THR D 20 11.09 -8.34 -4.35
C THR D 20 11.46 -9.20 -5.57
N ARG D 21 11.57 -8.58 -6.74
CA ARG D 21 11.85 -9.23 -8.01
C ARG D 21 10.82 -10.36 -8.19
N HIS D 22 9.58 -10.13 -7.74
CA HIS D 22 8.40 -11.00 -7.73
C HIS D 22 8.47 -12.10 -6.65
N ARG D 23 9.54 -12.13 -5.85
CA ARG D 23 9.75 -13.15 -4.81
C ARG D 23 9.30 -12.69 -3.44
N TYR D 24 7.99 -12.61 -3.24
CA TYR D 24 7.44 -12.23 -1.94
C TYR D 24 7.57 -13.47 -1.04
N NH2 D 25 7.81 -13.27 0.24
HN1 NH2 D 25 7.95 -12.34 0.64
HN2 NH2 D 25 8.08 -14.07 0.81
N ZAB E . -0.80 3.77 5.43
CA ZAB E . 0.01 2.82 4.68
CB ZAB E . 1.41 2.84 5.27
CG2 ZAB E . 2.51 3.01 4.43
CD2 ZAB E . 3.81 3.05 4.96
CE ZAB E . 4.00 2.86 6.34
CD1 ZAB E . 2.89 2.64 7.18
CG1 ZAB E . 1.60 2.67 6.65
NG ZAB E . 3.06 2.44 8.54
NI ZAB E . 3.92 1.72 9.18
CI ZAB E . 4.93 0.92 8.70
CJ2 ZAB E . 4.59 -0.31 8.12
CK2 ZAB E . 5.59 -1.08 7.52
CL ZAB E . 6.92 -0.61 7.48
CK1 ZAB E . 7.26 0.64 8.05
CJ1 ZAB E . 6.24 1.39 8.67
CM ZAB E . 8.69 1.16 8.05
C ZAB E . 9.73 0.39 7.21
O ZAB E . 10.01 0.80 6.07
HN2 ZAB E . -0.39 4.68 5.61
HA2 ZAB E . -0.38 1.81 4.82
HA3 ZAB E . 0.04 3.07 3.63
HG2 ZAB E . 2.36 3.10 3.36
HD2 ZAB E . 4.66 3.18 4.30
HE ZAB E . 5.01 2.89 6.74
HG1 ZAB E . 0.77 2.52 7.31
HJ2 ZAB E . 3.57 -0.67 8.15
HK2 ZAB E . 5.34 -2.03 7.10
HL ZAB E . 7.65 -1.24 7.02
HJ1 ZAB E . 6.46 2.36 9.12
HM2 ZAB E . 8.65 2.18 7.68
HM3 ZAB E . 9.03 1.20 9.08
N ZAB F . 5.65 4.34 -0.20
CA ZAB F . 4.21 4.36 -0.03
CB ZAB F . 3.79 5.71 0.51
CG2 ZAB F . 3.19 5.82 1.77
CD2 ZAB F . 2.78 7.08 2.25
CE ZAB F . 2.99 8.22 1.48
CD1 ZAB F . 3.62 8.11 0.23
CG1 ZAB F . 4.01 6.86 -0.27
NG ZAB F . 3.87 9.24 -0.52
NI ZAB F . 3.02 10.07 -1.01
CI ZAB F . 1.64 10.05 -0.96
CJ2 ZAB F . 0.94 9.06 -1.65
CK2 ZAB F . -0.45 9.04 -1.59
CL ZAB F . -1.15 10.02 -0.87
CK1 ZAB F . -0.45 11.02 -0.16
CJ1 ZAB F . 0.96 11.02 -0.20
CM ZAB F . -1.20 12.11 0.61
C ZAB F . -2.62 11.77 1.05
O ZAB F . -2.78 11.04 2.05
HN2 ZAB F . 6.21 4.54 0.63
HA2 ZAB F . 3.70 4.18 -0.98
HA3 ZAB F . 3.92 3.59 0.69
HG2 ZAB F . 3.02 4.94 2.38
HD2 ZAB F . 2.29 7.16 3.22
HE ZAB F . 2.64 9.18 1.84
HG1 ZAB F . 4.46 6.77 -1.25
HJ2 ZAB F . 1.47 8.33 -2.25
HK2 ZAB F . -1.01 8.29 -2.15
HL ZAB F . -2.23 10.01 -0.85
HJ1 ZAB F . 1.55 11.77 0.31
HM2 ZAB F . -0.62 12.30 1.51
HM3 ZAB F . -1.18 13.01 0.01
N GLY A 1 -20.79 11.07 7.04
CA GLY A 1 -19.94 10.23 7.89
C GLY A 1 -18.89 11.07 8.59
N PRO A 2 -17.82 10.44 9.09
CA PRO A 2 -16.73 11.16 9.75
C PRO A 2 -15.98 11.98 8.69
N SER A 3 -15.14 12.91 9.16
CA SER A 3 -14.37 13.77 8.29
C SER A 3 -12.99 13.15 8.10
N GLN A 4 -12.23 13.02 9.19
CA GLN A 4 -10.88 12.48 9.20
C GLN A 4 -10.65 11.67 10.48
N PRO A 5 -11.20 10.45 10.61
CA PRO A 5 -11.01 9.65 11.81
C PRO A 5 -9.58 9.15 11.91
N THR A 6 -9.11 8.85 13.13
CA THR A 6 -7.77 8.34 13.33
C THR A 6 -7.76 6.93 12.77
N TYR A 7 -6.76 6.63 11.95
CA TYR A 7 -6.54 5.35 11.31
C TYR A 7 -5.04 5.20 11.05
N PRO A 8 -4.54 3.97 10.84
CA PRO A 8 -3.12 3.73 10.58
C PRO A 8 -2.70 4.11 9.16
N GLY A 9 -3.62 4.01 8.19
CA GLY A 9 -3.29 4.30 6.81
C GLY A 9 -2.35 3.21 6.30
N PRO B 1 9.90 -0.99 8.26
CA PRO B 1 10.89 -1.70 7.48
C PRO B 1 10.19 -2.34 6.28
N VAL B 2 10.80 -2.29 5.10
CA VAL B 2 10.23 -2.83 3.88
C VAL B 2 9.89 -4.33 4.00
N GLU B 3 10.66 -5.10 4.78
CA GLU B 3 10.41 -6.53 4.97
C GLU B 3 9.06 -6.83 5.62
N ASP B 4 8.54 -5.87 6.41
CA ASP B 4 7.25 -5.92 7.08
C ASP B 4 6.23 -5.23 6.17
N LEU B 5 6.61 -4.11 5.55
CA LEU B 5 5.78 -3.33 4.63
C LEU B 5 5.23 -4.18 3.49
N ILE B 6 5.98 -5.17 3.00
CA ILE B 6 5.56 -6.07 1.93
C ILE B 6 4.40 -6.95 2.43
N ARG B 7 4.58 -7.61 3.58
CA ARG B 7 3.58 -8.49 4.18
C ARG B 7 2.34 -7.66 4.50
N PHE B 8 2.57 -6.53 5.18
CA PHE B 8 1.59 -5.57 5.61
C PHE B 8 0.75 -5.10 4.43
N TYR B 9 1.38 -4.63 3.35
CA TYR B 9 0.71 -4.13 2.14
C TYR B 9 -0.35 -5.09 1.61
N ASN B 10 -0.05 -6.39 1.61
CA ASN B 10 -0.96 -7.40 1.10
C ASN B 10 -2.22 -7.43 1.95
N ASP B 11 -2.08 -7.39 3.28
CA ASP B 11 -3.22 -7.41 4.19
C ASP B 11 -3.89 -6.04 4.31
N LEU B 12 -3.16 -4.95 4.04
CA LEU B 12 -3.58 -3.54 4.06
C LEU B 12 -4.78 -3.33 3.11
N GLN B 13 -4.95 -4.25 2.17
CA GLN B 13 -6.04 -4.26 1.21
C GLN B 13 -7.38 -4.25 1.96
N GLN B 14 -7.46 -4.90 3.14
CA GLN B 14 -8.65 -4.98 3.95
C GLN B 14 -8.99 -3.65 4.63
N TYR B 15 -8.02 -2.79 4.90
CA TYR B 15 -8.23 -1.49 5.52
C TYR B 15 -8.90 -0.61 4.45
N LEU B 16 -8.33 -0.59 3.24
CA LEU B 16 -8.86 0.19 2.12
C LEU B 16 -10.27 -0.28 1.77
N ASN B 17 -10.56 -1.58 1.96
CA ASN B 17 -11.86 -2.16 1.71
C ASN B 17 -12.89 -1.54 2.65
N VAL B 18 -12.55 -1.17 3.89
CA VAL B 18 -13.51 -0.55 4.82
C VAL B 18 -13.74 0.90 4.38
N VAL B 19 -12.64 1.64 4.19
CA VAL B 19 -12.60 3.03 3.80
C VAL B 19 -13.52 3.28 2.58
N THR B 20 -13.52 2.36 1.62
CA THR B 20 -14.31 2.46 0.39
C THR B 20 -15.48 1.51 0.33
N ARG B 21 -15.74 0.73 1.38
CA ARG B 21 -16.80 -0.29 1.42
C ARG B 21 -16.67 -1.17 0.16
N HIS B 22 -15.41 -1.50 -0.19
CA HIS B 22 -14.97 -2.31 -1.30
C HIS B 22 -15.57 -1.82 -2.64
N ARG B 23 -15.74 -0.51 -2.83
CA ARG B 23 -16.30 0.08 -4.06
C ARG B 23 -15.61 -0.39 -5.33
N TYR B 24 -14.28 -0.36 -5.32
CA TYR B 24 -13.46 -0.77 -6.46
C TYR B 24 -13.52 -2.29 -6.68
N NH2 B 25 -14.05 -3.06 -5.75
HN1 NH2 B 25 -14.49 -2.66 -4.93
HN2 NH2 B 25 -14.17 -4.05 -5.92
N GLY C 1 24.26 -5.10 -1.66
CA GLY C 1 23.39 -4.43 -2.63
C GLY C 1 23.18 -2.99 -2.17
N PRO C 2 22.05 -2.37 -2.54
CA PRO C 2 21.74 -1.01 -2.15
C PRO C 2 21.68 -0.85 -0.64
N SER C 3 21.92 0.38 -0.19
CA SER C 3 21.90 0.73 1.22
C SER C 3 20.54 1.39 1.46
N GLN C 4 20.29 2.57 0.87
CA GLN C 4 19.02 3.28 0.99
C GLN C 4 18.90 4.36 -0.12
N PRO C 5 18.82 3.96 -1.40
CA PRO C 5 18.68 4.88 -2.51
C PRO C 5 17.31 5.55 -2.48
N THR C 6 17.13 6.60 -3.28
CA THR C 6 15.87 7.31 -3.34
C THR C 6 14.86 6.43 -4.08
N TYR C 7 13.61 6.47 -3.65
CA TYR C 7 12.49 5.74 -4.22
C TYR C 7 11.24 6.57 -3.91
N PRO C 8 10.17 6.49 -4.72
CA PRO C 8 8.96 7.25 -4.45
C PRO C 8 8.24 6.69 -3.21
N GLY C 9 8.44 5.41 -2.88
CA GLY C 9 7.84 4.76 -1.74
C GLY C 9 6.33 4.67 -1.91
N PRO D 1 -4.08 12.49 -0.60
CA PRO D 1 -5.43 12.22 -0.15
C PRO D 1 -5.76 10.75 -0.31
N VAL D 2 -6.71 10.27 0.50
CA VAL D 2 -7.14 8.87 0.49
C VAL D 2 -7.64 8.40 -0.88
N GLU D 3 -8.36 9.24 -1.63
CA GLU D 3 -8.89 8.89 -2.95
C GLU D 3 -7.77 8.50 -3.91
N ASP D 4 -6.77 9.38 -3.96
CA ASP D 4 -5.60 9.23 -4.79
C ASP D 4 -4.78 8.05 -4.31
N LEU D 5 -4.70 7.83 -2.99
CA LEU D 5 -3.96 6.72 -2.42
C LEU D 5 -4.61 5.39 -2.80
N ILE D 6 -5.93 5.29 -2.88
CA ILE D 6 -6.62 4.04 -3.27
C ILE D 6 -6.20 3.68 -4.70
N ARG D 7 -6.27 4.64 -5.62
CA ARG D 7 -5.92 4.47 -7.03
C ARG D 7 -4.45 4.08 -7.13
N PHE D 8 -3.60 4.87 -6.49
CA PHE D 8 -2.16 4.73 -6.43
C PHE D 8 -1.78 3.35 -5.89
N TYR D 9 -2.28 2.97 -4.71
CA TYR D 9 -2.03 1.72 -4.01
C TYR D 9 -2.13 0.50 -4.91
N ASN D 10 -3.13 0.45 -5.79
CA ASN D 10 -3.32 -0.69 -6.69
C ASN D 10 -2.19 -0.78 -7.69
N ASP D 11 -1.94 0.30 -8.41
CA ASP D 11 -0.89 0.36 -9.43
C ASP D 11 0.52 0.30 -8.82
N LEU D 12 0.63 0.73 -7.56
CA LEU D 12 1.83 0.77 -6.72
C LEU D 12 2.35 -0.65 -6.47
N GLN D 13 1.54 -1.69 -6.74
CA GLN D 13 1.96 -3.07 -6.55
C GLN D 13 3.26 -3.34 -7.32
N GLN D 14 3.46 -2.63 -8.45
CA GLN D 14 4.65 -2.73 -9.28
C GLN D 14 5.91 -2.35 -8.51
N TYR D 15 5.86 -1.37 -7.60
CA TYR D 15 7.02 -0.97 -6.81
C TYR D 15 7.47 -2.18 -6.00
N LEU D 16 6.54 -2.84 -5.31
CA LEU D 16 6.83 -4.02 -4.50
C LEU D 16 7.24 -5.19 -5.39
N ASN D 17 6.68 -5.31 -6.61
CA ASN D 17 7.02 -6.35 -7.55
C ASN D 17 8.51 -6.19 -7.85
N VAL D 18 8.98 -5.00 -8.21
CA VAL D 18 10.38 -4.75 -8.51
C VAL D 18 11.25 -5.01 -7.27
N VAL D 19 10.95 -4.36 -6.15
CA VAL D 19 11.68 -4.45 -4.88
C VAL D 19 11.86 -5.87 -4.37
N THR D 20 10.95 -6.80 -4.67
CA THR D 20 11.02 -8.20 -4.22
C THR D 20 11.17 -9.16 -5.40
N ARG D 21 11.32 -8.63 -6.62
CA ARG D 21 11.40 -9.40 -7.86
C ARG D 21 10.23 -10.40 -7.88
N HIS D 22 9.05 -9.91 -7.51
CA HIS D 22 7.76 -10.59 -7.44
C HIS D 22 7.83 -11.89 -6.62
N ARG D 23 8.64 -11.94 -5.54
CA ARG D 23 8.78 -13.16 -4.72
C ARG D 23 7.46 -13.72 -4.20
N TYR D 24 6.57 -12.83 -3.79
CA TYR D 24 5.26 -13.17 -3.26
C TYR D 24 4.29 -13.64 -4.35
N NH2 D 25 4.65 -13.60 -5.62
HN1 NH2 D 25 5.58 -13.33 -5.92
HN2 NH2 D 25 3.97 -13.92 -6.30
N ZAB E . -1.49 3.55 5.35
CA ZAB E . -0.51 2.67 4.74
CB ZAB E . 0.84 2.90 5.38
CG2 ZAB E . 1.92 3.41 4.62
CD2 ZAB E . 3.19 3.56 5.21
CE ZAB E . 3.40 3.18 6.54
CD1 ZAB E . 2.32 2.70 7.31
CG1 ZAB E . 1.04 2.59 6.74
NG ZAB E . 2.49 2.32 8.63
NI ZAB E . 3.32 1.50 9.19
CI ZAB E . 4.32 0.69 8.70
CJ2 ZAB E . 4.03 -0.64 8.34
CK2 ZAB E . 5.07 -1.51 7.99
CL ZAB E . 6.40 -1.07 8.02
CK1 ZAB E . 6.70 0.26 8.40
CJ1 ZAB E . 5.66 1.14 8.74
CM ZAB E . 8.14 0.74 8.60
C ZAB E . 9.23 0.08 7.77
O ZAB E . 9.48 0.53 6.65
HN2 ZAB E . -1.50 4.51 5.01
HA2 ZAB E . -0.79 1.63 4.89
HA3 ZAB E . -0.44 2.89 3.67
HG2 ZAB E . 1.77 3.69 3.59
HD2 ZAB E . 4.00 3.98 4.64
HE ZAB E . 4.38 3.28 6.99
HG1 ZAB E . 0.20 2.24 7.33
HJ2 ZAB E . 3.01 -0.99 8.37
HK2 ZAB E . 4.85 -2.54 7.76
HL ZAB E . 7.18 -1.78 7.79
HJ1 ZAB E . 5.86 2.15 9.07
HM2 ZAB E . 8.15 1.81 8.38
HM3 ZAB E . 8.36 0.62 9.67
N ZAB F . 5.62 4.40 -0.81
CA ZAB F . 4.18 4.28 -0.78
CB ZAB F . 3.52 5.58 -0.35
CG2 ZAB F . 2.61 5.59 0.72
CD2 ZAB F . 1.91 6.77 1.04
CE ZAB F . 2.09 7.92 0.26
CD1 ZAB F . 3.00 7.91 -0.80
CG1 ZAB F . 3.75 6.75 -1.09
NG ZAB F . 3.21 9.02 -1.61
NI ZAB F . 2.41 9.87 -2.16
CI ZAB F . 1.04 10.00 -2.15
CJ2 ZAB F . 0.26 9.17 -3.00
CK2 ZAB F . -1.13 9.34 -3.02
CL ZAB F . -1.74 10.31 -2.20
CK1 ZAB F . -0.96 11.14 -1.36
CJ1 ZAB F . 0.44 10.97 -1.35
CM ZAB F . -1.59 12.26 -0.54
C ZAB F . -2.99 11.98 0.02
O ZAB F . -3.09 11.28 1.04
HN2 ZAB F . 6.10 4.30 0.08
HA2 ZAB F . 3.80 4.02 -1.78
HA3 ZAB F . 3.89 3.48 -0.09
HG2 ZAB F . 2.43 4.69 1.29
HD2 ZAB F . 1.20 6.77 1.86
HE ZAB F . 1.52 8.82 0.48
HG1 ZAB F . 4.41 6.77 -1.94
HJ2 ZAB F . 0.74 8.45 -3.63
HK2 ZAB F . -1.73 8.74 -3.68
HL ZAB F . -2.82 10.42 -2.24
HJ1 ZAB F . 1.08 11.61 -0.75
HM2 ZAB F . -0.93 12.46 0.30
HM3 ZAB F . -1.61 13.14 -1.17
N GLY A 1 -21.94 3.85 10.11
CA GLY A 1 -20.47 3.83 10.02
C GLY A 1 -19.96 5.16 9.49
N PRO A 2 -18.64 5.28 9.28
CA PRO A 2 -18.03 6.51 8.76
C PRO A 2 -18.53 6.77 7.34
N SER A 3 -18.37 8.00 6.83
CA SER A 3 -18.82 8.38 5.50
C SER A 3 -17.66 8.55 4.50
N GLN A 4 -16.50 9.05 4.94
CA GLN A 4 -15.34 9.26 4.07
C GLN A 4 -14.06 8.79 4.75
N PRO A 5 -13.02 8.43 3.97
CA PRO A 5 -11.75 8.01 4.52
C PRO A 5 -11.02 9.22 5.09
N THR A 6 -10.16 8.99 6.09
CA THR A 6 -9.37 10.03 6.73
C THR A 6 -8.06 9.50 7.32
N TYR A 7 -7.81 8.19 7.24
CA TYR A 7 -6.60 7.54 7.73
C TYR A 7 -5.33 8.18 7.13
N PRO A 8 -4.13 7.96 7.71
CA PRO A 8 -2.89 8.54 7.21
C PRO A 8 -2.45 7.99 5.85
N GLY A 9 -3.14 6.98 5.32
CA GLY A 9 -2.87 6.35 4.04
C GLY A 9 -2.64 4.88 4.26
N PRO B 1 9.36 -0.84 7.87
CA PRO B 1 10.39 -1.42 7.02
C PRO B 1 9.74 -2.16 5.85
N VAL B 2 10.41 -2.22 4.71
CA VAL B 2 9.91 -2.87 3.48
C VAL B 2 9.50 -4.32 3.75
N GLU B 3 10.29 -5.06 4.51
CA GLU B 3 10.02 -6.46 4.83
C GLU B 3 8.67 -6.62 5.54
N ASP B 4 8.34 -5.72 6.46
CA ASP B 4 7.07 -5.77 7.18
C ASP B 4 5.97 -5.22 6.29
N LEU B 5 6.25 -4.09 5.62
CA LEU B 5 5.32 -3.41 4.73
C LEU B 5 4.88 -4.36 3.63
N ILE B 6 5.70 -5.33 3.19
CA ILE B 6 5.34 -6.31 2.16
C ILE B 6 4.18 -7.17 2.67
N ARG B 7 4.33 -7.76 3.87
CA ARG B 7 3.31 -8.62 4.47
C ARG B 7 2.07 -7.80 4.82
N PHE B 8 2.29 -6.65 5.45
CA PHE B 8 1.26 -5.70 5.87
C PHE B 8 0.45 -5.22 4.67
N TYR B 9 1.09 -4.88 3.55
CA TYR B 9 0.47 -4.40 2.31
C TYR B 9 -0.54 -5.41 1.77
N ASN B 10 -0.26 -6.71 1.89
CA ASN B 10 -1.19 -7.71 1.41
C ASN B 10 -2.46 -7.59 2.24
N ASP B 11 -2.29 -7.55 3.57
CA ASP B 11 -3.36 -7.44 4.53
C ASP B 11 -4.14 -6.12 4.42
N LEU B 12 -3.45 -5.07 3.98
CA LEU B 12 -3.98 -3.72 3.79
C LEU B 12 -5.12 -3.72 2.76
N GLN B 13 -5.23 -4.77 1.94
CA GLN B 13 -6.29 -4.92 0.95
C GLN B 13 -7.64 -4.93 1.65
N GLN B 14 -7.72 -5.52 2.84
CA GLN B 14 -8.93 -5.63 3.64
C GLN B 14 -9.18 -4.30 4.35
N TYR B 15 -8.14 -3.66 4.86
CA TYR B 15 -8.21 -2.39 5.57
C TYR B 15 -8.80 -1.31 4.65
N LEU B 16 -8.26 -1.17 3.43
CA LEU B 16 -8.75 -0.20 2.43
C LEU B 16 -10.18 -0.54 2.01
N ASN B 17 -10.59 -1.82 2.11
CA ASN B 17 -11.93 -2.25 1.75
C ASN B 17 -12.97 -1.55 2.63
N VAL B 18 -12.59 -1.12 3.84
CA VAL B 18 -13.46 -0.44 4.79
C VAL B 18 -13.35 1.09 4.67
N VAL B 19 -12.15 1.65 4.40
CA VAL B 19 -11.97 3.11 4.32
C VAL B 19 -12.93 3.80 3.32
N THR B 20 -13.21 3.16 2.18
CA THR B 20 -14.14 3.69 1.18
C THR B 20 -15.33 2.76 0.95
N ARG B 21 -15.45 1.70 1.75
CA ARG B 21 -16.50 0.70 1.62
C ARG B 21 -16.46 0.14 0.20
N HIS B 22 -15.25 -0.22 -0.24
CA HIS B 22 -14.96 -0.78 -1.55
C HIS B 22 -15.51 0.12 -2.67
N ARG B 23 -15.14 1.41 -2.64
CA ARG B 23 -15.60 2.33 -3.67
C ARG B 23 -14.89 2.01 -4.99
N TYR B 24 -13.58 1.79 -4.93
CA TYR B 24 -12.69 1.46 -6.03
C TYR B 24 -12.76 -0.03 -6.37
N NH2 B 25 -12.11 -0.47 -7.42
HN1 NH2 B 25 -11.59 0.15 -8.04
HN2 NH2 B 25 -12.14 -1.46 -7.67
N GLY C 1 21.81 -5.23 -9.82
CA GLY C 1 20.93 -4.13 -9.38
C GLY C 1 20.99 -3.98 -7.87
N PRO C 2 19.85 -3.76 -7.20
CA PRO C 2 19.80 -3.63 -5.74
C PRO C 2 19.79 -5.01 -5.08
N SER C 3 20.67 -5.25 -4.11
CA SER C 3 20.76 -6.52 -3.40
C SER C 3 19.62 -6.63 -2.38
N GLN C 4 19.19 -5.52 -1.79
CA GLN C 4 18.13 -5.48 -0.78
C GLN C 4 17.20 -4.29 -1.02
N PRO C 5 15.97 -4.32 -0.46
CA PRO C 5 15.03 -3.22 -0.61
C PRO C 5 15.58 -2.01 0.14
N THR C 6 15.54 -0.82 -0.45
CA THR C 6 16.03 0.42 0.16
C THR C 6 15.06 1.59 -0.04
N TYR C 7 13.89 1.33 -0.62
CA TYR C 7 12.86 2.34 -0.86
C TYR C 7 12.09 2.60 0.44
N PRO C 8 11.60 3.82 0.69
CA PRO C 8 10.85 4.16 1.90
C PRO C 8 9.52 3.42 1.96
N GLY C 9 8.63 3.68 1.02
CA GLY C 9 7.31 3.08 0.91
C GLY C 9 6.45 3.93 0.00
N PRO D 1 -3.65 12.37 0.01
CA PRO D 1 -5.00 12.02 0.45
C PRO D 1 -5.26 10.54 0.19
N VAL D 2 -6.25 9.96 0.86
CA VAL D 2 -6.58 8.56 0.71
C VAL D 2 -7.12 8.31 -0.71
N GLU D 3 -7.89 9.26 -1.26
CA GLU D 3 -8.46 9.18 -2.60
C GLU D 3 -7.38 8.93 -3.64
N ASP D 4 -6.29 9.70 -3.60
CA ASP D 4 -5.21 9.55 -4.56
C ASP D 4 -4.39 8.29 -4.30
N LEU D 5 -4.12 8.00 -3.01
CA LEU D 5 -3.36 6.83 -2.59
C LEU D 5 -4.05 5.55 -3.06
N ILE D 6 -5.39 5.50 -3.13
CA ILE D 6 -6.13 4.34 -3.57
C ILE D 6 -5.83 4.05 -5.05
N ARG D 7 -5.77 5.05 -5.92
CA ARG D 7 -5.47 4.84 -7.33
C ARG D 7 -4.04 4.35 -7.45
N PHE D 8 -3.13 5.03 -6.76
CA PHE D 8 -1.73 4.70 -6.73
C PHE D 8 -1.48 3.33 -6.09
N TYR D 9 -2.32 2.85 -5.17
CA TYR D 9 -2.18 1.55 -4.51
C TYR D 9 -2.37 0.43 -5.51
N ASN D 10 -3.35 0.59 -6.42
CA ASN D 10 -3.61 -0.42 -7.44
C ASN D 10 -2.43 -0.51 -8.38
N ASP D 11 -1.72 0.60 -8.58
CA ASP D 11 -0.53 0.63 -9.44
C ASP D 11 0.70 0.11 -8.68
N LEU D 12 0.81 0.44 -7.39
CA LEU D 12 1.87 0.10 -6.45
C LEU D 12 2.16 -1.39 -6.42
N GLN D 13 1.16 -2.22 -6.74
CA GLN D 13 1.32 -3.67 -6.77
C GLN D 13 2.49 -4.09 -7.67
N GLN D 14 2.74 -3.32 -8.74
CA GLN D 14 3.81 -3.56 -9.70
C GLN D 14 5.14 -3.08 -9.14
N TYR D 15 5.20 -1.86 -8.61
CA TYR D 15 6.44 -1.31 -8.05
C TYR D 15 6.98 -2.21 -6.95
N LEU D 16 6.12 -2.64 -6.02
CA LEU D 16 6.44 -3.51 -4.89
C LEU D 16 7.03 -4.84 -5.40
N ASN D 17 6.71 -5.24 -6.63
CA ASN D 17 7.23 -6.47 -7.23
C ASN D 17 8.74 -6.28 -7.41
N VAL D 18 9.13 -5.16 -8.02
CA VAL D 18 10.50 -4.77 -8.31
C VAL D 18 11.34 -4.49 -7.08
N VAL D 19 10.78 -3.86 -6.02
CA VAL D 19 11.56 -3.54 -4.81
C VAL D 19 12.28 -4.75 -4.22
N THR D 20 11.70 -5.94 -4.36
CA THR D 20 12.25 -7.19 -3.88
C THR D 20 12.37 -8.25 -4.97
N ARG D 21 12.30 -7.84 -6.24
CA ARG D 21 12.38 -8.68 -7.43
C ARG D 21 11.61 -9.99 -7.22
N HIS D 22 10.35 -9.79 -6.82
CA HIS D 22 9.31 -10.78 -6.54
C HIS D 22 9.68 -11.86 -5.52
N ARG D 23 10.51 -11.56 -4.53
CA ARG D 23 10.92 -12.50 -3.47
C ARG D 23 9.70 -13.06 -2.70
N TYR D 24 8.60 -12.30 -2.63
CA TYR D 24 7.37 -12.67 -1.97
C TYR D 24 6.33 -13.00 -3.05
N NH2 D 25 5.22 -13.64 -2.73
HN1 NH2 D 25 5.20 -14.11 -1.83
HN2 NH2 D 25 4.69 -14.00 -3.52
N ZAB E . -1.39 4.48 4.50
CA ZAB E . -1.03 3.09 4.73
CB ZAB E . 0.38 2.99 5.28
CG2 ZAB E . 1.48 3.02 4.41
CD2 ZAB E . 2.78 2.86 4.93
CE ZAB E . 2.97 2.66 6.31
CD1 ZAB E . 1.86 2.64 7.17
CG1 ZAB E . 0.57 2.81 6.66
NG ZAB E . 2.02 2.43 8.53
NI ZAB E . 2.80 1.68 9.23
CI ZAB E . 3.79 0.78 8.84
CJ2 ZAB E . 3.45 -0.53 8.49
CK2 ZAB E . 4.45 -1.45 8.12
CL ZAB E . 5.80 -1.03 8.09
CK1 ZAB E . 6.14 0.29 8.43
CJ1 ZAB E . 5.13 1.19 8.82
CM ZAB E . 7.58 0.79 8.44
C ZAB E . 8.52 0.13 7.45
O ZAB E . 8.58 0.59 6.30
HN2 ZAB E . -0.65 5.18 4.51
HA2 ZAB E . -1.71 2.63 5.44
HA3 ZAB E . -1.07 2.55 3.79
HG2 ZAB E . 1.34 3.15 3.35
HD2 ZAB E . 3.65 2.87 4.28
HE ZAB E . 3.97 2.52 6.69
HG1 ZAB E . -0.28 2.77 7.32
HJ2 ZAB E . 2.41 -0.87 8.52
HK2 ZAB E . 4.20 -2.46 7.88
HL ZAB E . 6.55 -1.75 7.80
HJ1 ZAB E . 5.36 2.21 9.09
HM2 ZAB E . 7.55 1.85 8.23
HM3 ZAB E . 7.96 0.68 9.46
N ZAB F . 5.25 3.44 -0.30
CA ZAB F . 4.28 4.07 -1.17
CB ZAB F . 3.66 5.32 -0.56
CG2 ZAB F . 2.92 5.25 0.63
CD2 ZAB F . 2.33 6.42 1.16
CE ZAB F . 2.50 7.65 0.50
CD1 ZAB F . 3.27 7.71 -0.67
CG1 ZAB F . 3.84 6.55 -1.20
NG ZAB F . 3.53 8.91 -1.31
NI ZAB F . 2.77 9.85 -1.74
CI ZAB F . 1.41 9.99 -1.71
CJ2 ZAB F . 0.60 9.20 -2.55
CK2 ZAB F . -0.78 9.38 -2.54
CL ZAB F . -1.37 10.34 -1.69
CK1 ZAB F . -0.57 11.14 -0.84
CJ1 ZAB F . 0.83 10.95 -0.86
CM ZAB F . -1.17 12.23 0.03
C ZAB F . -2.54 11.93 0.62
O ZAB F . -2.60 11.23 1.65
HN2 ZAB F . 5.05 2.48 0.00
HA2 ZAB F . 4.80 4.34 -2.08
HA3 ZAB F . 3.48 3.36 -1.39
HG2 ZAB F . 2.81 4.31 1.16
HD2 ZAB F . 1.75 6.37 2.07
HE ZAB F . 2.07 8.55 0.92
HG1 ZAB F . 4.41 6.64 -2.12
HJ2 ZAB F . 1.06 8.48 -3.22
HK2 ZAB F . -1.40 8.81 -3.22
HL ZAB F . -2.44 10.47 -1.72
HJ1 ZAB F . 1.50 11.53 -0.23
HM2 ZAB F . -0.47 12.41 0.85
HM3 ZAB F . -1.20 13.15 -0.56
N GLY A 1 -15.82 2.73 15.57
CA GLY A 1 -15.76 3.46 14.29
C GLY A 1 -15.43 4.92 14.52
N PRO A 2 -14.70 5.58 13.60
CA PRO A 2 -14.33 7.00 13.72
C PRO A 2 -15.55 7.91 13.51
N SER A 3 -15.34 9.24 13.60
CA SER A 3 -16.41 10.22 13.39
C SER A 3 -16.11 10.94 12.09
N GLN A 4 -15.08 11.77 12.05
CA GLN A 4 -14.69 12.53 10.87
C GLN A 4 -13.93 11.62 9.90
N PRO A 5 -13.81 12.00 8.62
CA PRO A 5 -13.08 11.19 7.64
C PRO A 5 -11.58 11.37 7.82
N THR A 6 -10.97 10.59 8.72
CA THR A 6 -9.54 10.61 9.00
C THR A 6 -9.10 9.18 9.30
N TYR A 7 -8.09 8.72 8.57
CA TYR A 7 -7.48 7.39 8.67
C TYR A 7 -5.96 7.60 8.49
N PRO A 8 -5.11 6.67 8.94
CA PRO A 8 -3.65 6.78 8.82
C PRO A 8 -3.12 6.64 7.39
N GLY A 9 -3.98 6.53 6.37
CA GLY A 9 -3.54 6.39 5.00
C GLY A 9 -3.08 4.96 4.84
N PRO B 1 9.55 0.97 6.51
CA PRO B 1 10.52 -0.02 6.07
C PRO B 1 9.81 -1.08 5.24
N VAL B 2 10.39 -1.42 4.08
CA VAL B 2 9.83 -2.40 3.16
C VAL B 2 9.57 -3.74 3.85
N GLU B 3 10.41 -4.14 4.80
CA GLU B 3 10.26 -5.40 5.52
C GLU B 3 8.91 -5.52 6.26
N ASP B 4 8.29 -4.39 6.62
CA ASP B 4 7.00 -4.36 7.29
C ASP B 4 5.92 -4.03 6.26
N LEU B 5 6.21 -3.05 5.39
CA LEU B 5 5.32 -2.58 4.33
C LEU B 5 4.92 -3.71 3.39
N ILE B 6 5.78 -4.68 3.10
CA ILE B 6 5.51 -5.83 2.23
C ILE B 6 4.35 -6.63 2.82
N ARG B 7 4.45 -7.00 4.09
CA ARG B 7 3.43 -7.78 4.78
C ARG B 7 2.14 -6.98 4.87
N PHE B 8 2.26 -5.78 5.42
CA PHE B 8 1.18 -4.84 5.61
C PHE B 8 0.42 -4.60 4.32
N TYR B 9 1.10 -4.37 3.19
CA TYR B 9 0.51 -4.12 1.88
C TYR B 9 -0.55 -5.16 1.51
N ASN B 10 -0.29 -6.43 1.82
CA ASN B 10 -1.18 -7.53 1.53
C ASN B 10 -2.42 -7.48 2.43
N ASP B 11 -2.22 -7.46 3.76
CA ASP B 11 -3.29 -7.42 4.76
C ASP B 11 -4.16 -6.18 4.60
N LEU B 12 -3.53 -5.08 4.21
CA LEU B 12 -4.10 -3.78 3.98
C LEU B 12 -5.25 -3.88 2.97
N GLN B 13 -5.28 -4.85 2.06
CA GLN B 13 -6.35 -4.96 1.09
C GLN B 13 -7.72 -4.96 1.77
N GLN B 14 -7.89 -5.71 2.86
CA GLN B 14 -9.16 -5.78 3.57
C GLN B 14 -9.39 -4.54 4.44
N TYR B 15 -8.36 -3.76 4.79
CA TYR B 15 -8.49 -2.55 5.59
C TYR B 15 -8.94 -1.43 4.64
N LEU B 16 -8.30 -1.33 3.47
CA LEU B 16 -8.59 -0.34 2.43
C LEU B 16 -10.06 -0.49 2.04
N ASN B 17 -10.55 -1.75 2.07
CA ASN B 17 -11.91 -2.12 1.78
C ASN B 17 -12.88 -1.40 2.69
N VAL B 18 -12.57 -1.25 3.98
CA VAL B 18 -13.40 -0.56 4.97
C VAL B 18 -13.39 0.93 4.66
N VAL B 19 -12.20 1.50 4.55
CA VAL B 19 -11.94 2.91 4.29
C VAL B 19 -12.64 3.42 3.02
N THR B 20 -12.97 2.53 2.07
CA THR B 20 -13.63 2.88 0.82
C THR B 20 -14.93 2.12 0.60
N ARG B 21 -15.35 1.30 1.55
CA ARG B 21 -16.54 0.46 1.50
C ARG B 21 -16.59 -0.35 0.20
N HIS B 22 -15.43 -0.83 -0.27
CA HIS B 22 -15.20 -1.62 -1.48
C HIS B 22 -15.40 -0.85 -2.80
N ARG B 23 -15.39 0.50 -2.79
CA ARG B 23 -15.60 1.33 -3.98
C ARG B 23 -14.71 1.02 -5.18
N TYR B 24 -13.45 0.66 -4.94
CA TYR B 24 -12.50 0.35 -6.00
C TYR B 24 -12.91 -0.89 -6.79
N NH2 B 25 -13.74 -1.78 -6.25
HN1 NH2 B 25 -14.15 -1.64 -5.34
HN2 NH2 B 25 -14.00 -2.57 -6.84
N GLY C 1 19.79 3.53 -12.38
CA GLY C 1 19.02 2.81 -11.35
C GLY C 1 19.62 3.05 -9.97
N PRO C 2 18.97 2.56 -8.91
CA PRO C 2 19.43 2.70 -7.53
C PRO C 2 20.71 1.89 -7.28
N SER C 3 21.29 2.01 -6.08
CA SER C 3 22.50 1.31 -5.70
C SER C 3 22.37 0.75 -4.28
N GLN C 4 22.38 1.61 -3.27
CA GLN C 4 22.26 1.20 -1.86
C GLN C 4 20.79 0.94 -1.51
N PRO C 5 20.50 0.19 -0.42
CA PRO C 5 19.15 -0.13 0.00
C PRO C 5 18.49 1.12 0.61
N THR C 6 18.01 1.99 -0.26
CA THR C 6 17.37 3.23 0.11
C THR C 6 16.28 3.51 -0.92
N TYR C 7 15.06 3.07 -0.67
CA TYR C 7 13.93 3.29 -1.56
C TYR C 7 13.03 4.31 -0.85
N PRO C 8 12.20 5.07 -1.57
CA PRO C 8 11.33 6.08 -0.97
C PRO C 8 10.15 5.48 -0.17
N GLY C 9 10.02 4.16 -0.09
CA GLY C 9 8.96 3.49 0.62
C GLY C 9 7.76 3.42 -0.32
N PRO D 1 -3.02 11.48 0.99
CA PRO D 1 -4.40 11.35 1.42
C PRO D 1 -4.95 10.01 0.93
N VAL D 2 -5.97 9.47 1.61
CA VAL D 2 -6.59 8.20 1.26
C VAL D 2 -7.11 8.20 -0.18
N GLU D 3 -7.68 9.30 -0.67
CA GLU D 3 -8.23 9.38 -2.02
C GLU D 3 -7.17 9.07 -3.09
N ASP D 4 -5.98 9.67 -3.00
CA ASP D 4 -4.91 9.42 -3.97
C ASP D 4 -4.29 8.05 -3.70
N LEU D 5 -4.12 7.71 -2.42
CA LEU D 5 -3.54 6.46 -1.94
C LEU D 5 -4.27 5.23 -2.51
N ILE D 6 -5.58 5.31 -2.75
CA ILE D 6 -6.36 4.21 -3.31
C ILE D 6 -5.84 3.91 -4.72
N ARG D 7 -5.77 4.94 -5.57
CA ARG D 7 -5.32 4.85 -6.95
C ARG D 7 -3.86 4.40 -6.96
N PHE D 8 -3.04 5.05 -6.12
CA PHE D 8 -1.63 4.79 -5.95
C PHE D 8 -1.37 3.33 -5.58
N TYR D 9 -2.20 2.75 -4.70
CA TYR D 9 -2.08 1.36 -4.24
C TYR D 9 -2.26 0.37 -5.40
N ASN D 10 -3.02 0.75 -6.42
CA ASN D 10 -3.24 -0.11 -7.57
C ASN D 10 -1.96 -0.18 -8.40
N ASP D 11 -1.38 0.97 -8.71
CA ASP D 11 -0.14 1.09 -9.49
C ASP D 11 1.06 0.53 -8.72
N LEU D 12 1.01 0.62 -7.38
CA LEU D 12 2.03 0.15 -6.45
C LEU D 12 2.28 -1.35 -6.61
N GLN D 13 1.29 -2.12 -7.04
CA GLN D 13 1.43 -3.56 -7.20
C GLN D 13 2.66 -3.93 -8.05
N GLN D 14 2.89 -3.23 -9.16
CA GLN D 14 4.02 -3.51 -10.04
C GLN D 14 5.32 -3.00 -9.44
N TYR D 15 5.32 -1.83 -8.81
CA TYR D 15 6.52 -1.27 -8.20
C TYR D 15 7.01 -2.23 -7.10
N LEU D 16 6.10 -2.78 -6.28
CA LEU D 16 6.45 -3.71 -5.21
C LEU D 16 7.11 -4.96 -5.77
N ASN D 17 6.75 -5.34 -7.00
CA ASN D 17 7.27 -6.49 -7.72
C ASN D 17 8.78 -6.32 -7.88
N VAL D 18 9.23 -5.10 -8.19
CA VAL D 18 10.63 -4.74 -8.36
C VAL D 18 11.29 -4.65 -6.98
N VAL D 19 10.64 -3.99 -6.00
CA VAL D 19 11.15 -3.81 -4.65
C VAL D 19 11.52 -5.14 -3.98
N THR D 20 10.79 -6.21 -4.27
CA THR D 20 11.02 -7.54 -3.68
C THR D 20 11.48 -8.58 -4.70
N ARG D 21 11.71 -8.18 -5.96
CA ARG D 21 12.10 -9.07 -7.05
C ARG D 21 11.15 -10.27 -7.11
N HIS D 22 9.85 -10.01 -6.87
CA HIS D 22 8.73 -10.95 -6.85
C HIS D 22 8.75 -11.93 -5.66
N ARG D 23 9.40 -11.61 -4.52
CA ARG D 23 9.44 -12.53 -3.36
C ARG D 23 8.06 -12.87 -2.81
N TYR D 24 7.09 -11.96 -2.92
CA TYR D 24 5.74 -12.23 -2.43
C TYR D 24 5.04 -13.23 -3.36
N NH2 D 25 5.48 -13.38 -4.61
HN1 NH2 D 25 6.22 -12.82 -5.00
HN2 NH2 D 25 4.87 -13.87 -5.25
N ZAB E . -1.77 4.73 4.85
CA ZAB E . -1.19 3.43 4.72
CB ZAB E . 0.28 3.53 5.01
CG2 ZAB E . 1.20 3.61 3.95
CD2 ZAB E . 2.56 3.79 4.22
CE ZAB E . 3.01 3.90 5.55
CD1 ZAB E . 2.08 3.79 6.61
CG1 ZAB E . 0.71 3.63 6.34
NG ZAB E . 2.50 3.84 7.93
NI ZAB E . 3.48 3.24 8.52
CI ZAB E . 4.42 2.38 7.99
CJ2 ZAB E . 4.14 1.01 7.91
CK2 ZAB E . 5.05 0.15 7.30
CL ZAB E . 6.23 0.65 6.74
CK1 ZAB E . 6.51 2.03 6.79
CJ1 ZAB E . 5.60 2.90 7.44
CM ZAB E . 7.76 2.64 6.17
C ZAB E . 8.82 1.69 5.63
O ZAB E . 9.01 1.61 4.43
HN2 ZAB E . -1.13 5.52 4.95
HA2 ZAB E . -1.64 2.77 5.47
HA3 ZAB E . -1.34 3.02 3.72
HG2 ZAB E . 0.87 3.53 2.93
HD2 ZAB E . 3.29 3.86 3.43
HE ZAB E . 4.04 4.06 5.75
HG1 ZAB E . 0.01 3.57 7.15
HJ2 ZAB E . 3.20 0.64 8.30
HK2 ZAB E . 4.84 -0.92 7.25
HL ZAB E . 6.91 -0.04 6.28
HJ1 ZAB E . 5.78 3.96 7.48
HM2 ZAB E . 7.42 3.28 5.34
HM3 ZAB E . 8.21 3.29 6.91
N ZAB F . 6.57 3.64 0.21
CA ZAB F . 5.32 3.63 -0.52
CB ZAB F . 4.47 4.79 -0.11
CG2 ZAB F . 3.36 4.60 0.73
CD2 ZAB F . 2.52 5.69 1.06
CE ZAB F . 2.77 6.95 0.52
CD1 ZAB F . 3.87 7.15 -0.34
CG1 ZAB F . 4.73 6.08 -0.64
NG ZAB F . 4.11 8.38 -0.94
NI ZAB F . 3.33 9.34 -1.32
CI ZAB F . 1.96 9.45 -1.27
CJ2 ZAB F . 1.14 8.72 -2.15
CK2 ZAB F . -0.26 8.80 -2.02
CL ZAB F . -0.84 9.57 -0.99
CK1 ZAB F . -0.01 10.28 -0.10
CJ1 ZAB F . 1.38 10.23 -0.24
CM ZAB F . -0.58 11.10 1.06
C ZAB F . -2.00 10.80 1.53
O ZAB F . -2.15 10.00 2.46
HN2 ZAB F . 6.52 3.89 1.20
HA2 ZAB F . 5.50 3.70 -1.59
HA3 ZAB F . 4.78 2.71 -0.31
HG2 ZAB F . 3.13 3.62 1.12
HD2 ZAB F . 1.67 5.53 1.71
HE ZAB F . 2.11 7.77 0.78
HG1 ZAB F . 5.57 6.23 -1.30
HJ2 ZAB F . 1.58 8.11 -2.91
HK2 ZAB F . -0.89 8.25 -2.71
HL ZAB F . -1.91 9.58 -0.92
HJ1 ZAB F . 2.04 10.74 0.46
HM2 ZAB F . 0.09 10.95 1.90
HM3 ZAB F . -0.49 12.15 0.78
N GLY A 1 -15.59 10.85 5.77
CA GLY A 1 -15.28 9.50 6.25
C GLY A 1 -16.47 8.84 6.93
N PRO A 2 -16.27 7.68 7.58
CA PRO A 2 -17.32 6.92 8.26
C PRO A 2 -17.83 7.52 9.57
N SER A 3 -17.09 8.45 10.15
CA SER A 3 -17.41 9.16 11.37
C SER A 3 -16.49 10.36 11.35
N GLN A 4 -15.19 10.10 11.50
CA GLN A 4 -14.11 11.09 11.49
C GLN A 4 -12.80 10.37 11.17
N PRO A 5 -11.81 11.03 10.54
CA PRO A 5 -10.55 10.40 10.22
C PRO A 5 -9.72 10.23 11.51
N THR A 6 -9.75 9.03 12.08
CA THR A 6 -9.03 8.66 13.30
C THR A 6 -8.27 7.34 13.10
N TYR A 7 -8.28 6.79 11.88
CA TYR A 7 -7.56 5.58 11.54
C TYR A 7 -6.07 5.91 11.49
N PRO A 8 -5.18 4.92 11.57
CA PRO A 8 -3.74 5.18 11.50
C PRO A 8 -3.31 5.52 10.07
N GLY A 9 -4.18 5.31 9.08
CA GLY A 9 -3.90 5.58 7.69
C GLY A 9 -3.02 4.48 7.13
N PRO B 1 9.78 0.90 6.61
CA PRO B 1 10.80 0.23 5.82
C PRO B 1 10.15 -0.76 4.85
N VAL B 2 10.86 -1.07 3.75
CA VAL B 2 10.43 -1.99 2.69
C VAL B 2 9.93 -3.33 3.24
N GLU B 3 10.73 -3.95 4.11
CA GLU B 3 10.47 -5.24 4.74
C GLU B 3 9.11 -5.27 5.44
N ASP B 4 8.77 -4.21 6.19
CA ASP B 4 7.49 -4.15 6.90
C ASP B 4 6.38 -3.78 5.93
N LEU B 5 6.65 -2.82 5.04
CA LEU B 5 5.72 -2.33 4.03
C LEU B 5 5.18 -3.45 3.15
N ILE B 6 5.95 -4.50 2.87
CA ILE B 6 5.51 -5.64 2.06
C ILE B 6 4.39 -6.37 2.81
N ARG B 7 4.64 -6.72 4.07
CA ARG B 7 3.70 -7.43 4.93
C ARG B 7 2.45 -6.59 5.12
N PHE B 8 2.65 -5.32 5.44
CA PHE B 8 1.63 -4.32 5.66
C PHE B 8 0.73 -4.20 4.43
N TYR B 9 1.31 -4.08 3.22
CA TYR B 9 0.57 -3.92 1.98
C TYR B 9 -0.41 -5.06 1.74
N ASN B 10 -0.03 -6.29 2.09
CA ASN B 10 -0.86 -7.46 1.92
C ASN B 10 -2.11 -7.39 2.79
N ASP B 11 -1.97 -6.87 4.02
CA ASP B 11 -3.09 -6.74 4.94
C ASP B 11 -3.84 -5.42 4.69
N LEU B 12 -3.20 -4.40 4.12
CA LEU B 12 -3.81 -3.10 3.81
C LEU B 12 -4.95 -3.28 2.81
N GLN B 13 -4.94 -4.36 2.01
CA GLN B 13 -5.97 -4.65 1.03
C GLN B 13 -7.37 -4.66 1.68
N GLN B 14 -7.53 -5.32 2.84
CA GLN B 14 -8.81 -5.37 3.54
C GLN B 14 -9.17 -4.02 4.15
N TYR B 15 -8.20 -3.23 4.62
CA TYR B 15 -8.49 -1.93 5.20
C TYR B 15 -9.05 -1.01 4.13
N LEU B 16 -8.42 -0.97 2.95
CA LEU B 16 -8.90 -0.13 1.85
C LEU B 16 -10.29 -0.60 1.44
N ASN B 17 -10.54 -1.92 1.50
CA ASN B 17 -11.83 -2.51 1.17
C ASN B 17 -12.91 -1.96 2.10
N VAL B 18 -12.66 -1.92 3.41
CA VAL B 18 -13.57 -1.42 4.44
C VAL B 18 -13.82 0.08 4.30
N VAL B 19 -12.75 0.90 4.39
CA VAL B 19 -12.85 2.35 4.34
C VAL B 19 -13.47 2.90 3.06
N THR B 20 -13.35 2.21 1.93
CA THR B 20 -13.94 2.68 0.67
C THR B 20 -15.12 1.83 0.20
N ARG B 21 -15.47 0.79 0.96
CA ARG B 21 -16.52 -0.16 0.62
C ARG B 21 -16.25 -0.70 -0.79
N HIS B 22 -14.97 -0.93 -1.11
CA HIS B 22 -14.49 -1.43 -2.41
C HIS B 22 -14.81 -0.46 -3.56
N ARG B 23 -15.22 0.79 -3.32
CA ARG B 23 -15.54 1.75 -4.39
C ARG B 23 -14.32 2.28 -5.13
N TYR B 24 -13.09 1.90 -4.74
CA TYR B 24 -11.90 2.36 -5.42
C TYR B 24 -11.91 1.95 -6.89
N NH2 B 25 -11.15 2.64 -7.72
HN1 NH2 B 25 -10.53 3.38 -7.37
HN2 NH2 B 25 -11.11 2.42 -8.71
N GLY C 1 19.25 -3.79 -1.38
CA GLY C 1 18.56 -3.70 -2.67
C GLY C 1 19.55 -3.77 -3.84
N PRO C 2 19.11 -3.45 -5.08
CA PRO C 2 19.92 -3.49 -6.29
C PRO C 2 21.21 -2.69 -6.30
N SER C 3 21.28 -1.67 -5.45
CA SER C 3 22.45 -0.85 -5.32
C SER C 3 22.45 -0.28 -3.92
N GLN C 4 21.49 0.59 -3.60
CA GLN C 4 21.33 1.27 -2.32
C GLN C 4 19.87 1.72 -2.16
N PRO C 5 19.36 1.98 -0.93
CA PRO C 5 18.00 2.45 -0.73
C PRO C 5 18.00 3.89 -1.23
N THR C 6 17.40 4.12 -2.39
CA THR C 6 17.33 5.41 -3.07
C THR C 6 15.93 5.73 -3.59
N TYR C 7 14.95 4.89 -3.25
CA TYR C 7 13.57 5.08 -3.70
C TYR C 7 12.81 5.95 -2.70
N PRO C 8 11.75 6.65 -3.13
CA PRO C 8 10.94 7.51 -2.25
C PRO C 8 10.14 6.71 -1.24
N GLY C 9 10.01 5.40 -1.45
CA GLY C 9 9.27 4.50 -0.61
C GLY C 9 7.84 4.43 -1.12
N PRO D 1 -3.29 11.42 2.17
CA PRO D 1 -4.74 11.33 2.26
C PRO D 1 -5.23 10.00 1.67
N VAL D 2 -6.37 9.50 2.17
CA VAL D 2 -6.93 8.23 1.70
C VAL D 2 -7.19 8.27 0.20
N GLU D 3 -7.70 9.39 -0.29
CA GLU D 3 -8.05 9.61 -1.68
C GLU D 3 -6.90 9.26 -2.63
N ASP D 4 -5.67 9.70 -2.31
CA ASP D 4 -4.50 9.42 -3.12
C ASP D 4 -3.92 8.05 -2.79
N LEU D 5 -3.93 7.68 -1.49
CA LEU D 5 -3.42 6.41 -0.99
C LEU D 5 -4.06 5.24 -1.75
N ILE D 6 -5.36 5.36 -2.02
CA ILE D 6 -6.16 4.38 -2.74
C ILE D 6 -5.60 4.18 -4.15
N ARG D 7 -5.44 5.27 -4.92
CA ARG D 7 -4.95 5.17 -6.29
C ARG D 7 -3.55 4.57 -6.31
N PHE D 8 -2.66 5.17 -5.53
CA PHE D 8 -1.28 4.74 -5.41
C PHE D 8 -1.20 3.29 -4.92
N TYR D 9 -2.18 2.75 -4.16
CA TYR D 9 -2.14 1.36 -3.70
C TYR D 9 -2.21 0.41 -4.89
N ASN D 10 -3.11 0.72 -5.84
CA ASN D 10 -3.33 -0.07 -7.04
C ASN D 10 -2.07 -0.04 -7.91
N ASP D 11 -1.38 1.10 -7.97
CA ASP D 11 -0.15 1.27 -8.75
C ASP D 11 1.02 0.57 -8.06
N LEU D 12 1.12 0.66 -6.74
CA LEU D 12 2.16 0.08 -5.90
C LEU D 12 2.31 -1.43 -6.11
N GLN D 13 1.29 -2.12 -6.60
CA GLN D 13 1.37 -3.57 -6.85
C GLN D 13 2.54 -3.88 -7.80
N GLN D 14 2.74 -3.08 -8.86
CA GLN D 14 3.83 -3.33 -9.79
C GLN D 14 5.15 -2.82 -9.21
N TYR D 15 5.16 -1.85 -8.29
CA TYR D 15 6.41 -1.37 -7.71
C TYR D 15 6.90 -2.44 -6.71
N LEU D 16 5.99 -3.11 -5.99
CA LEU D 16 6.34 -4.18 -5.04
C LEU D 16 6.93 -5.35 -5.81
N ASN D 17 6.44 -5.57 -7.03
CA ASN D 17 6.92 -6.61 -7.93
C ASN D 17 8.41 -6.39 -8.21
N VAL D 18 8.86 -5.14 -8.40
CA VAL D 18 10.26 -4.82 -8.69
C VAL D 18 11.15 -5.01 -7.47
N VAL D 19 10.94 -4.23 -6.41
CA VAL D 19 11.73 -4.24 -5.17
C VAL D 19 12.04 -5.61 -4.60
N THR D 20 11.14 -6.58 -4.79
CA THR D 20 11.35 -7.92 -4.29
C THR D 20 11.18 -9.00 -5.35
N ARG D 21 11.15 -8.67 -6.65
CA ARG D 21 11.00 -9.65 -7.74
C ARG D 21 9.79 -10.59 -7.51
N HIS D 22 8.72 -10.08 -6.87
CA HIS D 22 7.49 -10.80 -6.53
C HIS D 22 7.78 -12.01 -5.60
N ARG D 23 8.90 -12.01 -4.87
CA ARG D 23 9.28 -13.08 -3.94
C ARG D 23 8.54 -13.02 -2.61
N TYR D 24 7.69 -12.01 -2.39
CA TYR D 24 6.94 -11.87 -1.15
C TYR D 24 5.96 -13.04 -0.99
N NH2 D 25 5.36 -13.19 0.18
HN1 NH2 D 25 5.58 -12.53 0.94
HN2 NH2 D 25 4.56 -13.79 0.28
N ZAB E . -2.31 4.78 6.05
CA ZAB E . -1.43 3.86 5.39
CB ZAB E . 0.01 4.09 5.78
CG2 ZAB E . 0.89 4.76 4.91
CD2 ZAB E . 2.25 4.87 5.22
CE ZAB E . 2.75 4.32 6.40
CD1 ZAB E . 1.86 3.72 7.32
CG1 ZAB E . 0.50 3.60 7.01
NG ZAB E . 2.32 3.29 8.55
NI ZAB E . 3.34 2.56 8.88
CI ZAB E . 4.30 1.92 8.11
CJ2 ZAB E . 4.02 0.66 7.58
CK2 ZAB E . 5.01 -0.03 6.87
CL ZAB E . 6.28 0.55 6.68
CK1 ZAB E . 6.55 1.84 7.19
CJ1 ZAB E . 5.55 2.51 7.92
CM ZAB E . 7.92 2.50 7.03
C ZAB E . 8.92 1.81 6.10
O ZAB E . 8.94 2.12 4.90
HN2 ZAB E . -2.30 5.74 5.71
HA2 ZAB E . -1.71 2.84 5.65
HA3 ZAB E . -1.51 3.98 4.31
HG2 ZAB E . 0.51 5.17 3.98
HD2 ZAB E . 2.94 5.38 4.55
HE ZAB E . 3.80 4.36 6.61
HG1 ZAB E . -0.17 3.11 7.72
HJ2 ZAB E . 3.05 0.19 7.75
HK2 ZAB E . 4.81 -1.02 6.51
HL ZAB E . 7.03 -0.02 6.16
HJ1 ZAB E . 5.77 3.47 8.37
HM2 ZAB E . 7.74 3.51 6.65
HM3 ZAB E . 8.35 2.61 8.03
N ZAB F . 6.92 4.03 -0.25
CA ZAB F . 5.52 3.90 -0.57
CB ZAB F . 4.70 4.91 0.20
CG2 ZAB F . 3.79 4.46 1.17
CD2 ZAB F . 2.91 5.37 1.78
CE ZAB F . 2.97 6.73 1.46
CD1 ZAB F . 3.89 7.18 0.50
CG1 ZAB F . 4.77 6.27 -0.11
NG ZAB F . 3.96 8.51 0.12
NI ZAB F . 3.03 9.41 -0.03
CI ZAB F . 1.66 9.35 0.12
CJ2 ZAB F . 0.86 8.73 -0.86
CK2 ZAB F . -0.54 8.76 -0.74
CL ZAB F . -1.13 9.38 0.38
CK1 ZAB F . -0.33 9.97 1.38
CJ1 ZAB F . 1.07 9.95 1.24
CM ZAB F . -0.95 10.70 2.58
C ZAB F . -2.46 10.56 2.78
O ZAB F . -2.88 9.63 3.49
HN2 ZAB F . 7.20 3.86 0.71
HA2 ZAB F . 5.35 4.08 -1.64
HA3 ZAB F . 5.18 2.90 -0.34
HG2 ZAB F . 3.70 3.40 1.41
HD2 ZAB F . 2.17 5.03 2.48
HE ZAB F . 2.28 7.42 1.93
HG1 ZAB F . 5.46 6.66 -0.85
HJ2 ZAB F . 1.32 8.28 -1.73
HK2 ZAB F . -1.14 8.35 -1.53
HL ZAB F . -2.20 9.41 0.41
HJ1 ZAB F . 1.73 10.40 1.97
HM2 ZAB F . -0.44 10.35 3.48
HM3 ZAB F . -0.70 11.76 2.46
N GLY A 1 -7.50 10.16 9.90
CA GLY A 1 -8.28 9.28 10.78
C GLY A 1 -9.68 9.84 10.92
N PRO A 2 -10.74 9.02 10.77
CA PRO A 2 -12.12 9.49 10.87
C PRO A 2 -12.58 10.00 12.24
N SER A 3 -11.78 9.78 13.28
CA SER A 3 -12.03 10.22 14.64
C SER A 3 -10.66 10.39 15.27
N GLN A 4 -9.96 9.27 15.49
CA GLN A 4 -8.63 9.16 16.08
C GLN A 4 -7.79 8.22 15.22
N PRO A 5 -6.45 8.20 15.38
CA PRO A 5 -5.63 7.28 14.63
C PRO A 5 -5.93 5.86 15.12
N THR A 6 -5.98 4.89 14.21
CA THR A 6 -6.25 3.50 14.52
C THR A 6 -5.70 2.62 13.41
N TYR A 7 -6.01 2.93 12.15
CA TYR A 7 -5.50 2.17 11.02
C TYR A 7 -3.99 2.44 10.97
N PRO A 8 -3.16 1.51 10.45
CA PRO A 8 -1.71 1.71 10.38
C PRO A 8 -1.30 2.87 9.45
N GLY A 9 -2.13 3.24 8.48
CA GLY A 9 -1.94 4.33 7.52
C GLY A 9 -0.97 3.99 6.38
N PRO B 1 10.36 -2.16 8.12
CA PRO B 1 11.26 -2.97 7.30
C PRO B 1 10.54 -3.44 6.04
N VAL B 2 11.25 -3.46 4.89
CA VAL B 2 10.69 -3.87 3.60
C VAL B 2 10.13 -5.29 3.65
N GLU B 3 10.69 -6.18 4.49
CA GLU B 3 10.24 -7.55 4.64
C GLU B 3 8.79 -7.58 5.13
N ASP B 4 8.51 -6.79 6.18
CA ASP B 4 7.20 -6.66 6.79
C ASP B 4 6.26 -5.92 5.85
N LEU B 5 6.79 -4.88 5.19
CA LEU B 5 6.14 -3.99 4.22
C LEU B 5 5.69 -4.73 2.95
N ILE B 6 5.85 -6.06 2.89
CA ILE B 6 5.47 -6.93 1.79
C ILE B 6 4.40 -7.88 2.33
N ARG B 7 4.69 -8.58 3.42
CA ARG B 7 3.76 -9.52 4.05
C ARG B 7 2.51 -8.81 4.54
N PHE B 8 2.69 -7.82 5.42
CA PHE B 8 1.57 -7.07 5.97
C PHE B 8 0.89 -6.24 4.89
N TYR B 9 1.64 -5.75 3.88
CA TYR B 9 1.08 -4.96 2.79
C TYR B 9 0.03 -5.76 2.02
N ASN B 10 0.26 -7.07 1.87
CA ASN B 10 -0.66 -7.95 1.17
C ASN B 10 -1.99 -7.97 1.90
N ASP B 11 -1.97 -8.30 3.19
CA ASP B 11 -3.19 -8.35 4.02
C ASP B 11 -3.83 -6.96 4.21
N LEU B 12 -3.03 -5.89 4.26
CA LEU B 12 -3.49 -4.52 4.42
C LEU B 12 -4.34 -4.07 3.22
N GLN B 13 -4.45 -4.86 2.15
CA GLN B 13 -5.28 -4.52 1.00
C GLN B 13 -6.72 -4.24 1.45
N GLN B 14 -7.16 -4.91 2.52
CA GLN B 14 -8.50 -4.76 3.07
C GLN B 14 -8.73 -3.39 3.73
N TYR B 15 -7.69 -2.68 4.17
CA TYR B 15 -7.86 -1.36 4.79
C TYR B 15 -8.44 -0.39 3.75
N LEU B 16 -7.95 -0.47 2.52
CA LEU B 16 -8.41 0.37 1.42
C LEU B 16 -9.90 0.08 1.21
N ASN B 17 -10.29 -1.18 1.32
CA ASN B 17 -11.69 -1.60 1.17
C ASN B 17 -12.56 -1.02 2.28
N VAL B 18 -12.03 -0.82 3.48
CA VAL B 18 -12.81 -0.26 4.59
C VAL B 18 -12.99 1.26 4.43
N VAL B 19 -11.92 2.02 4.18
CA VAL B 19 -12.00 3.48 4.07
C VAL B 19 -13.02 4.00 3.03
N THR B 20 -13.09 3.38 1.85
CA THR B 20 -14.07 3.78 0.83
C THR B 20 -15.22 2.77 0.69
N ARG B 21 -15.32 1.81 1.61
CA ARG B 21 -16.35 0.77 1.67
C ARG B 21 -16.49 -0.01 0.37
N HIS B 22 -15.36 -0.43 -0.20
CA HIS B 22 -15.22 -1.20 -1.44
C HIS B 22 -15.79 -0.44 -2.64
N ARG B 23 -15.89 0.90 -2.57
CA ARG B 23 -16.43 1.69 -3.67
C ARG B 23 -15.66 1.55 -4.99
N TYR B 24 -14.37 1.24 -4.92
CA TYR B 24 -13.53 1.07 -6.11
C TYR B 24 -13.75 -0.31 -6.77
N NH2 B 25 -14.53 -1.19 -6.17
HN1 NH2 B 25 -14.99 -0.97 -5.30
HN2 NH2 B 25 -14.79 -2.03 -6.67
N GLY C 1 15.28 5.28 -0.51
CA GLY C 1 15.38 4.28 -1.58
C GLY C 1 16.62 3.40 -1.43
N PRO C 2 16.89 2.49 -2.38
CA PRO C 2 18.08 1.64 -2.32
C PRO C 2 19.37 2.42 -2.61
N SER C 3 19.24 3.61 -3.19
CA SER C 3 20.30 4.53 -3.55
C SER C 3 19.73 5.96 -3.40
N GLN C 4 18.62 6.31 -4.04
CA GLN C 4 17.99 7.63 -3.94
C GLN C 4 16.46 7.49 -3.94
N PRO C 5 15.70 8.51 -3.48
CA PRO C 5 14.24 8.48 -3.46
C PRO C 5 13.66 8.53 -4.88
N THR C 6 13.31 7.37 -5.43
CA THR C 6 12.74 7.19 -6.77
C THR C 6 11.30 6.66 -6.73
N TYR C 7 10.79 6.22 -5.58
CA TYR C 7 9.44 5.68 -5.44
C TYR C 7 8.59 6.53 -4.49
N PRO C 8 7.25 6.50 -4.61
CA PRO C 8 6.35 7.25 -3.74
C PRO C 8 6.28 6.60 -2.35
N GLY C 9 6.49 5.28 -2.28
CA GLY C 9 6.48 4.47 -1.06
C GLY C 9 5.23 4.70 -0.25
N PRO D 1 -4.43 12.52 -0.81
CA PRO D 1 -5.83 12.20 -0.56
C PRO D 1 -6.09 10.72 -0.78
N VAL D 2 -6.94 10.13 0.07
CA VAL D 2 -7.33 8.72 0.02
C VAL D 2 -7.93 8.38 -1.34
N GLU D 3 -8.60 9.31 -2.03
CA GLU D 3 -9.19 9.01 -3.32
C GLU D 3 -8.14 8.54 -4.32
N ASP D 4 -6.96 9.16 -4.29
CA ASP D 4 -5.86 8.79 -5.17
C ASP D 4 -5.19 7.56 -4.57
N LEU D 5 -5.10 7.51 -3.24
CA LEU D 5 -4.49 6.43 -2.48
C LEU D 5 -5.27 5.09 -2.53
N ILE D 6 -6.26 5.00 -3.41
CA ILE D 6 -7.12 3.84 -3.69
C ILE D 6 -6.74 3.43 -5.12
N ARG D 7 -6.87 4.36 -6.07
CA ARG D 7 -6.58 4.19 -7.47
C ARG D 7 -5.11 3.88 -7.70
N PHE D 8 -4.23 4.80 -7.31
CA PHE D 8 -2.79 4.69 -7.45
C PHE D 8 -2.27 3.52 -6.62
N TYR D 9 -2.87 3.25 -5.44
CA TYR D 9 -2.46 2.14 -4.58
C TYR D 9 -2.64 0.82 -5.31
N ASN D 10 -3.77 0.67 -6.02
CA ASN D 10 -4.07 -0.54 -6.76
C ASN D 10 -2.95 -0.81 -7.75
N ASP D 11 -2.49 0.19 -8.49
CA ASP D 11 -1.41 0.01 -9.46
C ASP D 11 -0.04 -0.07 -8.76
N LEU D 12 0.12 0.51 -7.57
CA LEU D 12 1.33 0.52 -6.75
C LEU D 12 1.72 -0.90 -6.34
N GLN D 13 0.82 -1.87 -6.49
CA GLN D 13 1.05 -3.28 -6.19
C GLN D 13 2.32 -3.79 -6.89
N GLN D 14 2.63 -3.21 -8.05
CA GLN D 14 3.78 -3.56 -8.87
C GLN D 14 5.08 -3.04 -8.26
N TYR D 15 5.08 -1.87 -7.61
CA TYR D 15 6.28 -1.31 -6.98
C TYR D 15 6.78 -2.25 -5.87
N LEU D 16 5.86 -2.88 -5.12
CA LEU D 16 6.27 -3.82 -4.06
C LEU D 16 6.99 -5.01 -4.71
N ASN D 17 6.57 -5.38 -5.92
CA ASN D 17 7.17 -6.46 -6.69
C ASN D 17 8.57 -5.99 -7.13
N VAL D 18 8.72 -4.74 -7.58
CA VAL D 18 10.00 -4.16 -8.02
C VAL D 18 11.03 -4.19 -6.89
N VAL D 19 10.72 -3.64 -5.71
CA VAL D 19 11.67 -3.60 -4.60
C VAL D 19 12.17 -5.00 -4.22
N THR D 20 11.30 -5.99 -4.22
CA THR D 20 11.68 -7.36 -3.89
C THR D 20 12.10 -8.18 -5.09
N ARG D 21 12.17 -7.60 -6.29
CA ARG D 21 12.49 -8.30 -7.53
C ARG D 21 11.64 -9.59 -7.55
N HIS D 22 10.35 -9.40 -7.26
CA HIS D 22 9.27 -10.38 -7.16
C HIS D 22 9.68 -11.57 -6.28
N ARG D 23 9.78 -11.36 -4.97
CA ARG D 23 10.16 -12.41 -4.02
C ARG D 23 8.99 -13.05 -3.28
N TYR D 24 7.80 -12.42 -3.27
CA TYR D 24 6.61 -12.93 -2.60
C TYR D 24 5.64 -13.59 -3.58
N NH2 D 25 5.88 -13.51 -4.87
HN1 NH2 D 25 6.64 -12.96 -5.23
HN2 NH2 D 25 5.09 -13.69 -5.49
N ZAB E . -0.65 2.71 6.22
CA ZAB E . 0.27 2.19 5.22
CB ZAB E . 1.65 2.03 5.84
CG2 ZAB E . 2.78 2.25 5.04
CD2 ZAB E . 4.07 2.15 5.61
CE ZAB E . 4.23 1.86 6.97
CD1 ZAB E . 3.08 1.62 7.77
CG1 ZAB E . 1.81 1.72 7.21
NG ZAB E . 3.23 1.30 9.12
NI ZAB E . 4.08 0.50 9.68
CI ZAB E . 5.05 -0.28 9.10
CJ2 ZAB E . 4.68 -1.43 8.38
CK2 ZAB E . 5.64 -2.17 7.69
CL ZAB E . 7.00 -1.79 7.75
CK1 ZAB E . 7.39 -0.65 8.49
CJ1 ZAB E . 6.40 0.11 9.15
CM ZAB E . 8.85 -0.23 8.60
C ZAB E . 9.83 -1.00 7.70
O ZAB E . 10.08 -0.56 6.58
HN2 ZAB E . -1.00 2.06 6.91
HA2 ZAB E . -0.06 1.22 4.87
HA3 ZAB E . 0.34 2.89 4.38
HG2 ZAB E . 2.68 2.53 4.00
HD2 ZAB E . 4.95 2.34 5.02
HE ZAB E . 5.21 1.85 7.41
HG1 ZAB E . 0.96 1.55 7.84
HJ2 ZAB E . 3.65 -1.75 8.37
HK2 ZAB E . 5.36 -3.05 7.15
HL ZAB E . 7.70 -2.42 7.23
HJ1 ZAB E . 6.64 1.01 9.69
HM2 ZAB E . 8.91 0.82 8.35
HM3 ZAB E . 9.14 -0.35 9.63
N ZAB F . 4.07 4.36 -0.84
CA ZAB F . 2.76 4.48 -0.24
CB ZAB F . 2.32 5.92 -0.01
CG2 ZAB F . 1.45 6.21 1.06
CD2 ZAB F . 1.03 7.52 1.29
CE ZAB F . 1.47 8.56 0.46
CD1 ZAB F . 2.33 8.27 -0.62
CG1 ZAB F . 2.75 6.96 -0.85
NG ZAB F . 2.79 9.29 -1.44
NI ZAB F . 2.16 10.19 -2.11
CI ZAB F . 0.79 10.40 -2.24
CJ2 ZAB F . 0.09 9.70 -3.23
CK2 ZAB F . -1.30 9.86 -3.32
CL ZAB F . -1.99 10.70 -2.42
CK1 ZAB F . -1.27 11.40 -1.43
CJ1 ZAB F . 0.13 11.26 -1.35
CM ZAB F . -1.98 12.35 -0.45
C ZAB F . -3.42 11.97 -0.11
O ZAB F . -3.62 11.14 0.78
HN2 ZAB F . 4.12 3.93 -1.75
HA2 ZAB F . 2.03 4.02 -0.89
HA3 ZAB F . 2.75 3.97 0.72
HG2 ZAB F . 1.10 5.40 1.70
HD2 ZAB F . 0.36 7.74 2.12
HE ZAB F . 1.14 9.58 0.65
HG1 ZAB F . 3.41 6.75 -1.69
HJ2 ZAB F . 0.60 9.02 -3.91
HK2 ZAB F . -1.85 9.30 -4.06
HL ZAB F . -3.06 10.76 -2.51
HJ1 ZAB F . 0.71 11.79 -0.61
HM2 ZAB F . -1.40 12.35 0.48
HM3 ZAB F . -1.93 13.35 -0.87
N GLY A 1 -19.01 6.40 12.20
CA GLY A 1 -17.90 6.39 11.25
C GLY A 1 -16.58 6.59 11.96
N PRO A 2 -15.55 7.06 11.24
CA PRO A 2 -14.23 7.32 11.79
C PRO A 2 -14.29 8.51 12.75
N SER A 3 -13.37 8.59 13.70
CA SER A 3 -13.32 9.67 14.68
C SER A 3 -11.99 10.39 14.53
N GLN A 4 -10.87 9.67 14.59
CA GLN A 4 -9.52 10.22 14.49
C GLN A 4 -8.57 9.20 13.85
N PRO A 5 -7.31 9.58 13.57
CA PRO A 5 -6.34 8.67 12.99
C PRO A 5 -6.08 7.48 13.93
N THR A 6 -5.97 6.31 13.31
CA THR A 6 -5.72 5.02 13.92
C THR A 6 -5.29 4.03 12.84
N TYR A 7 -5.79 4.18 11.60
CA TYR A 7 -5.44 3.34 10.47
C TYR A 7 -3.97 3.61 10.12
N PRO A 8 -3.26 2.70 9.43
CA PRO A 8 -1.87 2.92 9.10
C PRO A 8 -1.72 3.98 8.00
N GLY A 9 -2.62 4.00 7.01
CA GLY A 9 -2.60 4.98 5.93
C GLY A 9 -1.48 4.76 4.92
N PRO B 1 10.34 -0.42 7.21
CA PRO B 1 11.24 -1.18 6.37
C PRO B 1 10.44 -1.91 5.29
N VAL B 2 11.03 -2.10 4.11
CA VAL B 2 10.35 -2.77 3.01
C VAL B 2 9.97 -4.23 3.33
N GLU B 3 10.70 -4.92 4.23
CA GLU B 3 10.40 -6.29 4.60
C GLU B 3 9.03 -6.37 5.26
N ASP B 4 8.78 -5.48 6.22
CA ASP B 4 7.52 -5.41 6.93
C ASP B 4 6.45 -4.92 5.98
N LEU B 5 6.78 -3.93 5.15
CA LEU B 5 5.90 -3.32 4.15
C LEU B 5 5.27 -4.37 3.22
N ILE B 6 6.04 -5.38 2.80
CA ILE B 6 5.53 -6.43 1.92
C ILE B 6 4.41 -7.21 2.61
N ARG B 7 4.59 -7.60 3.89
CA ARG B 7 3.59 -8.34 4.66
C ARG B 7 2.38 -7.43 4.89
N PHE B 8 2.67 -6.25 5.45
CA PHE B 8 1.75 -5.18 5.77
C PHE B 8 0.82 -4.88 4.60
N TYR B 9 1.35 -4.67 3.39
CA TYR B 9 0.59 -4.36 2.18
C TYR B 9 -0.46 -5.43 1.86
N ASN B 10 -0.15 -6.71 2.07
CA ASN B 10 -1.10 -7.78 1.79
C ASN B 10 -2.29 -7.68 2.75
N ASP B 11 -2.04 -7.26 4.00
CA ASP B 11 -3.11 -7.09 4.99
C ASP B 11 -3.82 -5.73 4.82
N LEU B 12 -3.12 -4.72 4.31
CA LEU B 12 -3.58 -3.36 4.08
C LEU B 12 -4.79 -3.33 3.13
N GLN B 13 -4.97 -4.39 2.34
CA GLN B 13 -6.08 -4.54 1.41
C GLN B 13 -7.42 -4.45 2.17
N GLN B 14 -7.45 -4.93 3.41
CA GLN B 14 -8.64 -4.90 4.24
C GLN B 14 -8.95 -3.47 4.69
N TYR B 15 -7.94 -2.62 4.93
CA TYR B 15 -8.18 -1.23 5.34
C TYR B 15 -8.91 -0.53 4.20
N LEU B 16 -8.39 -0.65 2.96
CA LEU B 16 -9.02 -0.02 1.81
C LEU B 16 -10.45 -0.54 1.65
N ASN B 17 -10.69 -1.81 1.99
CA ASN B 17 -12.02 -2.42 1.91
C ASN B 17 -12.97 -1.73 2.88
N VAL B 18 -12.52 -1.20 4.03
CA VAL B 18 -13.40 -0.51 4.98
C VAL B 18 -13.84 0.81 4.35
N VAL B 19 -12.88 1.63 3.93
CA VAL B 19 -13.11 2.94 3.34
C VAL B 19 -13.99 2.86 2.09
N THR B 20 -13.57 2.10 1.08
CA THR B 20 -14.32 1.93 -0.17
C THR B 20 -15.52 1.01 -0.01
N ARG B 21 -15.65 0.41 1.16
CA ARG B 21 -16.71 -0.56 1.48
C ARG B 21 -16.64 -1.69 0.43
N HIS B 22 -15.43 -1.95 -0.10
CA HIS B 22 -15.00 -2.92 -1.11
C HIS B 22 -15.45 -2.55 -2.55
N ARG B 23 -16.06 -1.37 -2.76
CA ARG B 23 -16.54 -0.92 -4.06
C ARG B 23 -15.43 -0.27 -4.89
N TYR B 24 -14.52 -1.04 -5.48
CA TYR B 24 -13.46 -0.51 -6.32
C TYR B 24 -14.06 -0.30 -7.72
N NH2 B 25 -14.90 0.70 -7.86
HN1 NH2 B 25 -15.09 1.31 -7.07
HN2 NH2 B 25 -15.43 0.82 -8.72
N GLY C 1 22.27 -1.13 -9.24
CA GLY C 1 21.15 -1.33 -8.31
C GLY C 1 20.72 -0.01 -7.71
N PRO C 2 20.00 -0.02 -6.58
CA PRO C 2 19.56 1.19 -5.91
C PRO C 2 20.78 1.98 -5.41
N SER C 3 20.56 3.24 -5.04
CA SER C 3 21.58 4.15 -4.55
C SER C 3 21.04 4.89 -3.34
N GLN C 4 20.01 5.71 -3.53
CA GLN C 4 19.35 6.53 -2.52
C GLN C 4 17.84 6.39 -2.66
N PRO C 5 17.03 6.81 -1.67
CA PRO C 5 15.59 6.68 -1.76
C PRO C 5 15.02 7.60 -2.81
N THR C 6 14.39 7.00 -3.81
CA THR C 6 13.77 7.70 -4.93
C THR C 6 12.34 7.16 -5.18
N TYR C 7 11.88 6.24 -4.34
CA TYR C 7 10.57 5.64 -4.39
C TYR C 7 9.67 6.36 -3.39
N PRO C 8 8.35 6.43 -3.61
CA PRO C 8 7.45 7.07 -2.66
C PRO C 8 7.28 6.20 -1.40
N GLY C 9 7.59 4.90 -1.46
CA GLY C 9 7.53 3.94 -0.37
C GLY C 9 6.09 3.52 -0.09
N PRO D 1 -4.17 11.81 0.82
CA PRO D 1 -5.42 11.31 1.36
C PRO D 1 -5.74 9.94 0.77
N VAL D 2 -6.58 9.18 1.47
CA VAL D 2 -7.00 7.84 1.07
C VAL D 2 -7.61 7.81 -0.34
N GLU D 3 -8.33 8.86 -0.72
CA GLU D 3 -8.99 9.00 -2.02
C GLU D 3 -8.03 8.82 -3.19
N ASP D 4 -6.87 9.46 -3.12
CA ASP D 4 -5.84 9.41 -4.15
C ASP D 4 -4.94 8.20 -3.89
N LEU D 5 -4.72 7.86 -2.61
CA LEU D 5 -3.90 6.73 -2.20
C LEU D 5 -4.51 5.41 -2.69
N ILE D 6 -5.82 5.34 -2.93
CA ILE D 6 -6.51 4.14 -3.45
C ILE D 6 -5.99 3.87 -4.86
N ARG D 7 -6.00 4.87 -5.74
CA ARG D 7 -5.53 4.73 -7.11
C ARG D 7 -4.06 4.39 -7.12
N PHE D 8 -3.29 5.17 -6.36
CA PHE D 8 -1.87 5.04 -6.20
C PHE D 8 -1.53 3.61 -5.81
N TYR D 9 -2.15 3.09 -4.76
CA TYR D 9 -1.98 1.76 -4.22
C TYR D 9 -2.15 0.66 -5.27
N ASN D 10 -3.14 0.79 -6.16
CA ASN D 10 -3.36 -0.21 -7.20
C ASN D 10 -2.21 -0.27 -8.19
N ASP D 11 -1.54 0.86 -8.45
CA ASP D 11 -0.39 0.92 -9.36
C ASP D 11 0.92 0.64 -8.62
N LEU D 12 0.95 0.95 -7.32
CA LEU D 12 2.04 0.79 -6.37
C LEU D 12 2.42 -0.69 -6.25
N GLN D 13 1.55 -1.59 -6.71
CA GLN D 13 1.79 -3.02 -6.70
C GLN D 13 3.12 -3.29 -7.43
N GLN D 14 3.45 -2.46 -8.44
CA GLN D 14 4.67 -2.57 -9.21
C GLN D 14 5.90 -2.26 -8.35
N TYR D 15 5.82 -1.35 -7.35
CA TYR D 15 6.96 -1.04 -6.48
C TYR D 15 7.37 -2.33 -5.77
N LEU D 16 6.37 -3.08 -5.26
CA LEU D 16 6.64 -4.33 -4.58
C LEU D 16 7.19 -5.34 -5.59
N ASN D 17 6.63 -5.42 -6.80
CA ASN D 17 7.08 -6.34 -7.83
C ASN D 17 8.53 -6.10 -8.21
N VAL D 18 8.97 -4.85 -8.34
CA VAL D 18 10.34 -4.51 -8.71
C VAL D 18 11.32 -4.88 -7.58
N VAL D 19 10.99 -4.63 -6.31
CA VAL D 19 11.88 -4.95 -5.20
C VAL D 19 11.89 -6.46 -4.97
N THR D 20 10.73 -7.07 -4.77
CA THR D 20 10.61 -8.52 -4.53
C THR D 20 10.87 -9.35 -5.77
N ARG D 21 11.03 -8.69 -6.92
CA ARG D 21 11.23 -9.33 -8.23
C ARG D 21 10.05 -10.30 -8.46
N HIS D 22 8.88 -10.00 -7.87
CA HIS D 22 7.62 -10.74 -7.87
C HIS D 22 7.79 -12.07 -7.10
N ARG D 23 8.89 -12.29 -6.37
CA ARG D 23 9.16 -13.50 -5.60
C ARG D 23 8.53 -13.38 -4.21
N TYR D 24 7.20 -13.31 -4.16
CA TYR D 24 6.48 -13.20 -2.92
C TYR D 24 6.50 -14.59 -2.28
N NH2 D 25 7.44 -14.87 -1.40
HN1 NH2 D 25 8.04 -14.13 -1.04
HN2 NH2 D 25 7.49 -15.78 -0.95
N ZAB E . -1.01 3.51 4.80
CA ZAB E . 0.04 3.11 3.87
CB ZAB E . 1.43 3.08 4.49
CG2 ZAB E . 2.51 2.84 3.62
CD2 ZAB E . 3.82 2.81 4.11
CE ZAB E . 4.06 2.91 5.50
CD1 ZAB E . 2.97 3.07 6.37
CG1 ZAB E . 1.67 3.20 5.87
NG ZAB E . 3.15 3.05 7.74
NI ZAB E . 3.95 2.38 8.49
CI ZAB E . 4.92 1.46 8.12
CJ2 ZAB E . 4.53 0.22 7.59
CK2 ZAB E . 5.51 -0.66 7.09
CL ZAB E . 6.86 -0.29 7.11
CK1 ZAB E . 7.25 0.97 7.64
CJ1 ZAB E . 6.26 1.83 8.15
CM ZAB E . 8.71 1.40 7.71
C ZAB E . 9.70 0.69 6.78
O ZAB E . 9.89 1.16 5.65
HN2 ZAB E . -1.45 2.78 5.34
HA2 ZAB E . -0.18 2.12 3.49
HA3 ZAB E . 0.06 3.80 3.03
HG2 ZAB E . 2.34 2.69 2.57
HD2 ZAB E . 4.66 2.66 3.45
HE ZAB E . 5.07 2.84 5.87
HG1 ZAB E . 0.86 3.34 6.58
HJ2 ZAB E . 3.48 -0.07 7.56
HK2 ZAB E . 5.21 -1.63 6.71
HL ZAB E . 7.59 -0.99 6.71
HJ1 ZAB E . 6.51 2.82 8.53
HM2 ZAB E . 8.74 2.46 7.47
HM3 ZAB E . 9.04 1.30 8.74
N ZAB F . 5.22 4.48 0.20
CA ZAB F . 3.81 4.28 0.50
CB ZAB F . 3.08 5.59 0.61
CG2 ZAB F . 2.14 5.80 1.64
CD2 ZAB F . 1.46 7.02 1.74
CE ZAB F . 1.72 8.04 0.81
CD1 ZAB F . 2.65 7.84 -0.22
CG1 ZAB F . 3.35 6.63 -0.30
NG ZAB F . 2.91 8.83 -1.17
NI ZAB F . 2.16 9.69 -1.78
CI ZAB F . 0.81 9.95 -1.73
CJ2 ZAB F . -0.04 9.36 -2.70
CK2 ZAB F . -1.42 9.59 -2.64
CL ZAB F . -1.96 10.37 -1.59
CK1 ZAB F . -1.12 10.96 -0.63
CJ1 ZAB F . 0.28 10.77 -0.72
CM ZAB F . -1.69 11.82 0.49
C ZAB F . -2.97 11.30 1.16
O ZAB F . -2.87 10.41 2.02
HN2 ZAB F . 5.59 5.43 0.22
HA2 ZAB F . 3.36 3.71 -0.31
HA3 ZAB F . 3.73 3.74 1.43
HG2 ZAB F . 1.92 5.03 2.35
HD2 ZAB F . 0.73 7.17 2.53
HE ZAB F . 1.19 8.98 0.93
HG1 ZAB F . 4.07 6.46 -1.09
HJ2 ZAB F . 0.39 8.74 -3.47
HK2 ZAB F . -2.08 9.14 -3.38
HL ZAB F . -3.04 10.49 -1.55
HJ1 ZAB F . 0.94 11.24 -0.01
HM2 ZAB F . -0.94 11.92 1.26
HM3 ZAB F . -1.88 12.82 0.07
N GLY A 1 -19.84 5.38 11.56
CA GLY A 1 -18.49 4.82 11.59
C GLY A 1 -17.52 5.72 12.36
N PRO A 2 -16.44 6.20 11.72
CA PRO A 2 -15.43 7.05 12.35
C PRO A 2 -16.03 8.34 12.91
N SER A 3 -15.25 8.99 13.78
CA SER A 3 -15.60 10.22 14.46
C SER A 3 -14.51 11.29 14.30
N GLN A 4 -13.33 10.89 13.84
CA GLN A 4 -12.16 11.73 13.61
C GLN A 4 -11.28 11.08 12.53
N PRO A 5 -10.41 11.84 11.86
CA PRO A 5 -9.52 11.33 10.82
C PRO A 5 -8.26 10.77 11.46
N THR A 6 -8.45 9.75 12.29
CA THR A 6 -7.40 9.10 13.03
C THR A 6 -7.50 7.60 12.79
N TYR A 7 -6.64 7.12 11.89
CA TYR A 7 -6.51 5.73 11.49
C TYR A 7 -5.00 5.53 11.27
N PRO A 8 -4.49 4.30 11.40
CA PRO A 8 -3.07 3.99 11.22
C PRO A 8 -2.54 4.18 9.79
N GLY A 9 -3.41 4.27 8.78
CA GLY A 9 -2.96 4.43 7.41
C GLY A 9 -2.21 3.20 6.94
N PRO B 1 10.37 -0.32 7.18
CA PRO B 1 11.29 -1.21 6.48
C PRO B 1 10.55 -2.00 5.40
N VAL B 2 11.20 -2.27 4.26
CA VAL B 2 10.58 -3.02 3.17
C VAL B 2 10.10 -4.39 3.64
N GLU B 3 10.81 -5.03 4.56
CA GLU B 3 10.50 -6.34 5.11
C GLU B 3 9.05 -6.42 5.62
N ASP B 4 8.69 -5.46 6.47
CA ASP B 4 7.38 -5.33 7.09
C ASP B 4 6.38 -4.80 6.07
N LEU B 5 6.79 -3.82 5.27
CA LEU B 5 5.98 -3.19 4.23
C LEU B 5 5.42 -4.22 3.26
N ILE B 6 6.26 -5.08 2.68
CA ILE B 6 5.88 -6.12 1.71
C ILE B 6 4.77 -7.01 2.26
N ARG B 7 4.97 -7.51 3.49
CA ARG B 7 4.05 -8.42 4.15
C ARG B 7 2.73 -7.73 4.49
N PHE B 8 2.75 -6.71 5.34
CA PHE B 8 1.51 -6.05 5.70
C PHE B 8 0.82 -5.38 4.52
N TYR B 9 1.52 -4.90 3.47
CA TYR B 9 0.88 -4.28 2.30
C TYR B 9 -0.14 -5.22 1.65
N ASN B 10 0.18 -6.52 1.64
CA ASN B 10 -0.66 -7.56 1.07
C ASN B 10 -1.92 -7.67 1.91
N ASP B 11 -1.78 -7.82 3.24
CA ASP B 11 -2.96 -7.93 4.11
C ASP B 11 -3.74 -6.62 4.23
N LEU B 12 -3.07 -5.47 4.02
CA LEU B 12 -3.60 -4.12 4.06
C LEU B 12 -4.62 -3.90 2.93
N GLN B 13 -4.79 -4.85 2.01
CA GLN B 13 -5.73 -4.74 0.92
C GLN B 13 -7.14 -4.44 1.47
N GLN B 14 -7.49 -5.03 2.62
CA GLN B 14 -8.78 -4.85 3.28
C GLN B 14 -8.91 -3.48 3.96
N TYR B 15 -7.84 -2.68 4.05
CA TYR B 15 -7.88 -1.35 4.66
C TYR B 15 -8.76 -0.48 3.76
N LEU B 16 -8.48 -0.53 2.44
CA LEU B 16 -9.21 0.22 1.42
C LEU B 16 -10.69 -0.20 1.40
N ASN B 17 -10.97 -1.45 1.77
CA ASN B 17 -12.32 -1.99 1.83
C ASN B 17 -13.08 -1.18 2.89
N VAL B 18 -12.50 -0.94 4.08
CA VAL B 18 -13.15 -0.18 5.14
C VAL B 18 -13.20 1.33 4.80
N VAL B 19 -12.21 1.88 4.10
CA VAL B 19 -12.16 3.30 3.73
C VAL B 19 -13.21 3.69 2.70
N THR B 20 -13.62 2.77 1.82
CA THR B 20 -14.58 3.06 0.77
C THR B 20 -15.83 2.19 0.76
N ARG B 21 -15.98 1.32 1.77
CA ARG B 21 -17.06 0.34 1.86
C ARG B 21 -17.01 -0.41 0.52
N HIS B 22 -15.79 -0.86 0.20
CA HIS B 22 -15.35 -1.58 -0.99
C HIS B 22 -15.96 -0.93 -2.22
N ARG B 23 -15.51 0.27 -2.59
CA ARG B 23 -16.05 0.98 -3.76
C ARG B 23 -14.95 1.73 -4.50
N TYR B 24 -14.02 0.97 -5.06
CA TYR B 24 -12.90 1.50 -5.84
C TYR B 24 -13.38 1.93 -7.23
N NH2 B 25 -14.57 1.52 -7.65
HN1 NH2 B 25 -15.16 0.91 -7.12
HN2 NH2 B 25 -14.87 1.79 -8.58
N GLY C 1 22.99 -1.79 -9.87
CA GLY C 1 21.69 -1.74 -9.16
C GLY C 1 21.53 -0.37 -8.52
N PRO C 2 20.59 -0.20 -7.59
CA PRO C 2 20.38 1.08 -6.93
C PRO C 2 21.64 1.43 -6.12
N SER C 3 22.36 2.46 -6.55
CA SER C 3 23.58 2.92 -5.91
C SER C 3 23.29 3.51 -4.54
N GLN C 4 22.07 3.99 -4.31
CA GLN C 4 21.61 4.55 -3.04
C GLN C 4 20.10 4.26 -2.95
N PRO C 5 19.55 3.98 -1.76
CA PRO C 5 18.14 3.71 -1.58
C PRO C 5 17.35 5.00 -1.77
N THR C 6 16.57 5.10 -2.84
CA THR C 6 15.76 6.28 -3.12
C THR C 6 14.56 5.82 -3.92
N TYR C 7 13.39 5.87 -3.31
CA TYR C 7 12.10 5.50 -3.87
C TYR C 7 11.04 6.38 -3.21
N PRO C 8 9.84 6.50 -3.79
CA PRO C 8 8.80 7.32 -3.19
C PRO C 8 8.09 6.60 -2.04
N GLY C 9 8.26 5.28 -1.91
CA GLY C 9 7.62 4.48 -0.88
C GLY C 9 6.13 4.37 -1.17
N PRO D 1 -4.06 11.99 1.33
CA PRO D 1 -5.44 11.72 1.68
C PRO D 1 -5.90 10.39 1.07
N VAL D 2 -6.94 9.83 1.68
CA VAL D 2 -7.56 8.57 1.29
C VAL D 2 -7.85 8.47 -0.20
N GLU D 3 -8.38 9.53 -0.82
CA GLU D 3 -8.75 9.60 -2.22
C GLU D 3 -7.65 9.13 -3.15
N ASP D 4 -6.51 9.83 -3.15
CA ASP D 4 -5.41 9.45 -4.02
C ASP D 4 -4.78 8.16 -3.52
N LEU D 5 -4.83 7.95 -2.19
CA LEU D 5 -4.30 6.78 -1.50
C LEU D 5 -5.12 5.49 -1.72
N ILE D 6 -6.10 5.49 -2.62
CA ILE D 6 -6.93 4.34 -2.99
C ILE D 6 -6.44 3.83 -4.36
N ARG D 7 -6.24 4.76 -5.29
CA ARG D 7 -5.85 4.54 -6.68
C ARG D 7 -4.43 4.07 -6.93
N PHE D 8 -3.42 4.92 -6.73
CA PHE D 8 -2.05 4.52 -6.99
C PHE D 8 -1.64 3.26 -6.21
N TYR D 9 -2.25 2.93 -5.07
CA TYR D 9 -2.00 1.77 -4.20
C TYR D 9 -2.21 0.45 -4.96
N ASN D 10 -3.23 0.44 -5.82
CA ASN D 10 -3.61 -0.69 -6.65
C ASN D 10 -2.55 -0.85 -7.73
N ASP D 11 -2.07 0.27 -8.27
CA ASP D 11 -1.02 0.23 -9.30
C ASP D 11 0.37 -0.07 -8.68
N LEU D 12 0.55 0.34 -7.41
CA LEU D 12 1.73 0.20 -6.54
C LEU D 12 2.08 -1.26 -6.32
N GLN D 13 1.21 -2.21 -6.74
CA GLN D 13 1.51 -3.62 -6.59
C GLN D 13 2.83 -3.88 -7.36
N GLN D 14 3.07 -3.10 -8.43
CA GLN D 14 4.27 -3.16 -9.24
C GLN D 14 5.50 -2.66 -8.45
N TYR D 15 5.34 -1.68 -7.55
CA TYR D 15 6.43 -1.16 -6.75
C TYR D 15 6.97 -2.28 -5.87
N LEU D 16 6.08 -3.00 -5.17
CA LEU D 16 6.50 -4.12 -4.32
C LEU D 16 7.16 -5.18 -5.19
N ASN D 17 6.70 -5.36 -6.44
CA ASN D 17 7.27 -6.33 -7.35
C ASN D 17 8.71 -5.92 -7.65
N VAL D 18 9.02 -4.63 -7.85
CA VAL D 18 10.39 -4.20 -8.11
C VAL D 18 11.23 -4.38 -6.82
N VAL D 19 10.70 -4.01 -5.65
CA VAL D 19 11.39 -4.14 -4.36
C VAL D 19 11.80 -5.58 -4.05
N THR D 20 11.02 -6.55 -4.51
CA THR D 20 11.29 -7.96 -4.25
C THR D 20 11.64 -8.76 -5.48
N ARG D 21 11.78 -8.11 -6.64
CA ARG D 21 12.02 -8.78 -7.92
C ARG D 21 10.92 -9.86 -8.09
N HIS D 22 9.73 -9.56 -7.57
CA HIS D 22 8.50 -10.34 -7.52
C HIS D 22 8.75 -11.72 -6.88
N ARG D 23 9.75 -11.85 -6.00
CA ARG D 23 10.11 -13.10 -5.33
C ARG D 23 9.34 -13.35 -4.04
N TYR D 24 8.49 -12.43 -3.54
CA TYR D 24 7.75 -12.65 -2.29
C TYR D 24 6.86 -13.90 -2.35
N NH2 D 25 6.40 -14.30 -3.53
HN1 NH2 D 25 6.60 -13.76 -4.35
HN2 NH2 D 25 5.79 -15.11 -3.57
N ZAB E . -1.44 3.39 5.87
CA ZAB E . -0.61 2.38 5.24
CB ZAB E . 0.83 2.74 5.48
CG2 ZAB E . 1.67 3.12 4.42
CD2 ZAB E . 3.01 3.45 4.66
CE ZAB E . 3.52 3.42 5.96
CD1 ZAB E . 2.68 3.07 7.03
CG1 ZAB E . 1.34 2.73 6.80
NG ZAB E . 3.15 3.02 8.33
NI ZAB E . 4.15 2.39 8.82
CI ZAB E . 5.07 1.55 8.22
CJ2 ZAB E . 4.66 0.29 7.75
CK2 ZAB E . 5.59 -0.55 7.13
CL ZAB E . 6.94 -0.14 7.01
CK1 ZAB E . 7.35 1.12 7.48
CJ1 ZAB E . 6.39 1.97 8.07
CM ZAB E . 8.80 1.59 7.40
C ZAB E . 9.75 0.71 6.59
O ZAB E . 9.84 0.87 5.37
HN2 ZAB E . -1.33 4.34 5.51
HA2 ZAB E . -0.80 1.40 5.67
HA3 ZAB E . -0.80 2.36 4.17
HG2 ZAB E . 1.27 3.16 3.41
HD2 ZAB E . 3.65 3.76 3.83
HE ZAB E . 4.56 3.70 6.16
HG1 ZAB E . 0.72 2.46 7.63
HJ2 ZAB E . 3.65 -0.05 7.91
HK2 ZAB E . 5.31 -1.56 6.83
HL ZAB E . 7.63 -0.84 6.56
HJ1 ZAB E . 6.64 2.96 8.44
HM2 ZAB E . 8.80 2.58 6.93
HM3 ZAB E . 9.17 1.70 8.41
N ZAB F . 5.34 3.96 -0.18
CA ZAB F . 3.90 3.80 -0.31
CB ZAB F . 3.14 5.02 0.19
CG2 ZAB F . 2.07 4.87 1.08
CD2 ZAB F . 1.34 5.99 1.54
CE ZAB F . 1.67 7.27 1.05
CD1 ZAB F . 2.72 7.43 0.13
CG1 ZAB F . 3.46 6.31 -0.30
NG ZAB F . 3.06 8.67 -0.37
NI ZAB F . 2.38 9.71 -0.72
CI ZAB F . 1.03 9.97 -0.74
CJ2 ZAB F . 0.27 9.57 -1.84
CK2 ZAB F . -1.13 9.80 -1.84
CL ZAB F . -1.75 10.41 -0.76
CK1 ZAB F . -0.98 10.87 0.33
CJ1 ZAB F . 0.42 10.64 0.34
CM ZAB F . -1.61 11.68 1.44
C ZAB F . -3.03 11.31 1.86
O ZAB F . -3.18 10.39 2.68
HN2 ZAB F . 5.76 3.72 0.71
HA2 ZAB F . 3.62 3.67 -1.35
HA3 ZAB F . 3.58 2.93 0.25
HG2 ZAB F . 1.78 3.88 1.41
HD2 ZAB F . 0.54 5.86 2.24
HE ZAB F . 1.11 8.12 1.41
HG1 ZAB F . 4.26 6.44 -1.00
HJ2 ZAB F . 0.75 9.11 -2.68
HK2 ZAB F . -1.70 9.49 -2.70
HL ZAB F . -2.82 10.52 -0.78
HJ1 ZAB F . 1.03 10.99 1.16
HM2 ZAB F . -0.97 11.58 2.31
HM3 ZAB F . -1.56 12.73 1.16
N GLY A 1 -23.41 6.85 9.15
CA GLY A 1 -22.22 6.13 9.62
C GLY A 1 -21.27 7.04 10.38
N PRO A 2 -19.94 6.83 10.23
CA PRO A 2 -18.91 7.62 10.91
C PRO A 2 -18.92 9.10 10.51
N SER A 3 -18.14 9.90 11.25
CA SER A 3 -17.97 11.32 11.10
C SER A 3 -16.51 11.63 10.80
N GLN A 4 -15.60 11.45 11.76
CA GLN A 4 -14.18 11.72 11.58
C GLN A 4 -13.32 10.76 12.44
N PRO A 5 -13.34 9.44 12.13
CA PRO A 5 -12.59 8.42 12.86
C PRO A 5 -11.09 8.52 12.53
N THR A 6 -10.33 7.54 13.01
CA THR A 6 -8.89 7.45 12.80
C THR A 6 -8.50 5.99 12.68
N TYR A 7 -7.27 5.75 12.20
CA TYR A 7 -6.69 4.43 12.00
C TYR A 7 -5.18 4.50 12.28
N PRO A 8 -4.50 3.35 12.45
CA PRO A 8 -3.06 3.29 12.68
C PRO A 8 -2.23 3.81 11.48
N GLY A 9 -2.86 3.93 10.32
CA GLY A 9 -2.25 4.37 9.07
C GLY A 9 -1.71 3.18 8.29
N PRO B 1 10.70 -1.44 6.97
CA PRO B 1 11.61 -2.23 6.14
C PRO B 1 10.81 -3.06 5.13
N VAL B 2 11.46 -3.41 4.02
CA VAL B 2 10.85 -4.20 2.94
C VAL B 2 10.33 -5.52 3.47
N GLU B 3 11.08 -6.20 4.34
CA GLU B 3 10.71 -7.48 4.92
C GLU B 3 9.32 -7.45 5.57
N ASP B 4 9.05 -6.43 6.38
CA ASP B 4 7.77 -6.25 7.08
C ASP B 4 6.71 -5.71 6.12
N LEU B 5 7.11 -4.77 5.27
CA LEU B 5 6.27 -4.12 4.27
C LEU B 5 5.64 -5.16 3.35
N ILE B 6 6.29 -6.29 3.09
CA ILE B 6 5.76 -7.37 2.24
C ILE B 6 4.48 -7.91 2.90
N ARG B 7 4.58 -8.25 4.19
CA ARG B 7 3.48 -8.80 4.98
C ARG B 7 2.39 -7.75 5.18
N PHE B 8 2.81 -6.55 5.59
CA PHE B 8 1.94 -5.41 5.82
C PHE B 8 1.11 -5.12 4.57
N TYR B 9 1.73 -5.11 3.38
CA TYR B 9 1.06 -4.83 2.12
C TYR B 9 -0.08 -5.82 1.85
N ASN B 10 0.11 -7.09 2.25
CA ASN B 10 -0.91 -8.12 2.07
C ASN B 10 -2.10 -7.87 2.99
N ASP B 11 -1.90 -7.22 4.14
CA ASP B 11 -2.99 -6.92 5.08
C ASP B 11 -3.59 -5.53 4.82
N LEU B 12 -2.84 -4.65 4.17
CA LEU B 12 -3.23 -3.28 3.79
C LEU B 12 -4.45 -3.33 2.88
N GLN B 13 -4.67 -4.46 2.19
CA GLN B 13 -5.77 -4.69 1.29
C GLN B 13 -7.11 -4.38 1.98
N GLN B 14 -7.27 -4.75 3.26
CA GLN B 14 -8.48 -4.50 4.02
C GLN B 14 -8.66 -3.02 4.35
N TYR B 15 -7.58 -2.29 4.63
CA TYR B 15 -7.61 -0.88 4.97
C TYR B 15 -8.44 -0.10 3.95
N LEU B 16 -8.05 -0.19 2.68
CA LEU B 16 -8.72 0.51 1.60
C LEU B 16 -10.11 -0.09 1.33
N ASN B 17 -10.22 -1.42 1.42
CA ASN B 17 -11.49 -2.11 1.18
C ASN B 17 -12.60 -1.60 2.09
N VAL B 18 -12.37 -1.47 3.39
CA VAL B 18 -13.40 -1.00 4.31
C VAL B 18 -13.74 0.48 4.08
N VAL B 19 -12.76 1.36 3.81
CA VAL B 19 -12.99 2.80 3.60
C VAL B 19 -14.07 3.07 2.54
N THR B 20 -13.96 2.43 1.37
CA THR B 20 -14.90 2.61 0.26
C THR B 20 -15.80 1.39 0.08
N ARG B 21 -15.84 0.46 1.04
CA ARG B 21 -16.62 -0.78 0.97
C ARG B 21 -16.42 -1.45 -0.40
N HIS B 22 -15.16 -1.48 -0.86
CA HIS B 22 -14.76 -2.06 -2.14
C HIS B 22 -15.58 -1.49 -3.33
N ARG B 23 -16.02 -0.22 -3.29
CA ARG B 23 -16.79 0.38 -4.40
C ARG B 23 -15.99 0.33 -5.70
N TYR B 24 -14.66 0.37 -5.60
CA TYR B 24 -13.75 0.30 -6.74
C TYR B 24 -13.64 -1.14 -7.29
N NH2 B 25 -14.18 -2.15 -6.61
HN1 NH2 B 25 -14.68 -2.03 -5.75
HN2 NH2 B 25 -14.11 -3.10 -6.96
N GLY C 1 23.29 -6.43 -8.50
CA GLY C 1 22.48 -5.27 -8.88
C GLY C 1 22.95 -4.05 -8.12
N PRO C 2 22.05 -3.11 -7.78
CA PRO C 2 22.41 -1.92 -7.02
C PRO C 2 22.76 -2.37 -5.58
N SER C 3 23.37 -1.49 -4.78
CA SER C 3 23.73 -1.85 -3.42
C SER C 3 22.57 -1.51 -2.51
N GLN C 4 22.34 -0.21 -2.35
CA GLN C 4 21.30 0.34 -1.49
C GLN C 4 20.77 1.64 -2.08
N PRO C 5 19.99 1.60 -3.16
CA PRO C 5 19.42 2.78 -3.81
C PRO C 5 18.26 3.35 -2.97
N THR C 6 17.61 4.42 -3.43
CA THR C 6 16.50 5.08 -2.75
C THR C 6 15.28 5.16 -3.67
N TYR C 7 14.09 5.26 -3.09
CA TYR C 7 12.76 5.35 -3.69
C TYR C 7 11.99 6.35 -2.79
N PRO C 8 10.87 6.94 -3.24
CA PRO C 8 10.11 7.90 -2.44
C PRO C 8 9.51 7.32 -1.15
N GLY C 9 8.36 6.64 -1.21
CA GLY C 9 7.75 6.08 -0.02
C GLY C 9 6.40 5.44 -0.31
N PRO D 1 -5.16 11.93 1.07
CA PRO D 1 -6.60 11.77 0.90
C PRO D 1 -6.88 10.35 0.41
N VAL D 2 -7.80 9.63 1.06
CA VAL D 2 -8.14 8.26 0.66
C VAL D 2 -8.56 8.16 -0.80
N GLU D 3 -9.09 9.25 -1.38
CA GLU D 3 -9.50 9.33 -2.77
C GLU D 3 -8.30 9.05 -3.68
N ASP D 4 -7.13 9.61 -3.38
CA ASP D 4 -5.91 9.40 -4.17
C ASP D 4 -5.33 8.03 -3.85
N LEU D 5 -5.41 7.64 -2.58
CA LEU D 5 -4.89 6.35 -2.10
C LEU D 5 -5.53 5.17 -2.83
N ILE D 6 -6.83 5.22 -3.13
CA ILE D 6 -7.52 4.14 -3.84
C ILE D 6 -6.92 3.90 -5.23
N ARG D 7 -6.41 4.96 -5.89
CA ARG D 7 -5.81 4.85 -7.22
C ARG D 7 -4.38 4.36 -7.05
N PHE D 8 -3.60 5.13 -6.28
CA PHE D 8 -2.20 4.90 -5.96
C PHE D 8 -1.95 3.48 -5.48
N TYR D 9 -2.77 2.94 -4.57
CA TYR D 9 -2.63 1.59 -4.04
C TYR D 9 -2.69 0.51 -5.13
N ASN D 10 -3.45 0.72 -6.21
CA ASN D 10 -3.53 -0.26 -7.28
C ASN D 10 -2.21 -0.26 -8.05
N ASP D 11 -1.69 0.93 -8.37
CA ASP D 11 -0.42 1.09 -9.09
C ASP D 11 0.77 0.63 -8.23
N LEU D 12 0.68 0.83 -6.91
CA LEU D 12 1.65 0.49 -5.88
C LEU D 12 2.02 -0.99 -5.93
N GLN D 13 1.16 -1.83 -6.52
CA GLN D 13 1.41 -3.25 -6.66
C GLN D 13 2.76 -3.47 -7.37
N GLN D 14 3.12 -2.57 -8.30
CA GLN D 14 4.35 -2.61 -9.06
C GLN D 14 5.57 -2.24 -8.21
N TYR D 15 5.44 -1.36 -7.21
CA TYR D 15 6.53 -0.93 -6.34
C TYR D 15 7.20 -2.15 -5.73
N LEU D 16 6.43 -2.90 -4.93
CA LEU D 16 6.92 -4.10 -4.25
C LEU D 16 7.36 -5.14 -5.26
N ASN D 17 6.63 -5.28 -6.37
CA ASN D 17 6.95 -6.24 -7.41
C ASN D 17 8.35 -6.02 -7.93
N VAL D 18 8.76 -4.78 -8.20
CA VAL D 18 10.11 -4.49 -8.68
C VAL D 18 11.16 -4.71 -7.56
N VAL D 19 10.79 -4.62 -6.27
CA VAL D 19 11.75 -4.85 -5.19
C VAL D 19 12.09 -6.33 -5.12
N THR D 20 11.11 -7.18 -4.80
CA THR D 20 11.33 -8.62 -4.67
C THR D 20 11.20 -9.38 -5.99
N ARG D 21 11.12 -8.71 -7.15
CA ARG D 21 10.93 -9.32 -8.47
C ARG D 21 9.81 -10.37 -8.40
N HIS D 22 8.72 -9.99 -7.73
CA HIS D 22 7.52 -10.78 -7.50
C HIS D 22 7.78 -12.15 -6.84
N ARG D 23 8.92 -12.38 -6.17
CA ARG D 23 9.30 -13.64 -5.49
C ARG D 23 8.44 -13.97 -4.25
N TYR D 24 7.22 -13.45 -4.15
CA TYR D 24 6.31 -13.67 -3.03
C TYR D 24 4.84 -13.69 -3.48
N NH2 D 25 4.53 -13.47 -4.76
HN1 NH2 D 25 5.20 -13.28 -5.50
HN2 NH2 D 25 3.55 -13.33 -4.94
N ZAB E . -1.17 3.47 7.11
CA ZAB E . -0.59 2.52 6.18
CB ZAB E . 0.92 2.58 6.26
CG2 ZAB E . 1.69 2.92 5.13
CD2 ZAB E . 3.10 2.93 5.21
CE ZAB E . 3.74 2.61 6.41
CD1 ZAB E . 2.97 2.27 7.53
CG1 ZAB E . 1.57 2.25 7.46
NG ZAB E . 3.55 2.00 8.75
NI ZAB E . 4.54 1.24 9.11
CI ZAB E . 5.36 0.41 8.38
CJ2 ZAB E . 4.90 -0.86 7.95
CK2 ZAB E . 5.81 -1.74 7.33
CL ZAB E . 7.15 -1.35 7.13
CK1 ZAB E . 7.60 -0.08 7.56
CJ1 ZAB E . 6.69 0.79 8.20
CM ZAB E . 9.06 0.35 7.45
C ZAB E . 9.98 -0.43 6.49
O ZAB E . 10.00 -0.09 5.30
HN2 ZAB E . -1.17 4.43 6.82
HA2 ZAB E . -0.91 1.50 6.43
HA3 ZAB E . -0.90 2.74 5.16
HG2 ZAB E . 1.20 3.14 4.18
HD2 ZAB E . 3.69 3.16 4.33
HE ZAB E . 4.82 2.62 6.48
HG1 ZAB E . 1.01 1.95 8.32
HJ2 ZAB E . 3.88 -1.15 8.13
HK2 ZAB E . 5.47 -2.72 7.03
HL ZAB E . 7.83 -2.06 6.68
HJ1 ZAB E . 7.00 1.75 8.58
HM2 ZAB E . 9.05 1.38 7.12
HM3 ZAB E . 9.48 0.34 8.46
N ZAB F . 5.58 5.31 0.73
CA ZAB F . 4.25 4.73 0.68
CB ZAB F . 3.23 5.78 1.06
CG2 ZAB F . 2.44 5.61 2.22
CD2 ZAB F . 1.52 6.59 2.60
CE ZAB F . 1.41 7.77 1.82
CD1 ZAB F . 2.20 7.94 0.68
CG1 ZAB F . 3.10 6.95 0.29
NG ZAB F . 2.16 9.11 -0.05
NI ZAB F . 1.17 9.86 -0.43
CI ZAB F . -0.19 9.73 -0.25
CJ2 ZAB F . -0.93 8.87 -1.05
CK2 ZAB F . -2.32 8.83 -0.93
CL ZAB F . -2.97 9.59 0.05
CK1 ZAB F . -2.23 10.47 0.89
CJ1 ZAB F . -0.83 10.54 0.72
CM ZAB F . -2.91 11.33 1.95
C ZAB F . -4.45 11.27 2.00
O ZAB F . -4.99 10.49 2.80
HN2 ZAB F . 5.84 5.80 1.59
HA2 ZAB F . 4.03 4.37 -0.32
HA3 ZAB F . 4.19 3.90 1.39
HG2 ZAB F . 2.57 4.72 2.83
HD2 ZAB F . 0.94 6.48 3.50
HE ZAB F . 0.74 8.55 2.15
HG1 ZAB F . 3.71 7.10 -0.59
HJ2 ZAB F . -0.44 8.28 -1.82
HK2 ZAB F . -2.89 8.21 -1.62
HL ZAB F . -4.03 9.50 0.13
HJ1 ZAB F . -0.22 11.19 1.32
HM2 ZAB F . -2.53 11.02 2.92
HM3 ZAB F . -2.61 12.36 1.78
N GLY A 1 -18.47 -3.27 11.12
CA GLY A 1 -17.45 -2.25 10.84
C GLY A 1 -17.64 -1.04 11.73
N PRO A 2 -16.80 0.00 11.59
CA PRO A 2 -16.89 1.21 12.38
C PRO A 2 -18.19 1.98 12.19
N SER A 3 -18.49 2.85 13.15
CA SER A 3 -19.67 3.70 13.18
C SER A 3 -19.31 5.06 12.57
N GLN A 4 -18.07 5.53 12.76
CA GLN A 4 -17.55 6.81 12.27
C GLN A 4 -16.12 6.61 11.71
N PRO A 5 -15.63 7.51 10.84
CA PRO A 5 -14.31 7.41 10.22
C PRO A 5 -13.10 7.83 11.07
N THR A 6 -12.42 6.88 11.70
CA THR A 6 -11.22 7.07 12.51
C THR A 6 -10.44 5.76 12.37
N TYR A 7 -9.36 5.82 11.61
CA TYR A 7 -8.49 4.71 11.29
C TYR A 7 -7.03 5.13 11.51
N PRO A 8 -6.08 4.20 11.74
CA PRO A 8 -4.66 4.53 11.95
C PRO A 8 -3.94 5.00 10.67
N GLY A 9 -4.67 5.22 9.56
CA GLY A 9 -4.11 5.64 8.29
C GLY A 9 -3.43 4.45 7.61
N PRO B 1 9.25 0.72 6.87
CA PRO B 1 10.12 0.23 5.80
C PRO B 1 9.34 -0.67 4.85
N VAL B 2 9.87 -0.93 3.65
CA VAL B 2 9.19 -1.79 2.69
C VAL B 2 9.08 -3.22 3.23
N GLU B 3 10.00 -3.66 4.11
CA GLU B 3 9.97 -5.00 4.68
C GLU B 3 8.67 -5.24 5.45
N ASP B 4 8.16 -4.21 6.13
CA ASP B 4 6.92 -4.28 6.89
C ASP B 4 5.76 -3.98 5.94
N LEU B 5 5.98 -3.02 5.03
CA LEU B 5 5.01 -2.60 4.03
C LEU B 5 4.57 -3.77 3.15
N ILE B 6 5.40 -4.80 2.97
CA ILE B 6 5.12 -6.01 2.20
C ILE B 6 3.94 -6.73 2.83
N ARG B 7 4.00 -6.96 4.14
CA ARG B 7 2.98 -7.65 4.91
C ARG B 7 1.74 -6.76 5.01
N PHE B 8 1.96 -5.49 5.34
CA PHE B 8 0.91 -4.49 5.47
C PHE B 8 0.09 -4.38 4.19
N TYR B 9 0.75 -4.31 3.03
CA TYR B 9 0.15 -4.20 1.71
C TYR B 9 -0.83 -5.34 1.44
N ASN B 10 -0.43 -6.55 1.81
CA ASN B 10 -1.24 -7.73 1.61
C ASN B 10 -2.51 -7.68 2.46
N ASP B 11 -2.38 -7.35 3.75
CA ASP B 11 -3.54 -7.26 4.66
C ASP B 11 -4.40 -6.02 4.38
N LEU B 12 -3.81 -4.99 3.77
CA LEU B 12 -4.46 -3.74 3.41
C LEU B 12 -5.62 -4.01 2.44
N GLN B 13 -5.60 -5.13 1.73
CA GLN B 13 -6.64 -5.52 0.79
C GLN B 13 -8.03 -5.52 1.43
N GLN B 14 -8.11 -5.83 2.73
CA GLN B 14 -9.36 -5.85 3.47
C GLN B 14 -9.56 -4.52 4.22
N TYR B 15 -8.50 -3.99 4.84
CA TYR B 15 -8.55 -2.72 5.58
C TYR B 15 -9.00 -1.56 4.68
N LEU B 16 -8.41 -1.41 3.50
CA LEU B 16 -8.76 -0.34 2.56
C LEU B 16 -10.25 -0.41 2.20
N ASN B 17 -10.79 -1.63 2.16
CA ASN B 17 -12.18 -1.92 1.85
C ASN B 17 -13.11 -1.23 2.86
N VAL B 18 -12.70 -1.14 4.14
CA VAL B 18 -13.44 -0.50 5.23
C VAL B 18 -13.46 1.01 4.99
N VAL B 19 -12.28 1.61 4.80
CA VAL B 19 -12.11 3.05 4.57
C VAL B 19 -12.95 3.49 3.37
N THR B 20 -12.85 2.77 2.26
CA THR B 20 -13.60 3.08 1.04
C THR B 20 -15.04 2.59 1.07
N ARG B 21 -15.47 1.94 2.14
CA ARG B 21 -16.82 1.38 2.29
C ARG B 21 -17.19 0.55 1.06
N HIS B 22 -16.21 -0.17 0.51
CA HIS B 22 -16.31 -1.04 -0.68
C HIS B 22 -16.74 -0.30 -1.97
N ARG B 23 -16.69 1.04 -2.01
CA ARG B 23 -17.07 1.88 -3.17
C ARG B 23 -16.41 1.44 -4.47
N TYR B 24 -15.10 1.23 -4.43
CA TYR B 24 -14.27 0.83 -5.56
C TYR B 24 -14.53 -0.59 -6.08
N NH2 B 25 -15.34 -1.39 -5.40
HN1 NH2 B 25 -15.83 -1.11 -4.56
HN2 NH2 B 25 -15.57 -2.30 -5.82
N GLY C 1 14.90 -2.37 -15.84
CA GLY C 1 14.76 -1.59 -14.61
C GLY C 1 16.12 -1.15 -14.07
N PRO C 2 16.16 -0.67 -12.83
CA PRO C 2 17.37 -0.18 -12.18
C PRO C 2 18.37 -1.31 -11.92
N SER C 3 19.63 -0.92 -11.77
CA SER C 3 20.75 -1.81 -11.49
C SER C 3 21.13 -1.77 -10.02
N GLN C 4 20.87 -0.65 -9.33
CA GLN C 4 21.18 -0.43 -7.92
C GLN C 4 19.90 -0.11 -7.14
N PRO C 5 19.91 -0.23 -5.80
CA PRO C 5 18.76 0.05 -4.95
C PRO C 5 18.54 1.56 -4.89
N THR C 6 17.59 2.01 -5.71
CA THR C 6 17.21 3.41 -5.85
C THR C 6 15.71 3.41 -6.16
N TYR C 7 14.89 3.79 -5.18
CA TYR C 7 13.44 3.82 -5.32
C TYR C 7 12.83 5.01 -4.56
N PRO C 8 11.62 5.45 -4.93
CA PRO C 8 10.94 6.58 -4.26
C PRO C 8 10.40 6.18 -2.87
N GLY C 9 10.26 4.89 -2.60
CA GLY C 9 9.74 4.38 -1.35
C GLY C 9 8.22 4.31 -1.46
N PRO D 1 -2.93 10.49 1.79
CA PRO D 1 -4.36 10.36 1.99
C PRO D 1 -4.88 9.10 1.29
N VAL D 2 -6.01 8.59 1.77
CA VAL D 2 -6.67 7.40 1.25
C VAL D 2 -6.90 7.47 -0.25
N GLU D 3 -7.40 8.60 -0.78
CA GLU D 3 -7.68 8.77 -2.19
C GLU D 3 -6.44 8.59 -3.08
N ASP D 4 -5.33 9.18 -2.66
CA ASP D 4 -4.04 9.10 -3.36
C ASP D 4 -3.54 7.67 -3.24
N LEU D 5 -3.60 7.15 -2.02
CA LEU D 5 -3.19 5.81 -1.67
C LEU D 5 -3.98 4.73 -2.40
N ILE D 6 -5.21 4.95 -2.88
CA ILE D 6 -5.96 3.93 -3.62
C ILE D 6 -5.29 3.77 -4.99
N ARG D 7 -5.06 4.89 -5.68
CA ARG D 7 -4.44 4.91 -6.99
C ARG D 7 -3.06 4.27 -6.88
N PHE D 8 -2.28 4.75 -5.92
CA PHE D 8 -0.95 4.24 -5.64
C PHE D 8 -1.02 2.75 -5.32
N TYR D 9 -1.93 2.28 -4.47
CA TYR D 9 -2.07 0.86 -4.08
C TYR D 9 -2.32 -0.05 -5.29
N ASN D 10 -3.09 0.44 -6.26
CA ASN D 10 -3.42 -0.32 -7.45
C ASN D 10 -2.24 -0.42 -8.41
N ASP D 11 -1.46 0.66 -8.56
CA ASP D 11 -0.29 0.74 -9.45
C ASP D 11 0.97 0.16 -8.79
N LEU D 12 1.01 0.15 -7.46
CA LEU D 12 2.08 -0.35 -6.60
C LEU D 12 2.25 -1.85 -6.81
N GLN D 13 1.21 -2.55 -7.26
CA GLN D 13 1.23 -3.99 -7.48
C GLN D 13 2.42 -4.45 -8.32
N GLN D 14 2.90 -3.59 -9.22
CA GLN D 14 4.05 -3.85 -10.09
C GLN D 14 5.33 -3.26 -9.47
N TYR D 15 5.28 -2.02 -8.94
CA TYR D 15 6.43 -1.37 -8.31
C TYR D 15 6.99 -2.21 -7.16
N LEU D 16 6.14 -2.73 -6.26
CA LEU D 16 6.56 -3.55 -5.12
C LEU D 16 7.34 -4.78 -5.60
N ASN D 17 6.91 -5.33 -6.73
CA ASN D 17 7.50 -6.48 -7.38
C ASN D 17 8.98 -6.21 -7.67
N VAL D 18 9.28 -5.04 -8.24
CA VAL D 18 10.63 -4.62 -8.56
C VAL D 18 11.41 -4.35 -7.27
N VAL D 19 10.81 -3.68 -6.28
CA VAL D 19 11.46 -3.37 -5.01
C VAL D 19 11.87 -4.66 -4.27
N THR D 20 11.25 -5.79 -4.57
CA THR D 20 11.56 -7.07 -3.94
C THR D 20 12.22 -8.06 -4.91
N ARG D 21 12.55 -7.61 -6.13
CA ARG D 21 13.18 -8.42 -7.19
C ARG D 21 12.38 -9.71 -7.42
N HIS D 22 11.04 -9.60 -7.36
CA HIS D 22 10.09 -10.69 -7.54
C HIS D 22 10.37 -11.86 -6.59
N ARG D 23 10.88 -11.59 -5.37
CA ARG D 23 11.19 -12.60 -4.37
C ARG D 23 9.97 -13.46 -4.07
N TYR D 24 8.82 -12.82 -3.86
CA TYR D 24 7.57 -13.50 -3.57
C TYR D 24 6.99 -14.21 -4.80
N NH2 D 25 7.60 -14.12 -5.98
HN1 NH2 D 25 8.49 -13.66 -6.10
HN2 NH2 D 25 7.21 -14.64 -6.76
N ZAB E . -2.90 4.68 6.41
CA ZAB E . -2.24 3.66 5.61
CB ZAB E . -0.74 3.65 5.79
CG2 ZAB E . 0.11 3.84 4.69
CD2 ZAB E . 1.50 3.76 4.85
CE ZAB E . 2.06 3.54 6.12
CD1 ZAB E . 1.19 3.38 7.23
CG1 ZAB E . -0.19 3.40 7.06
NG ZAB E . 1.66 3.23 8.52
NI ZAB E . 2.68 2.60 9.00
CI ZAB E . 3.64 1.84 8.38
CJ2 ZAB E . 3.31 0.67 7.69
CK2 ZAB E . 4.33 -0.06 7.06
CL ZAB E . 5.66 0.39 7.10
CK1 ZAB E . 5.98 1.58 7.78
CJ1 ZAB E . 4.96 2.31 8.42
CM ZAB E . 7.43 2.07 7.88
C ZAB E . 8.34 1.69 6.71
O ZAB E . 8.24 2.33 5.65
HN2 ZAB E . -3.02 5.59 5.99
HA2 ZAB E . -2.63 2.67 5.89
HA3 ZAB E . -2.47 3.83 4.56
HG2 ZAB E . -0.30 4.04 3.71
HD2 ZAB E . 2.16 3.90 4.00
HE ZAB E . 3.13 3.52 6.25
HG1 ZAB E . -0.79 3.21 7.93
HJ2 ZAB E . 2.28 0.31 7.68
HK2 ZAB E . 4.09 -0.99 6.57
HL ZAB E . 6.42 -0.21 6.63
HJ1 ZAB E . 5.13 3.22 8.96
HM2 ZAB E . 7.39 3.16 7.94
HM3 ZAB E . 7.82 1.72 8.83
N ZAB F . 7.57 3.69 -0.48
CA ZAB F . 6.12 3.52 -0.41
CB ZAB F . 5.46 4.62 0.42
CG2 ZAB F . 4.97 4.34 1.71
CD2 ZAB F . 4.31 5.36 2.43
CE ZAB F . 4.13 6.63 1.86
CD1 ZAB F . 4.69 6.91 0.61
CG1 ZAB F . 5.34 5.91 -0.12
NG ZAB F . 4.61 8.19 0.07
NI ZAB F . 3.61 8.95 -0.21
CI ZAB F . 2.25 8.77 -0.09
CJ2 ZAB F . 1.56 8.03 -1.07
CK2 ZAB F . 0.16 7.93 -0.99
CL ZAB F . -0.54 8.55 0.06
CK1 ZAB F . 0.16 9.27 1.05
CJ1 ZAB F . 1.56 9.39 0.96
CM ZAB F . -0.55 9.95 2.22
C ZAB F . -2.03 9.67 2.36
O ZAB F . -2.39 8.71 3.04
HN2 ZAB F . 8.12 3.23 0.23
HA2 ZAB F . 5.69 3.56 -1.41
HA3 ZAB F . 5.89 2.56 0.03
HG2 ZAB F . 5.07 3.36 2.14
HD2 ZAB F . 3.92 5.14 3.42
HE ZAB F . 3.56 7.36 2.41
HG1 ZAB F . 5.74 6.14 -1.10
HJ2 ZAB F . 2.09 7.57 -1.89
HK2 ZAB F . -0.38 7.40 -1.77
HL ZAB F . -1.61 8.49 0.05
HJ1 ZAB F . 2.10 9.96 1.69
HM2 ZAB F . -0.05 9.61 3.12
HM3 ZAB F . -0.38 11.02 2.13
N GLY A 1 -21.61 3.23 10.42
CA GLY A 1 -20.23 3.54 10.03
C GLY A 1 -19.30 3.56 11.24
N PRO A 2 -18.01 3.90 11.03
CA PRO A 2 -17.02 3.93 12.10
C PRO A 2 -17.34 5.00 13.16
N SER A 3 -17.50 4.55 14.41
CA SER A 3 -17.79 5.36 15.59
C SER A 3 -16.51 6.04 16.12
N GLN A 4 -15.34 5.48 15.83
CA GLN A 4 -14.02 5.97 16.23
C GLN A 4 -13.13 5.87 14.98
N PRO A 5 -13.37 6.69 13.94
CA PRO A 5 -12.59 6.66 12.72
C PRO A 5 -11.18 7.19 12.99
N THR A 6 -10.26 6.30 13.38
CA THR A 6 -8.88 6.63 13.68
C THR A 6 -8.05 5.39 13.34
N TYR A 7 -7.08 5.60 12.46
CA TYR A 7 -6.13 4.63 11.94
C TYR A 7 -4.79 5.36 11.75
N PRO A 8 -3.67 4.66 11.47
CA PRO A 8 -2.39 5.33 11.24
C PRO A 8 -2.31 5.99 9.86
N GLY A 9 -3.33 5.84 9.00
CA GLY A 9 -3.36 6.42 7.66
C GLY A 9 -2.70 5.53 6.61
N PRO B 1 9.67 0.39 6.83
CA PRO B 1 10.62 -0.52 6.19
C PRO B 1 9.90 -1.37 5.15
N VAL B 2 10.53 -1.55 3.98
CA VAL B 2 10.00 -2.34 2.88
C VAL B 2 9.58 -3.73 3.35
N GLU B 3 10.42 -4.39 4.16
CA GLU B 3 10.14 -5.72 4.64
C GLU B 3 8.82 -5.84 5.42
N ASP B 4 8.38 -4.78 6.10
CA ASP B 4 7.11 -4.81 6.84
C ASP B 4 5.99 -4.32 5.93
N LEU B 5 6.30 -3.33 5.10
CA LEU B 5 5.40 -2.72 4.14
C LEU B 5 4.85 -3.79 3.18
N ILE B 6 5.60 -4.88 2.92
CA ILE B 6 5.17 -6.00 2.07
C ILE B 6 3.94 -6.66 2.70
N ARG B 7 4.10 -7.17 3.92
CA ARG B 7 3.06 -7.87 4.66
C ARG B 7 1.86 -6.95 4.88
N PHE B 8 2.12 -5.74 5.37
CA PHE B 8 1.09 -4.75 5.62
C PHE B 8 0.30 -4.47 4.33
N TYR B 9 0.96 -4.33 3.18
CA TYR B 9 0.33 -4.06 1.89
C TYR B 9 -0.62 -5.18 1.47
N ASN B 10 -0.22 -6.44 1.67
CA ASN B 10 -1.06 -7.57 1.30
C ASN B 10 -2.32 -7.53 2.16
N ASP B 11 -2.19 -7.39 3.47
CA ASP B 11 -3.38 -7.34 4.34
C ASP B 11 -4.20 -6.06 4.16
N LEU B 12 -3.55 -4.96 3.76
CA LEU B 12 -4.14 -3.65 3.51
C LEU B 12 -5.25 -3.76 2.46
N GLN B 13 -5.24 -4.81 1.63
CA GLN B 13 -6.25 -5.04 0.62
C GLN B 13 -7.65 -4.92 1.24
N GLN B 14 -7.84 -5.51 2.42
CA GLN B 14 -9.09 -5.51 3.14
C GLN B 14 -9.30 -4.20 3.89
N TYR B 15 -8.31 -3.69 4.62
CA TYR B 15 -8.45 -2.44 5.37
C TYR B 15 -8.88 -1.30 4.45
N LEU B 16 -8.27 -1.17 3.26
CA LEU B 16 -8.64 -0.12 2.33
C LEU B 16 -10.10 -0.26 1.92
N ASN B 17 -10.58 -1.50 1.78
CA ASN B 17 -11.96 -1.82 1.41
C ASN B 17 -12.93 -1.24 2.45
N VAL B 18 -12.58 -1.32 3.74
CA VAL B 18 -13.41 -0.80 4.82
C VAL B 18 -13.47 0.73 4.76
N VAL B 19 -12.32 1.41 4.63
CA VAL B 19 -12.29 2.87 4.58
C VAL B 19 -13.09 3.36 3.38
N THR B 20 -12.91 2.72 2.22
CA THR B 20 -13.63 3.08 1.00
C THR B 20 -15.09 2.65 1.04
N ARG B 21 -15.46 1.91 2.08
CA ARG B 21 -16.79 1.38 2.34
C ARG B 21 -17.29 0.66 1.09
N HIS B 22 -16.42 -0.17 0.51
CA HIS B 22 -16.68 -0.96 -0.70
C HIS B 22 -17.28 -0.03 -1.77
N ARG B 23 -16.52 1.01 -2.18
CA ARG B 23 -17.00 1.97 -3.18
C ARG B 23 -15.90 2.47 -4.13
N TYR B 24 -14.80 1.73 -4.26
CA TYR B 24 -13.64 2.04 -5.09
C TYR B 24 -13.52 0.96 -6.18
N NH2 B 25 -12.56 1.09 -7.08
HN1 NH2 B 25 -11.95 1.90 -7.09
HN2 NH2 B 25 -12.44 0.37 -7.78
N GLY C 1 20.47 -6.05 -11.81
CA GLY C 1 19.08 -5.73 -11.47
C GLY C 1 18.86 -4.25 -11.73
N PRO C 2 18.22 -3.52 -10.81
CA PRO C 2 17.99 -2.10 -10.98
C PRO C 2 19.32 -1.35 -10.93
N SER C 3 19.59 -0.50 -11.93
CA SER C 3 20.82 0.28 -11.98
C SER C 3 20.71 1.50 -11.04
N GLN C 4 19.50 1.99 -10.77
CA GLN C 4 19.26 3.14 -9.89
C GLN C 4 18.27 2.72 -8.80
N PRO C 5 18.71 2.01 -7.74
CA PRO C 5 17.86 1.56 -6.66
C PRO C 5 17.56 2.68 -5.65
N THR C 6 17.01 3.77 -6.19
CA THR C 6 16.64 4.98 -5.47
C THR C 6 15.14 5.16 -5.68
N TYR C 7 14.35 4.95 -4.64
CA TYR C 7 12.90 5.08 -4.66
C TYR C 7 12.43 5.81 -3.39
N PRO C 8 11.17 6.31 -3.35
CA PRO C 8 10.62 7.00 -2.19
C PRO C 8 10.12 6.03 -1.11
N GLY C 9 10.31 4.71 -1.29
CA GLY C 9 9.89 3.65 -0.38
C GLY C 9 8.41 3.30 -0.58
N PRO D 1 -3.22 10.81 1.66
CA PRO D 1 -4.66 10.73 1.82
C PRO D 1 -5.17 9.39 1.27
N VAL D 2 -6.22 8.84 1.87
CA VAL D 2 -6.79 7.56 1.47
C VAL D 2 -7.19 7.56 -0.01
N GLU D 3 -7.76 8.68 -0.47
CA GLU D 3 -8.23 8.88 -1.83
C GLU D 3 -7.15 8.55 -2.87
N ASP D 4 -5.97 9.12 -2.72
CA ASP D 4 -4.85 8.86 -3.63
C ASP D 4 -4.20 7.53 -3.28
N LEU D 5 -4.20 7.14 -2.00
CA LEU D 5 -3.61 5.87 -1.57
C LEU D 5 -4.27 4.70 -2.28
N ILE D 6 -5.55 4.81 -2.67
CA ILE D 6 -6.30 3.79 -3.39
C ILE D 6 -5.67 3.61 -4.78
N ARG D 7 -5.44 4.72 -5.48
CA ARG D 7 -4.87 4.73 -6.83
C ARG D 7 -3.47 4.14 -6.75
N PHE D 8 -2.66 4.66 -5.83
CA PHE D 8 -1.31 4.27 -5.56
C PHE D 8 -1.26 2.77 -5.22
N TYR D 9 -2.17 2.26 -4.38
CA TYR D 9 -2.24 0.86 -3.96
C TYR D 9 -2.35 -0.08 -5.15
N ASN D 10 -3.21 0.27 -6.11
CA ASN D 10 -3.45 -0.53 -7.30
C ASN D 10 -2.19 -0.57 -8.17
N ASP D 11 -1.56 0.58 -8.42
CA ASP D 11 -0.34 0.66 -9.24
C ASP D 11 0.87 0.00 -8.57
N LEU D 12 0.93 0.16 -7.24
CA LEU D 12 1.98 -0.34 -6.36
C LEU D 12 2.14 -1.85 -6.49
N GLN D 13 1.14 -2.59 -6.97
CA GLN D 13 1.25 -4.03 -7.11
C GLN D 13 2.52 -4.44 -7.88
N GLN D 14 2.90 -3.68 -8.92
CA GLN D 14 4.10 -3.95 -9.71
C GLN D 14 5.33 -3.27 -9.12
N TYR D 15 5.19 -2.11 -8.46
CA TYR D 15 6.31 -1.39 -7.84
C TYR D 15 6.87 -2.27 -6.71
N LEU D 16 6.00 -2.89 -5.92
CA LEU D 16 6.41 -3.77 -4.83
C LEU D 16 7.19 -4.95 -5.42
N ASN D 17 6.71 -5.43 -6.58
CA ASN D 17 7.27 -6.52 -7.33
C ASN D 17 8.69 -6.20 -7.83
N VAL D 18 8.95 -4.94 -8.19
CA VAL D 18 10.24 -4.44 -8.65
C VAL D 18 11.20 -4.37 -7.46
N VAL D 19 10.82 -3.71 -6.37
CA VAL D 19 11.64 -3.55 -5.17
C VAL D 19 12.12 -4.90 -4.65
N THR D 20 11.17 -5.81 -4.40
CA THR D 20 11.45 -7.14 -3.89
C THR D 20 12.12 -8.05 -4.91
N ARG D 21 12.22 -7.58 -6.15
CA ARG D 21 12.78 -8.27 -7.30
C ARG D 21 12.12 -9.66 -7.34
N HIS D 22 10.79 -9.63 -7.22
CA HIS D 22 9.84 -10.73 -7.20
C HIS D 22 10.36 -11.89 -6.35
N ARG D 23 10.45 -11.66 -5.04
CA ARG D 23 10.93 -12.65 -4.07
C ARG D 23 10.02 -12.70 -2.83
N TYR D 24 8.79 -12.25 -3.00
CA TYR D 24 7.73 -12.15 -2.00
C TYR D 24 6.50 -12.86 -2.54
N NH2 D 25 5.51 -13.10 -1.69
HN1 NH2 D 25 5.59 -12.84 -0.72
HN2 NH2 D 25 4.69 -13.58 -2.06
N ZAB E . -2.42 4.26 6.91
CA ZAB E . -1.80 3.32 6.00
CB ZAB E . -0.28 3.37 6.07
CG2 ZAB E . 0.47 3.58 4.89
CD2 ZAB E . 1.87 3.58 4.94
CE ZAB E . 2.53 3.39 6.16
CD1 ZAB E . 1.79 3.22 7.34
CG1 ZAB E . 0.39 3.20 7.30
NG ZAB E . 2.41 3.12 8.58
NI ZAB E . 3.49 2.53 8.98
CI ZAB E . 4.41 1.75 8.32
CJ2 ZAB E . 4.13 0.39 8.08
CK2 ZAB E . 5.08 -0.40 7.42
CL ZAB E . 6.31 0.16 7.01
CK1 ZAB E . 6.60 1.52 7.26
CJ1 ZAB E . 5.63 2.31 7.92
CM ZAB E . 7.92 2.17 6.86
C ZAB E . 8.95 1.29 6.14
O ZAB E . 9.20 1.52 4.95
HN2 ZAB E . -2.64 3.92 7.84
HA2 ZAB E . -2.11 2.30 6.27
HA3 ZAB E . -2.11 3.53 4.97
HG2 ZAB E . -0.04 3.75 3.95
HD2 ZAB E . 2.44 3.74 4.03
HE ZAB E . 3.61 3.40 6.19
HG1 ZAB E . -0.16 3.06 8.21
HJ2 ZAB E . 3.19 -0.05 8.40
HK2 ZAB E . 4.88 -1.45 7.25
HL ZAB E . 7.01 -0.49 6.51
HJ1 ZAB E . 5.81 3.36 8.12
HM2 ZAB E . 7.66 3.00 6.19
HM3 ZAB E . 8.37 2.59 7.74
N ZAB F . 7.58 4.32 -0.83
CA ZAB F . 6.16 4.22 -1.05
CB ZAB F . 5.44 5.27 -0.25
CG2 ZAB F . 4.99 4.97 1.05
CD2 ZAB F . 4.23 5.90 1.77
CE ZAB F . 3.89 7.14 1.19
CD1 ZAB F . 4.40 7.47 -0.08
CG1 ZAB F . 5.17 6.53 -0.80
NG ZAB F . 4.14 8.69 -0.67
NI ZAB F . 3.05 9.35 -0.84
CI ZAB F . 1.72 9.07 -0.54
CJ2 ZAB F . 0.97 8.26 -1.42
CK2 ZAB F . -0.39 8.07 -1.16
CL ZAB F . -1.01 8.66 -0.04
CK1 ZAB F . -0.25 9.44 0.85
CJ1 ZAB F . 1.12 9.64 0.59
CM ZAB F . -0.87 10.10 2.08
C ZAB F . -2.38 9.97 2.29
O ZAB F . -2.80 9.12 3.09
HN2 ZAB F . 7.98 5.24 -0.70
HA2 ZAB F . 5.93 4.38 -2.12
HA3 ZAB F . 5.79 3.24 -0.75
HG2 ZAB F . 5.19 4.00 1.47
HD2 ZAB F . 3.82 5.65 2.74
HE ZAB F . 3.19 7.78 1.72
HG1 ZAB F . 5.51 6.78 -1.80
HJ2 ZAB F . 1.42 7.84 -2.29
HK2 ZAB F . -0.98 7.49 -1.86
HL ZAB F . -2.06 8.51 0.10
HJ1 ZAB F . 1.73 10.23 1.27
HM2 ZAB F . -0.37 9.66 2.94
HM3 ZAB F . -0.62 11.16 2.05
#